data_9RZD
#
_entry.id   9RZD
#
_cell.length_a   1.00
_cell.length_b   1.00
_cell.length_c   1.00
_cell.angle_alpha   90.00
_cell.angle_beta   90.00
_cell.angle_gamma   90.00
#
_symmetry.space_group_name_H-M   'P 1'
#
loop_
_entity.id
_entity.type
_entity.pdbx_description
1 polymer 'RNA polymerase II subunit D'
2 polymer 'DNA-directed RNA polymerase II subunit RPB7'
3 polymer 'Histone-lysine N-methyltransferase SETD2'
4 polymer 'Transcription elongation factor SPT5'
5 polymer 'Transcription elongation factor SPT6'
#
loop_
_entity_poly.entity_id
_entity_poly.type
_entity_poly.pdbx_seq_one_letter_code
_entity_poly.pdbx_strand_id
1 'polypeptide(L)'
;MAAGGSDPRAGDVEEDASQLIFPKEFETAETLLNSEVHMLLEHRKQQNESAEDEQELSEVFMKTLNYTARFSRFKNRETI
ASVRSLLLQKKLHKFELACLANLCPETAEESKALIPSLEGRFEDEELQQILDDIQTKRSFQY
;
D
2 'polypeptide(L)'
;MFYHISLEHEILLHPRYFGPNLLNTVKQKLFTEVEGTCTGKYGFVIAVTTIDNIGAGVIQPGRGFVLYPVKYKAIVFRPF
KGEVVDAVVTQVNKVGLFTEIGPMSCFISRHSIPSEMEFDPNSNPPCYKTMDEDIVIQQDDEIRLKIVGTRVDKNDIFAI
GSLMDDYLGLVS
;
G
3 'polypeptide(L)'
;SNAETSVPPGSALVGPSCVMDDFRDPQRWKECAKQGKMPCYFDLIEENVYLTERKKNKSHRDIKRMQCECTPLSKDERAQ
GEIACGEDCLNRLLMIECSSRCPNGDYCSNRRFQRKQHADVEVILTEKKGWGLRAAKDLPSNTFVLEYCGEVLDHKEFKA
RVKEYARNKNIHYYFMALKNDEIIDATQKGNCSRFMNHSCEPNCETQKWTVNGQLRVGFFTTKLVPSGSELTFDYQFQRY
GKEAQKCFCGSANCRGYLGGENRVSIRAAGGKMKKERSRKKDSVDGELEALMENGEGLSDKNQVLSLSRLMVRIETLEQK
LTCLELIQNTHSQSCLKSFLERHGLSLLWIWMAELGDGRESNQKLQEEIIKTLEHLPIPTKNMLEESKVLPIIQRWSQTK
TAVPPLSEGDGYSSENTSRAHTPLNTPDPSTKLSTEADTDTPKKLMFRRLKIISENSMDSAISDATSELEGKDGKEDLDQ
LENVPVEEEEELQSQQLLPQQLPECKVDSETNIEASKLPTSEPEADAEIELKESNGTKLEEPINEETPSQDEEEGVSDVE
SERSQEQPDKTVDISDLATKLLDSWKDLKEVYRIPKKSQTEKENTTTERGRDAVGFRDQTPAPKTPNRSRERDPDKQTQN
KEKRKRRSSLSPPSSAYERGTKRPDDRYDTPTSKKKVRIKDRNKLSTEERRKLFEQEVAQREAQKQQQQMQNLGMTSPLP
YDSLGYNAPHHPFAGYPPGYPMQAYVDPSNPNAGKVLLPTPSMDPVCSPAPYDHAQPLVGHSTEPLSAPPPVPVVPHVAA
PVEVSSSQYVAQSDGVVHQDSSVAVLPVPAPGPVQGQNYSVWDSNQQSVSVQQQYSPAQSQATIYYQGQTCPTVYGVTSP
YSQTTPPIVQSYAQPSLQYIQGQQIFTAHPQGVVVQPAAAVTTIVAPGQPQPLQPSEMVVTNNLLDLPPPSPPKPKTIVL
PPNWKTARDPEGKIYYYHVITRQTQWDPPTWESPGDDASLEHEAEMDLGTPTYDENPMKASKKPKTAEADTSSELAKKSK
EVFRKEMSQFIVQCLNPYRKPDCKVGRITTTEDFKHLARKLTHGVMNKELKYCKNPEDLECNENVKHKTKEYIKKYMQKF
GAVYKPKEDTELE
;
O
4 'polypeptide(L)'
;MSDSEDSNFSEEEDSERSSDGEEAEVDEERRSAAGSEKEEEPEDEEEEEEEEEYDEEEEEEDDDRPPKKPRHGGFILDEA
DVDDEYEDEDQWEDGAEDILEKEEIEASNIDNVVLDEDRSGARRLQNLWRDQREEELGEYYMKKYAKSSVGETVYGGSDE
LSDDITQQQLLPGVKDPNLWTVKCKIGEERATAISLMRKFIAYQFTDTPLQIKSVVAPEHVKGYIYVEAYKQTHVKQAIE
GVGNLRLGYWNQQMVPIKEMTDVLKVVKEVANLKPKSWVRLKRGIYKDDIAQVDYVEPSQNTISLKMIPRIDYDRIKARM
SLKDWFAKRKKFKRPPQRLFDAEKIRSLGGDVASDGDFLIFEGNRYSRKGFLFKSFAMSAVITEGVKPTLSELEKFEDQP
EGIDLEVVTESTGKEREHNFQPGDNVEVCEGELINLQGKILSVDGNKITIMPKHEDLKDMLEFPAQELRKYFKMGDHVKV
IAGRFEGDTGLIVRVEENFVILFSDLTMHELKVLPRDLQLCSETASGVDVGGQHEWGELVQLDPQTVGVIVRLERETFQV
LNMYGKVVTVRHQAVTRKKDNRFAVALDSEQNNIHVKDIVKVIDGPHSGREGEIRHLFRSFAFLHCKKLVENGGMFVCKT
RHLVLAGGSKPRDVTNFTVGGFAPMSPRISSPMHPSAGGQRGGFGSPGGGSGGMSRGRGRRDNELIGQTVRISQGPYKGY
IGVVKDATESTARVELHSTCQTISVDRQRLTTVGSRRPGGMTSTYGRTPMYGSQTPMYGSGSRTPMYGSQTPLQDGSRTP
HYGSQTPLHDGSRTPAQSGAWDPNNPNTPSRAEEEYEYAFDDEPTPSPQAYGGTPNPQTPGYPDPSSPQVNPQYNPQTPG
TPAMYNTDQFSPYAAPSPQGSYQPSPSPQSYHQVAPSPAGYQNTHSPASYHPTPSPMAYQASPSPSPVGYSPMTPGAPSP
GGYNPHTPGSGIEQNSSDWVTTDIQVKVRDTYLDTQVVGQTGVIRSVTGGMCSVYLKDSEKVVSISSEHLEPITPTKNNK
VKVILGEDREATGVLLSIDGEDGIVRMDLDEQLKILNLRFLGKLLEA
;
Z
5 'polypeptide(L)'
;SNAMSDFVESEAEESEEEYNDEGEVVPRVTKKFVEEEDDDEEEEEENLDDQDEQGNLKGFINDDDDEDEGEEDEGSDSGD
SEDDVGHKKRKRTSFDDRLEDDDFDLIEENLGVKVKRGQKYRRVKKMSDDEDDDEEEYGKEEHEKEAIAEEIFQDGEGEE
GQEAMEAPMAPPEEEEEDDEESDIDDFIVDDDGQPLKKPKWRKKLPGYTDAALQEAQEIFGVDFDYDEFEKYNEYDEELE
EEYEYEDDEAEGEIRVRPKKTTKKRVSRRSIFEMYEPSELESSHLTDQDNEIRATDLPERFQLRSIPVKGAEDDELEEEA
DWIYRNAFATPTISLQESCDYLDRGQPASSFSRKGPSTIQKIKEALGFMRNQHFEVPFIAFYRKEYVEPELHINDLWRVW
QWDEKWTQLRIRKENLTRLFEKMQAYQYEQISADPDKPLADGIRALDTTDMERLKDVQSMDELKDVYNHFLLYYGRDIPK
MQNAAKASRKKLKRVREEGDEEGEGDEAEDEEQRGPELKQASRRDMYTICQSAGLDGLAKKFGLTPEQFGENLRDSYQRH
ETEQFPAEPLELAKDYVCSQFPTPEAVLEGARYMVALQIAREPLVRQVLRQTFQERAKLNITPTKKGRKDVDEAHYAYSF
KYLKNKPVKELRDDQFLKICLAEDEGLLTTDISIDLKGVEGYGNDQTYFEEIKQFYYRDEFSHQVQEWNRQRTMAIERAL
QQFLYVQMAKELKNKLLAEAKEYVIKACSRKLYNWLRVAPYRPDQQVEEDDDFMDENQGKGIRVLGIAFSSARDHPVFCA
LVNGEGEVTDFLRLPHFTKRRTAWREEEREKKAQDIETLKKFLLNKKPHVVTVAGENRDAQMLIEDVKRIVHELDQGQQL
SSIGVELVDNELAILYMNSKKSEAEFRDYPPVLRQAVSLARRIQDPLIEFAQVCSSDEDILCLKFHPLQEHVVKEELLNA
LYCEFINRVNEVGVDVNRAIAHPYSQALIQYVCGLGPRKGTHLLKILKQNNTRLESRTQLVTMCHMGPKVFMNCAGFLKI
DTASLGDSTDSYIEVLDGSRVHPETYEWARKMAVDALEYDESAEDANPAGALEEILENPERLKDLDLDAFAEELERQGYG
DKHITLYDIRAELSCRYKDLRTAYRSPNTEEIFNMLTKETPETFYIGKLIICNVTGIAHRRPQGESYDQAIRNDETGLWQ
CPFCQQDNFPELSEVWNHFDSGSCPGQAIGVKTRLDNGVTGFIPTKFLSDKVVKRPEERVKVGMTVHCRIMKIDIEKFSA
DLTCRTSDLMDRNNEWKLPKDTYYDFDAEAADHKQEEDMKRKQQRTTYIKRVIAHPSFHNINFKQAEKMMETMDQGDVII
RPSSKGENHLTVTWKVSDGIYQHVDVREEGKENAFSLGATLWINSEEFEDLDEIVARYVQPMASFARDLLNHKYYQDCSG
GDRKKLEELLIKTKKEKPTFIPYFICACKELPGKFLLGYQPRGKPRIEYVTVTPEGFRYRGQIFPTVNGLFRWFKDHYQD
PVPGITPSSSSRTRTPASINATPANINLADLTRAVNALPQNMTSQMFSAIAAVTGQGQNPNATPAQWASSQYGYGGSGGG
SSAYHVFPTPAQQPVATPLMTPSYSYTTPSQPITTPQYHQLQASTTPQSAQAQPQPSSSSRQRQQQPKSNSHAAIDWGKM
AEQWLQEKEAERRKQKQRLTPRPSPSPMIESTPMSIAGDATPLLDEMDR
;
M
#
# COMPACT_ATOMS: atom_id res chain seq x y z
N GLU A 14 9.27 -25.20 28.27
CA GLU A 14 10.41 -25.85 28.97
C GLU A 14 11.74 -25.75 28.21
N GLU A 15 11.78 -25.82 26.87
CA GLU A 15 13.01 -25.67 26.07
C GLU A 15 13.47 -24.20 26.03
N ASP A 16 14.54 -23.85 26.77
CA ASP A 16 15.01 -22.48 26.97
C ASP A 16 16.53 -22.36 26.70
N ALA A 17 16.91 -21.53 25.72
CA ALA A 17 18.31 -21.24 25.38
C ALA A 17 19.02 -20.35 26.42
N SER A 18 18.31 -19.76 27.37
CA SER A 18 18.93 -18.94 28.42
C SER A 18 19.80 -19.80 29.36
N GLN A 19 19.31 -21.00 29.70
CA GLN A 19 19.98 -21.94 30.61
C GLN A 19 20.54 -23.18 29.87
N LEU A 20 20.55 -23.18 28.53
CA LEU A 20 20.93 -24.34 27.71
C LEU A 20 20.15 -25.62 28.05
N ILE A 21 18.82 -25.60 27.85
CA ILE A 21 18.05 -26.85 27.74
C ILE A 21 17.38 -26.92 26.35
N PHE A 22 17.69 -27.99 25.62
CA PHE A 22 17.34 -28.21 24.21
C PHE A 22 16.85 -29.66 23.96
N PRO A 23 16.15 -29.95 22.84
CA PRO A 23 15.66 -31.28 22.53
C PRO A 23 16.72 -32.38 22.48
N LYS A 24 16.33 -33.61 22.86
CA LYS A 24 17.21 -34.80 22.96
C LYS A 24 17.92 -35.16 21.66
N GLU A 25 17.22 -35.01 20.53
CA GLU A 25 17.73 -35.17 19.16
C GLU A 25 18.47 -33.96 18.58
N PHE A 26 18.43 -32.82 19.28
CA PHE A 26 18.96 -31.54 18.79
C PHE A 26 20.22 -31.09 19.58
N GLU A 27 20.48 -31.70 20.75
CA GLU A 27 21.72 -31.52 21.49
C GLU A 27 22.95 -32.01 20.70
N THR A 28 22.81 -33.07 19.90
CA THR A 28 23.87 -33.55 18.98
C THR A 28 24.03 -32.70 17.70
N ALA A 29 23.21 -31.67 17.45
CA ALA A 29 23.32 -30.83 16.26
C ALA A 29 24.54 -29.89 16.28
N GLU A 30 25.06 -29.46 15.13
CA GLU A 30 26.22 -28.55 15.05
C GLU A 30 25.79 -27.17 14.55
N THR A 31 26.10 -26.09 15.28
CA THR A 31 25.79 -24.70 14.88
C THR A 31 26.60 -24.18 13.70
N LEU A 32 26.10 -23.15 13.01
CA LEU A 32 26.81 -22.45 11.92
C LEU A 32 26.76 -20.92 12.06
N LEU A 33 27.76 -20.21 11.54
CA LEU A 33 27.74 -18.74 11.53
C LEU A 33 26.90 -18.18 10.38
N ASN A 34 26.43 -16.94 10.49
CA ASN A 34 25.73 -16.24 9.40
C ASN A 34 26.60 -16.18 8.13
N SER A 35 27.91 -15.93 8.26
CA SER A 35 28.80 -16.00 7.09
C SER A 35 29.01 -17.42 6.58
N GLU A 36 28.95 -18.40 7.47
CA GLU A 36 29.24 -19.78 7.14
C GLU A 36 28.08 -20.33 6.32
N VAL A 37 26.84 -20.11 6.76
CA VAL A 37 25.66 -20.37 5.93
C VAL A 37 25.59 -19.43 4.73
N HIS A 38 26.11 -18.19 4.77
CA HIS A 38 26.15 -17.34 3.58
C HIS A 38 27.00 -18.00 2.50
N MET A 39 28.12 -18.61 2.87
CA MET A 39 28.97 -19.34 1.94
C MET A 39 28.28 -20.61 1.44
N LEU A 40 27.62 -21.39 2.31
CA LEU A 40 26.92 -22.60 1.87
C LEU A 40 25.73 -22.29 0.95
N LEU A 41 24.92 -21.29 1.29
CA LEU A 41 23.77 -20.91 0.48
C LEU A 41 24.20 -20.27 -0.85
N GLU A 42 25.21 -19.39 -0.84
CA GLU A 42 25.74 -18.84 -2.08
C GLU A 42 26.33 -19.95 -2.98
N HIS A 43 27.00 -20.95 -2.39
CA HIS A 43 27.49 -22.11 -3.12
C HIS A 43 26.34 -22.93 -3.72
N ARG A 44 25.23 -23.15 -2.99
CA ARG A 44 24.05 -23.83 -3.57
C ARG A 44 23.38 -23.03 -4.67
N LYS A 45 23.24 -21.71 -4.53
CA LYS A 45 22.74 -20.85 -5.62
C LYS A 45 23.66 -20.91 -6.84
N GLN A 46 24.98 -20.94 -6.63
CA GLN A 46 25.98 -21.10 -7.68
C GLN A 46 25.85 -22.44 -8.42
N GLN A 47 25.48 -23.53 -7.74
CA GLN A 47 25.18 -24.79 -8.39
C GLN A 47 23.85 -24.78 -9.15
N ASN A 48 22.78 -24.22 -8.57
CA ASN A 48 21.43 -24.43 -9.11
C ASN A 48 21.06 -23.44 -10.24
N GLU A 49 21.55 -22.20 -10.22
CA GLU A 49 21.19 -21.24 -11.27
C GLU A 49 21.78 -21.61 -12.64
N GLN A 55 14.21 -27.06 -10.95
CA GLN A 55 13.32 -26.23 -10.15
C GLN A 55 14.08 -25.11 -9.41
N GLU A 56 13.44 -23.94 -9.31
CA GLU A 56 14.06 -22.74 -8.71
C GLU A 56 14.07 -22.84 -7.19
N LEU A 57 14.86 -21.97 -6.57
CA LEU A 57 14.99 -21.84 -5.13
C LEU A 57 13.75 -21.15 -4.55
N SER A 58 13.34 -21.52 -3.35
CA SER A 58 12.14 -20.98 -2.69
C SER A 58 12.31 -19.57 -2.13
N GLU A 59 11.21 -18.90 -1.83
CA GLU A 59 11.25 -17.59 -1.19
C GLU A 59 11.83 -17.67 0.23
N VAL A 60 11.79 -18.84 0.88
CA VAL A 60 12.53 -19.12 2.13
C VAL A 60 14.04 -19.12 1.92
N PHE A 61 14.52 -19.65 0.80
CA PHE A 61 15.92 -19.53 0.46
C PHE A 61 16.28 -18.06 0.18
N MET A 62 15.48 -17.33 -0.59
CA MET A 62 15.78 -15.92 -0.89
C MET A 62 15.84 -15.03 0.35
N LYS A 63 14.87 -15.14 1.27
CA LYS A 63 14.85 -14.36 2.51
C LYS A 63 15.89 -14.79 3.55
N THR A 64 16.51 -15.97 3.40
CA THR A 64 17.73 -16.31 4.15
C THR A 64 19.02 -15.88 3.49
N LEU A 65 19.14 -15.78 2.16
CA LEU A 65 20.29 -15.10 1.57
C LEU A 65 20.34 -13.63 2.01
N ASN A 66 19.34 -12.81 1.68
CA ASN A 66 19.48 -11.37 1.96
C ASN A 66 19.64 -11.07 3.46
N TYR A 67 18.96 -11.81 4.34
CA TYR A 67 19.22 -11.67 5.77
C TYR A 67 20.66 -12.04 6.12
N THR A 68 21.12 -13.25 5.75
CA THR A 68 22.41 -13.70 6.26
C THR A 68 23.56 -12.98 5.55
N ALA A 69 23.31 -12.32 4.41
CA ALA A 69 24.20 -11.35 3.80
C ALA A 69 24.34 -10.08 4.67
N ARG A 70 23.25 -9.36 4.96
CA ARG A 70 23.27 -8.18 5.86
C ARG A 70 24.00 -8.40 7.19
N PHE A 71 23.94 -9.61 7.74
CA PHE A 71 24.56 -9.96 9.02
C PHE A 71 25.81 -10.84 8.93
N SER A 72 26.42 -11.01 7.75
CA SER A 72 27.69 -11.74 7.61
C SER A 72 28.85 -10.81 8.01
N ARG A 73 29.24 -10.83 9.29
CA ARG A 73 30.21 -9.88 9.85
C ARG A 73 31.69 -10.13 9.52
N PHE A 74 32.12 -11.36 9.23
CA PHE A 74 33.48 -11.65 8.72
C PHE A 74 33.47 -12.83 7.76
N LYS A 75 34.31 -12.80 6.73
CA LYS A 75 34.01 -13.49 5.46
C LYS A 75 34.98 -14.62 5.05
N ASN A 76 36.18 -14.71 5.61
CA ASN A 76 37.01 -15.92 5.49
C ASN A 76 36.56 -17.02 6.50
N ARG A 77 36.47 -18.27 6.05
CA ARG A 77 36.24 -19.46 6.89
C ARG A 77 37.39 -19.83 7.82
N GLU A 78 38.64 -19.71 7.35
CA GLU A 78 39.83 -20.26 8.05
C GLU A 78 40.09 -19.57 9.40
N THR A 79 39.70 -18.31 9.48
CA THR A 79 39.78 -17.43 10.66
C THR A 79 38.80 -17.81 11.79
N ILE A 80 37.83 -18.68 11.51
CA ILE A 80 36.89 -19.25 12.50
C ILE A 80 37.58 -20.33 13.35
N ALA A 81 38.40 -21.18 12.74
CA ALA A 81 38.93 -22.37 13.39
C ALA A 81 39.81 -22.10 14.63
N SER A 82 40.47 -20.94 14.71
CA SER A 82 41.21 -20.55 15.92
C SER A 82 40.27 -20.24 17.09
N VAL A 83 39.25 -19.39 16.88
CA VAL A 83 38.24 -19.13 17.92
C VAL A 83 37.38 -20.35 18.27
N ARG A 84 37.27 -21.34 17.38
CA ARG A 84 36.59 -22.61 17.65
C ARG A 84 37.45 -23.53 18.51
N SER A 85 38.71 -23.73 18.14
CA SER A 85 39.65 -24.57 18.91
C SER A 85 39.96 -24.00 20.29
N LEU A 86 40.13 -22.67 20.45
CA LEU A 86 40.38 -22.13 21.79
C LEU A 86 39.10 -22.18 22.66
N LEU A 87 37.90 -22.17 22.09
CA LEU A 87 36.68 -22.07 22.88
C LEU A 87 36.32 -23.44 23.46
N LEU A 88 36.49 -24.52 22.70
CA LEU A 88 36.46 -25.87 23.27
C LEU A 88 37.66 -26.19 24.20
N GLN A 89 38.78 -25.46 24.12
CA GLN A 89 39.81 -25.44 25.18
C GLN A 89 39.38 -24.64 26.43
N LYS A 90 38.42 -23.71 26.30
CA LYS A 90 37.67 -23.11 27.41
C LYS A 90 36.46 -24.01 27.77
N LYS A 91 35.50 -23.49 28.54
CA LYS A 91 34.31 -24.24 28.96
C LYS A 91 32.97 -23.74 28.38
N LEU A 92 32.95 -23.15 27.18
CA LEU A 92 31.72 -22.73 26.49
C LEU A 92 31.16 -23.82 25.57
N HIS A 93 29.85 -23.78 25.33
CA HIS A 93 29.13 -24.70 24.44
C HIS A 93 29.23 -24.27 22.96
N LYS A 94 28.94 -25.18 22.05
CA LYS A 94 28.76 -24.90 20.61
C LYS A 94 27.58 -23.99 20.27
N PHE A 95 26.63 -23.77 21.17
CA PHE A 95 25.60 -22.74 21.01
C PHE A 95 26.26 -21.33 21.03
N GLU A 96 27.13 -21.04 22.01
CA GLU A 96 27.79 -19.73 22.11
C GLU A 96 28.79 -19.53 20.98
N LEU A 97 29.36 -20.60 20.43
CA LEU A 97 30.41 -20.52 19.43
C LEU A 97 29.97 -19.84 18.14
N ALA A 98 28.68 -19.90 17.82
CA ALA A 98 28.13 -19.24 16.64
C ALA A 98 27.42 -17.93 16.98
N CYS A 99 26.60 -17.84 18.05
CA CYS A 99 25.95 -16.55 18.31
C CYS A 99 26.96 -15.45 18.71
N LEU A 100 28.08 -15.76 19.39
CA LEU A 100 29.11 -14.74 19.67
C LEU A 100 29.96 -14.38 18.44
N ALA A 101 29.75 -15.06 17.31
CA ALA A 101 30.30 -14.72 16.02
C ALA A 101 29.23 -14.16 15.05
N ASN A 102 27.96 -14.22 15.41
CA ASN A 102 26.87 -13.54 14.71
C ASN A 102 26.63 -12.15 15.32
N LEU A 103 26.62 -12.03 16.65
CA LEU A 103 26.43 -10.76 17.34
C LEU A 103 27.62 -9.78 17.20
N CYS A 104 28.85 -10.31 17.20
CA CYS A 104 30.11 -9.56 17.32
C CYS A 104 30.12 -8.54 18.48
N PRO A 105 29.93 -8.95 19.75
CA PRO A 105 29.82 -8.05 20.88
C PRO A 105 31.14 -7.31 21.18
N GLU A 106 31.06 -6.15 21.82
CA GLU A 106 32.21 -5.31 22.13
C GLU A 106 32.92 -5.78 23.41
N THR A 107 32.17 -5.80 24.51
CA THR A 107 32.67 -6.04 25.86
C THR A 107 32.20 -7.38 26.44
N ALA A 108 32.97 -7.97 27.35
CA ALA A 108 32.55 -9.18 28.04
C ALA A 108 31.24 -8.98 28.82
N GLU A 109 30.97 -7.77 29.33
CA GLU A 109 29.72 -7.45 30.02
C GLU A 109 28.51 -7.48 29.05
N GLU A 110 28.70 -7.07 27.79
CA GLU A 110 27.73 -7.29 26.72
C GLU A 110 27.57 -8.78 26.40
N SER A 111 28.64 -9.57 26.32
CA SER A 111 28.46 -11.01 26.02
C SER A 111 27.66 -11.72 27.12
N LYS A 112 27.87 -11.41 28.41
CA LYS A 112 27.04 -11.94 29.50
C LYS A 112 25.61 -11.39 29.51
N ALA A 113 25.40 -10.18 29.00
CA ALA A 113 24.08 -9.57 28.92
C ALA A 113 23.25 -10.13 27.77
N LEU A 114 23.90 -10.40 26.63
CA LEU A 114 23.28 -11.04 25.48
C LEU A 114 23.04 -12.54 25.76
N ILE A 115 24.07 -13.29 26.18
CA ILE A 115 23.92 -14.69 26.57
C ILE A 115 24.00 -14.79 28.10
N PRO A 116 22.89 -15.09 28.80
CA PRO A 116 22.85 -15.21 30.25
C PRO A 116 23.56 -16.48 30.77
N SER A 117 23.84 -17.44 29.91
CA SER A 117 24.65 -18.63 30.22
C SER A 117 26.12 -18.30 30.56
N LEU A 118 26.62 -17.14 30.16
CA LEU A 118 27.98 -16.70 30.47
C LEU A 118 28.12 -16.06 31.85
N GLU A 119 27.02 -15.76 32.55
CA GLU A 119 27.06 -15.15 33.89
C GLU A 119 27.66 -16.14 34.89
N GLY A 120 28.79 -15.76 35.51
CA GLY A 120 29.57 -16.63 36.39
C GLY A 120 30.40 -17.72 35.68
N ARG A 121 30.28 -17.88 34.35
CA ARG A 121 30.95 -18.99 33.62
C ARG A 121 32.45 -18.71 33.47
N PHE A 122 32.80 -17.44 33.28
CA PHE A 122 34.16 -16.89 33.23
C PHE A 122 34.25 -15.53 33.95
N GLU A 123 35.47 -15.09 34.26
CA GLU A 123 35.76 -13.71 34.65
C GLU A 123 35.93 -12.80 33.42
N ASP A 124 35.58 -11.52 33.57
CA ASP A 124 35.43 -10.57 32.46
C ASP A 124 36.72 -10.38 31.66
N GLU A 125 37.87 -10.21 32.31
CA GLU A 125 39.14 -9.90 31.65
C GLU A 125 39.70 -11.09 30.84
N GLU A 126 39.47 -12.32 31.29
CA GLU A 126 39.76 -13.51 30.47
C GLU A 126 38.78 -13.62 29.28
N LEU A 127 37.48 -13.39 29.49
CA LEU A 127 36.47 -13.43 28.44
C LEU A 127 36.66 -12.34 27.36
N GLN A 128 37.05 -11.12 27.78
CA GLN A 128 37.28 -9.97 26.90
C GLN A 128 38.36 -10.27 25.85
N GLN A 129 39.37 -11.07 26.19
CA GLN A 129 40.48 -11.38 25.30
C GLN A 129 39.99 -12.11 24.05
N ILE A 130 39.07 -13.08 24.20
CA ILE A 130 38.42 -13.76 23.07
C ILE A 130 37.62 -12.79 22.20
N LEU A 131 36.88 -11.85 22.81
CA LEU A 131 36.10 -10.87 22.06
C LEU A 131 37.01 -9.97 21.23
N ASP A 132 38.14 -9.55 21.77
CA ASP A 132 39.13 -8.77 21.01
C ASP A 132 39.77 -9.59 19.87
N ASP A 133 40.05 -10.88 20.11
CA ASP A 133 40.48 -11.81 19.05
C ASP A 133 39.46 -11.97 17.90
N ILE A 134 38.16 -11.88 18.14
CA ILE A 134 37.13 -12.03 17.09
C ILE A 134 37.04 -10.77 16.22
N GLN A 135 37.03 -9.57 16.81
CA GLN A 135 36.86 -8.32 16.06
C GLN A 135 37.93 -8.12 14.97
N THR A 136 39.14 -8.65 15.17
CA THR A 136 40.27 -8.46 14.23
C THR A 136 39.99 -9.01 12.83
N LYS A 137 39.12 -10.01 12.69
CA LYS A 137 38.88 -10.69 11.40
C LYS A 137 37.95 -9.94 10.43
N ARG A 138 37.24 -8.92 10.92
CA ARG A 138 36.24 -8.09 10.21
C ARG A 138 36.85 -7.25 9.09
N SER A 139 36.21 -7.16 7.92
CA SER A 139 36.78 -6.48 6.74
C SER A 139 36.40 -4.99 6.67
N MET B 1 18.73 -19.99 16.02
CA MET B 1 20.06 -20.06 15.35
C MET B 1 20.08 -21.05 14.20
N PHE B 2 20.96 -20.83 13.22
CA PHE B 2 21.28 -21.75 12.14
C PHE B 2 22.10 -22.95 12.65
N TYR B 3 21.70 -24.16 12.24
CA TYR B 3 22.39 -25.41 12.53
C TYR B 3 22.62 -26.20 11.25
N HIS B 4 23.44 -27.24 11.36
CA HIS B 4 23.83 -28.20 10.35
C HIS B 4 23.65 -29.59 10.93
N ILE B 5 22.73 -30.38 10.37
CA ILE B 5 22.34 -31.67 10.94
C ILE B 5 22.17 -32.72 9.86
N SER B 6 22.37 -33.98 10.25
CA SER B 6 21.99 -35.11 9.42
C SER B 6 20.61 -35.55 9.87
N LEU B 7 19.66 -35.34 8.99
CA LEU B 7 18.30 -35.80 9.13
C LEU B 7 18.15 -37.10 8.35
N GLU B 8 17.04 -37.79 8.55
CA GLU B 8 16.63 -38.88 7.67
C GLU B 8 15.23 -38.63 7.16
N HIS B 9 14.94 -39.11 5.97
CA HIS B 9 13.62 -39.03 5.36
C HIS B 9 13.43 -40.27 4.50
N GLU B 10 12.21 -40.73 4.33
CA GLU B 10 11.91 -41.82 3.42
C GLU B 10 10.90 -41.33 2.38
N ILE B 11 11.24 -41.46 1.09
CA ILE B 11 10.37 -40.97 0.01
C ILE B 11 9.98 -42.14 -0.89
N LEU B 12 8.78 -42.07 -1.46
CA LEU B 12 8.28 -43.10 -2.36
C LEU B 12 8.46 -42.64 -3.81
N LEU B 13 8.90 -43.56 -4.66
CA LEU B 13 9.26 -43.35 -6.05
C LEU B 13 8.54 -44.36 -6.97
N HIS B 14 7.87 -43.89 -8.01
CA HIS B 14 7.19 -44.78 -8.96
C HIS B 14 8.19 -45.36 -9.98
N PRO B 15 8.05 -46.62 -10.43
CA PRO B 15 9.00 -47.25 -11.36
C PRO B 15 9.33 -46.52 -12.67
N ARG B 16 8.56 -45.51 -13.08
CA ARG B 16 8.86 -44.72 -14.29
C ARG B 16 10.16 -43.91 -14.16
N TYR B 17 10.67 -43.77 -12.94
CA TYR B 17 11.91 -43.08 -12.62
C TYR B 17 13.10 -44.05 -12.43
N PHE B 18 12.96 -45.33 -12.78
CA PHE B 18 14.07 -46.29 -12.72
C PHE B 18 15.09 -46.09 -13.87
N GLY B 19 16.02 -47.02 -14.03
CA GLY B 19 17.16 -46.91 -14.96
C GLY B 19 18.42 -46.31 -14.32
N PRO B 20 19.42 -45.94 -15.12
CA PRO B 20 20.74 -45.51 -14.62
C PRO B 20 20.67 -44.22 -13.79
N ASN B 21 19.80 -43.30 -14.17
CA ASN B 21 19.57 -42.02 -13.47
C ASN B 21 18.49 -42.10 -12.36
N LEU B 22 18.38 -43.24 -11.67
CA LEU B 22 17.45 -43.43 -10.55
C LEU B 22 17.91 -42.68 -9.30
N LEU B 23 19.12 -42.97 -8.82
CA LEU B 23 19.65 -42.34 -7.61
C LEU B 23 19.78 -40.82 -7.79
N ASN B 24 20.09 -40.36 -9.01
CA ASN B 24 20.11 -38.94 -9.33
C ASN B 24 18.68 -38.33 -9.29
N THR B 25 17.66 -39.06 -9.73
CA THR B 25 16.27 -38.59 -9.63
C THR B 25 15.78 -38.58 -8.18
N VAL B 26 16.24 -39.50 -7.32
CA VAL B 26 16.01 -39.40 -5.87
C VAL B 26 16.62 -38.11 -5.29
N LYS B 27 17.82 -37.69 -5.70
CA LYS B 27 18.39 -36.40 -5.29
C LYS B 27 17.52 -35.21 -5.73
N GLN B 28 17.13 -35.16 -7.00
CA GLN B 28 16.21 -34.13 -7.50
C GLN B 28 14.87 -34.11 -6.74
N LYS B 29 14.23 -35.26 -6.54
CA LYS B 29 12.95 -35.35 -5.82
C LYS B 29 13.07 -35.05 -4.32
N LEU B 30 14.25 -35.17 -3.72
CA LEU B 30 14.49 -34.75 -2.35
C LEU B 30 14.74 -33.23 -2.25
N PHE B 31 15.44 -32.66 -3.23
CA PHE B 31 15.73 -31.23 -3.28
C PHE B 31 14.49 -30.35 -3.34
N THR B 32 13.32 -30.83 -3.79
CA THR B 32 12.06 -30.07 -3.72
C THR B 32 11.03 -30.70 -2.77
N GLU B 33 11.54 -31.37 -1.73
CA GLU B 33 10.76 -32.05 -0.69
C GLU B 33 11.23 -31.62 0.70
N VAL B 34 12.54 -31.40 0.89
CA VAL B 34 13.12 -30.96 2.17
C VAL B 34 13.75 -29.55 2.14
N GLU B 35 13.54 -28.73 1.11
CA GLU B 35 13.92 -27.30 1.16
C GLU B 35 12.71 -26.44 1.52
N GLY B 36 12.89 -25.43 2.36
CA GLY B 36 11.87 -24.46 2.77
C GLY B 36 10.64 -25.06 3.47
N THR B 37 10.73 -26.30 3.93
CA THR B 37 9.70 -26.93 4.75
C THR B 37 10.07 -26.76 6.23
N CYS B 38 9.21 -27.15 7.17
CA CYS B 38 9.43 -26.86 8.57
C CYS B 38 8.79 -27.90 9.48
N THR B 39 9.30 -28.01 10.71
CA THR B 39 8.70 -28.75 11.81
C THR B 39 8.92 -27.98 13.11
N GLY B 40 8.09 -28.21 14.11
CA GLY B 40 8.30 -27.63 15.45
C GLY B 40 9.39 -28.35 16.25
N LYS B 41 10.08 -29.31 15.63
CA LYS B 41 11.04 -30.21 16.26
C LYS B 41 12.47 -29.90 15.83
N TYR B 42 12.73 -29.93 14.52
CA TYR B 42 14.05 -29.58 13.98
C TYR B 42 14.15 -28.10 13.58
N GLY B 43 13.03 -27.40 13.41
CA GLY B 43 12.97 -26.01 12.95
C GLY B 43 12.78 -25.86 11.45
N PHE B 44 13.09 -24.68 10.94
CA PHE B 44 12.78 -24.27 9.57
C PHE B 44 13.91 -24.87 8.70
N VAL B 45 13.71 -25.76 7.74
CA VAL B 45 14.88 -26.30 7.01
C VAL B 45 15.14 -25.48 5.75
N ILE B 46 16.34 -24.92 5.70
CA ILE B 46 16.75 -23.92 4.70
C ILE B 46 17.12 -24.61 3.40
N ALA B 47 18.13 -25.47 3.45
CA ALA B 47 18.69 -26.13 2.29
C ALA B 47 19.45 -27.39 2.68
N VAL B 48 19.69 -28.25 1.69
CA VAL B 48 20.46 -29.47 1.84
C VAL B 48 21.85 -29.27 1.27
N THR B 49 22.88 -29.61 2.06
CA THR B 49 24.29 -29.41 1.72
C THR B 49 24.85 -30.66 1.03
N THR B 50 24.71 -31.83 1.64
CA THR B 50 25.14 -33.12 1.08
C THR B 50 24.17 -34.25 1.46
N ILE B 51 24.29 -35.41 0.83
CA ILE B 51 23.52 -36.61 1.16
C ILE B 51 24.47 -37.65 1.75
N ASP B 52 24.20 -38.10 2.97
CA ASP B 52 25.00 -39.10 3.65
C ASP B 52 24.90 -40.48 2.98
N ASN B 53 23.71 -41.09 2.94
CA ASN B 53 23.50 -42.32 2.18
C ASN B 53 22.06 -42.46 1.66
N ILE B 54 21.90 -43.27 0.61
CA ILE B 54 20.62 -43.79 0.13
C ILE B 54 20.58 -45.27 0.51
N GLY B 55 19.60 -45.70 1.30
CA GLY B 55 19.51 -47.11 1.69
C GLY B 55 19.06 -48.00 0.53
N ALA B 56 18.96 -49.31 0.77
CA ALA B 56 18.40 -50.21 -0.22
C ALA B 56 16.89 -49.97 -0.29
N GLY B 57 16.35 -49.80 -1.49
CA GLY B 57 14.96 -49.38 -1.65
C GLY B 57 14.01 -50.57 -1.60
N VAL B 58 13.11 -50.61 -0.62
CA VAL B 58 12.28 -51.79 -0.35
C VAL B 58 11.00 -51.69 -1.16
N ILE B 59 10.77 -52.65 -2.05
CA ILE B 59 9.62 -52.60 -2.96
C ILE B 59 8.35 -52.88 -2.16
N GLN B 60 7.35 -52.01 -2.28
CA GLN B 60 6.10 -52.15 -1.56
C GLN B 60 5.28 -53.34 -2.11
N PRO B 61 4.89 -54.33 -1.29
CA PRO B 61 4.02 -55.39 -1.77
C PRO B 61 2.61 -54.84 -2.04
N GLY B 62 2.07 -55.11 -3.21
CA GLY B 62 0.67 -54.77 -3.56
C GLY B 62 0.55 -53.59 -4.53
N ARG B 63 1.48 -52.63 -4.45
CA ARG B 63 1.58 -51.46 -5.36
C ARG B 63 2.95 -51.38 -6.03
N GLY B 64 3.14 -50.46 -6.98
CA GLY B 64 4.37 -50.44 -7.79
C GLY B 64 5.52 -49.65 -7.17
N PHE B 65 5.23 -48.81 -6.17
CA PHE B 65 6.17 -47.91 -5.53
C PHE B 65 7.31 -48.62 -4.81
N VAL B 66 8.43 -47.92 -4.67
CA VAL B 66 9.55 -48.33 -3.83
C VAL B 66 9.92 -47.12 -2.99
N LEU B 67 10.17 -47.34 -1.70
CA LEU B 67 10.60 -46.26 -0.83
C LEU B 67 12.11 -46.29 -0.68
N TYR B 68 12.70 -45.12 -0.47
CA TYR B 68 14.14 -44.97 -0.32
C TYR B 68 14.37 -44.18 0.96
N PRO B 69 14.82 -44.85 2.04
CA PRO B 69 15.26 -44.18 3.23
C PRO B 69 16.59 -43.50 2.92
N VAL B 70 16.59 -42.18 2.87
CA VAL B 70 17.76 -41.34 2.65
C VAL B 70 18.15 -40.65 3.94
N LYS B 71 19.44 -40.65 4.26
CA LYS B 71 20.01 -39.78 5.28
C LYS B 71 20.69 -38.61 4.59
N TYR B 72 20.35 -37.39 4.97
CA TYR B 72 20.89 -36.21 4.30
C TYR B 72 21.30 -35.15 5.31
N LYS B 73 22.19 -34.26 4.87
CA LYS B 73 22.90 -33.29 5.68
C LYS B 73 22.35 -31.92 5.30
N ALA B 74 21.59 -31.27 6.16
CA ALA B 74 20.88 -30.04 5.83
C ALA B 74 21.13 -28.96 6.85
N ILE B 75 20.95 -27.71 6.43
CA ILE B 75 21.06 -26.57 7.32
C ILE B 75 19.68 -26.03 7.62
N VAL B 76 19.43 -25.93 8.92
CA VAL B 76 18.12 -25.68 9.51
C VAL B 76 18.20 -24.44 10.40
N PHE B 77 17.12 -23.71 10.60
CA PHE B 77 17.09 -22.55 11.48
C PHE B 77 16.06 -22.82 12.58
N ARG B 78 16.47 -22.98 13.84
CA ARG B 78 15.53 -23.09 14.97
C ARG B 78 15.75 -21.99 16.00
N PRO B 79 14.79 -21.06 16.16
CA PRO B 79 14.79 -20.09 17.25
C PRO B 79 14.32 -20.76 18.55
N PHE B 80 14.91 -20.37 19.67
CA PHE B 80 14.50 -20.82 21.00
C PHE B 80 14.08 -19.63 21.85
N LYS B 81 13.19 -19.85 22.82
CA LYS B 81 13.00 -18.83 23.88
C LYS B 81 14.35 -18.59 24.52
N GLY B 82 14.69 -17.33 24.76
CA GLY B 82 15.97 -16.95 25.35
C GLY B 82 17.10 -16.66 24.36
N GLU B 83 16.96 -16.90 23.05
CA GLU B 83 18.01 -16.44 22.13
C GLU B 83 17.92 -14.93 21.96
N VAL B 84 19.08 -14.32 21.74
CA VAL B 84 19.25 -12.93 21.30
C VAL B 84 19.79 -12.91 19.89
N VAL B 85 19.03 -12.37 18.96
CA VAL B 85 19.31 -12.40 17.54
C VAL B 85 19.10 -11.04 16.92
N ASP B 86 19.61 -10.85 15.72
CA ASP B 86 19.34 -9.69 14.88
C ASP B 86 18.20 -9.93 13.90
N ALA B 87 17.60 -8.85 13.42
CA ALA B 87 16.40 -8.89 12.60
C ALA B 87 16.33 -7.63 11.74
N VAL B 88 15.51 -7.63 10.70
CA VAL B 88 15.25 -6.44 9.90
C VAL B 88 13.79 -6.03 10.01
N VAL B 89 13.53 -4.77 10.32
CA VAL B 89 12.16 -4.32 10.56
C VAL B 89 11.43 -4.16 9.25
N THR B 90 10.28 -4.80 9.11
CA THR B 90 9.53 -4.82 7.85
C THR B 90 8.34 -3.86 7.86
N GLN B 91 7.65 -3.73 8.98
CA GLN B 91 6.58 -2.75 9.14
C GLN B 91 6.40 -2.39 10.61
N VAL B 92 6.15 -1.12 10.89
CA VAL B 92 5.98 -0.57 12.22
C VAL B 92 4.54 -0.07 12.35
N ASN B 93 3.83 -0.51 13.38
CA ASN B 93 2.40 -0.22 13.56
C ASN B 93 2.09 0.21 15.00
N LYS B 94 0.95 0.86 15.21
CA LYS B 94 0.54 1.32 16.55
C LYS B 94 0.35 0.20 17.58
N VAL B 95 0.16 -1.04 17.13
CA VAL B 95 0.09 -2.26 17.96
C VAL B 95 1.47 -2.80 18.39
N GLY B 96 2.52 -2.54 17.62
CA GLY B 96 3.82 -3.16 17.81
C GLY B 96 4.67 -3.08 16.55
N LEU B 97 5.89 -3.57 16.66
CA LEU B 97 6.90 -3.54 15.61
C LEU B 97 7.05 -4.92 14.97
N PHE B 98 6.96 -5.03 13.64
CA PHE B 98 7.00 -6.33 12.95
C PHE B 98 8.26 -6.49 12.11
N THR B 99 9.02 -7.52 12.44
CA THR B 99 10.42 -7.68 12.02
C THR B 99 10.68 -9.07 11.44
N GLU B 100 11.90 -9.39 11.03
CA GLU B 100 12.16 -10.58 10.21
C GLU B 100 13.56 -11.14 10.43
N ILE B 101 13.66 -12.35 10.96
CA ILE B 101 14.90 -13.10 11.15
C ILE B 101 15.04 -14.18 10.10
N GLY B 102 15.77 -13.94 9.02
CA GLY B 102 16.07 -15.00 8.06
C GLY B 102 14.79 -15.57 7.45
N PRO B 103 14.44 -16.85 7.69
CA PRO B 103 13.27 -17.42 7.03
C PRO B 103 11.95 -16.96 7.65
N MET B 104 11.99 -16.23 8.76
CA MET B 104 10.91 -16.17 9.72
C MET B 104 10.53 -14.73 10.07
N SER B 105 9.25 -14.45 10.23
CA SER B 105 8.81 -13.15 10.73
C SER B 105 8.58 -13.17 12.24
N CYS B 106 8.71 -12.02 12.85
CA CYS B 106 8.47 -11.74 14.25
C CYS B 106 7.61 -10.51 14.44
N PHE B 107 7.15 -10.36 15.67
CA PHE B 107 6.41 -9.24 16.17
C PHE B 107 6.88 -8.95 17.59
N ILE B 108 6.91 -7.67 17.94
CA ILE B 108 7.21 -7.18 19.29
C ILE B 108 6.10 -6.20 19.64
N SER B 109 5.32 -6.44 20.68
CA SER B 109 4.23 -5.50 21.02
C SER B 109 4.83 -4.19 21.52
N ARG B 110 4.05 -3.11 21.44
CA ARG B 110 4.42 -1.85 22.10
C ARG B 110 4.65 -2.03 23.60
N HIS B 111 4.07 -3.06 24.22
CA HIS B 111 4.26 -3.34 25.66
C HIS B 111 5.67 -3.82 26.02
N SER B 112 6.28 -4.62 25.14
CA SER B 112 7.62 -5.20 25.26
C SER B 112 8.79 -4.30 24.80
N ILE B 113 8.50 -3.08 24.36
CA ILE B 113 9.44 -2.04 23.89
C ILE B 113 9.64 -0.99 24.99
N PRO B 114 10.85 -0.43 25.21
CA PRO B 114 11.09 0.53 26.29
C PRO B 114 10.11 1.71 26.30
N SER B 115 9.89 2.31 27.46
CA SER B 115 8.73 3.19 27.69
C SER B 115 8.81 4.52 26.94
N GLU B 116 10.00 4.94 26.52
CA GLU B 116 10.29 6.16 25.77
C GLU B 116 9.78 6.17 24.33
N MET B 117 9.75 5.02 23.65
CA MET B 117 9.38 4.89 22.24
C MET B 117 7.89 5.21 21.97
N GLU B 118 7.56 6.42 21.55
CA GLU B 118 6.24 6.75 20.99
C GLU B 118 6.16 6.45 19.48
N PHE B 119 4.99 6.53 18.87
CA PHE B 119 4.79 6.25 17.45
C PHE B 119 5.11 7.45 16.52
N ASP B 120 5.31 7.17 15.23
CA ASP B 120 5.38 8.11 14.10
C ASP B 120 4.52 7.55 12.95
N PRO B 121 3.18 7.55 13.09
CA PRO B 121 2.29 6.89 12.13
C PRO B 121 2.07 7.72 10.86
N ASN B 122 2.35 9.01 10.97
CA ASN B 122 2.15 10.07 9.98
C ASN B 122 3.22 10.17 8.87
N SER B 123 4.51 9.92 9.16
CA SER B 123 5.62 10.13 8.21
C SER B 123 5.81 9.06 7.13
N ASN B 124 6.46 9.43 6.02
CA ASN B 124 6.77 8.54 4.90
C ASN B 124 7.50 7.25 5.31
N PRO B 125 8.54 7.31 6.16
CA PRO B 125 8.97 6.16 6.96
C PRO B 125 8.13 6.13 8.24
N PRO B 126 7.36 5.08 8.52
CA PRO B 126 6.75 4.88 9.83
C PRO B 126 7.85 4.53 10.82
N CYS B 127 7.94 5.24 11.94
CA CYS B 127 9.00 5.06 12.94
C CYS B 127 8.44 4.93 14.35
N TYR B 128 9.28 4.60 15.33
CA TYR B 128 8.99 4.84 16.75
C TYR B 128 10.09 5.69 17.38
N LYS B 129 10.09 7.02 17.24
CA LYS B 129 11.09 7.85 17.91
C LYS B 129 10.88 7.90 19.44
N THR B 130 11.77 8.55 20.17
CA THR B 130 11.50 8.94 21.56
C THR B 130 11.10 10.41 21.65
N MET B 131 10.79 10.94 22.84
CA MET B 131 10.33 12.32 22.99
C MET B 131 11.39 13.33 22.51
N ASP B 132 12.65 12.92 22.44
CA ASP B 132 13.81 13.74 22.07
C ASP B 132 14.20 13.56 20.58
N GLU B 133 13.46 12.75 19.81
CA GLU B 133 13.82 12.30 18.46
C GLU B 133 15.19 11.64 18.37
N ASP B 134 15.52 10.80 19.35
CA ASP B 134 16.87 10.31 19.59
C ASP B 134 17.16 8.97 18.93
N ILE B 135 16.52 7.87 19.36
CA ILE B 135 16.65 6.56 18.72
C ILE B 135 15.44 6.38 17.81
N VAL B 136 15.62 6.67 16.52
CA VAL B 136 14.55 6.54 15.54
C VAL B 136 14.73 5.23 14.81
N ILE B 137 13.70 4.40 14.90
CA ILE B 137 13.63 3.01 14.46
C ILE B 137 12.55 2.88 13.39
N GLN B 138 12.93 2.63 12.15
CA GLN B 138 12.00 2.65 11.00
C GLN B 138 12.02 1.33 10.21
N GLN B 139 11.41 1.28 9.04
CA GLN B 139 11.51 0.11 8.14
C GLN B 139 12.95 -0.12 7.64
N ASP B 140 13.23 -1.34 7.17
CA ASP B 140 14.51 -1.79 6.60
C ASP B 140 15.71 -1.58 7.55
N ASP B 141 15.51 -1.89 8.82
CA ASP B 141 16.36 -1.42 9.92
C ASP B 141 16.82 -2.57 10.84
N GLU B 142 18.11 -2.60 11.13
CA GLU B 142 18.82 -3.71 11.76
C GLU B 142 18.70 -3.77 13.27
N ILE B 143 17.70 -4.46 13.79
CA ILE B 143 17.36 -4.46 15.21
C ILE B 143 17.83 -5.76 15.84
N ARG B 144 18.62 -5.72 16.92
CA ARG B 144 18.73 -6.90 17.79
C ARG B 144 17.51 -7.00 18.68
N LEU B 145 17.14 -8.21 19.09
CA LEU B 145 15.99 -8.53 19.92
C LEU B 145 16.16 -9.88 20.59
N LYS B 146 15.26 -10.24 21.49
CA LYS B 146 15.33 -11.51 22.22
C LYS B 146 14.04 -12.28 22.00
N ILE B 147 14.10 -13.52 21.51
CA ILE B 147 12.88 -14.31 21.32
C ILE B 147 12.34 -14.71 22.68
N VAL B 148 11.08 -14.38 22.96
CA VAL B 148 10.40 -14.81 24.18
C VAL B 148 9.37 -15.91 23.95
N GLY B 149 9.08 -16.30 22.71
CA GLY B 149 8.08 -17.31 22.41
C GLY B 149 8.06 -17.75 20.95
N THR B 150 7.74 -19.01 20.71
CA THR B 150 7.65 -19.62 19.38
C THR B 150 6.21 -20.06 19.03
N ARG B 151 5.93 -20.33 17.75
CA ARG B 151 4.63 -20.73 17.19
C ARG B 151 4.83 -21.49 15.89
N VAL B 152 4.08 -22.58 15.67
CA VAL B 152 4.03 -23.32 14.39
C VAL B 152 2.68 -23.17 13.66
N ASP B 153 2.70 -22.79 12.39
CA ASP B 153 1.57 -22.72 11.44
C ASP B 153 1.86 -23.48 10.14
N LYS B 154 1.46 -24.74 10.02
CA LYS B 154 1.45 -25.47 8.74
C LYS B 154 2.78 -25.39 7.98
N ASN B 155 3.86 -25.85 8.62
CA ASN B 155 5.21 -25.75 8.08
C ASN B 155 5.76 -24.32 7.91
N ASP B 156 5.40 -23.39 8.81
CA ASP B 156 6.02 -22.06 8.97
C ASP B 156 6.05 -21.72 10.47
N ILE B 157 7.21 -21.38 11.05
CA ILE B 157 7.29 -20.82 12.41
C ILE B 157 7.12 -19.30 12.42
N PHE B 158 6.65 -18.73 13.53
CA PHE B 158 6.36 -17.29 13.67
C PHE B 158 6.63 -16.81 15.11
N ALA B 159 7.85 -16.41 15.43
CA ALA B 159 8.22 -16.12 16.81
C ALA B 159 7.73 -14.74 17.29
N ILE B 160 7.99 -14.43 18.55
CA ILE B 160 7.67 -13.17 19.21
C ILE B 160 8.90 -12.66 19.97
N GLY B 161 9.25 -11.39 19.77
CA GLY B 161 10.44 -10.80 20.40
C GLY B 161 10.13 -9.92 21.62
N SER B 162 11.17 -9.40 22.25
CA SER B 162 11.12 -8.38 23.29
C SER B 162 12.40 -7.57 23.32
N LEU B 163 12.33 -6.35 23.88
CA LEU B 163 13.34 -5.34 23.60
C LEU B 163 13.66 -4.45 24.83
N MET B 164 13.17 -4.80 26.03
CA MET B 164 13.51 -4.08 27.29
C MET B 164 14.82 -4.57 27.96
N ASP B 165 15.28 -5.76 27.62
CA ASP B 165 16.52 -6.38 28.15
C ASP B 165 17.77 -5.67 27.56
N ASP B 166 18.89 -5.60 28.28
CA ASP B 166 20.04 -4.72 27.91
C ASP B 166 20.77 -5.06 26.60
N TYR B 167 21.42 -4.07 25.99
CA TYR B 167 22.13 -4.14 24.69
C TYR B 167 21.29 -4.65 23.49
N LEU B 168 19.99 -4.38 23.49
CA LEU B 168 19.04 -4.82 22.47
C LEU B 168 18.29 -3.61 21.89
N GLY B 169 18.68 -3.16 20.71
CA GLY B 169 17.86 -2.22 19.96
C GLY B 169 18.40 -2.01 18.56
N LEU B 170 18.38 -0.76 18.12
CA LEU B 170 18.95 -0.27 16.86
C LEU B 170 20.46 -0.54 16.73
N VAL B 171 20.95 -0.71 15.49
CA VAL B 171 22.36 -1.00 15.18
C VAL B 171 23.31 0.16 15.53
N VAL C 591 -25.15 57.72 5.11
CA VAL C 591 -25.98 57.00 4.10
C VAL C 591 -25.19 56.82 2.81
N TYR C 592 -25.42 55.73 2.07
CA TYR C 592 -24.75 55.38 0.82
C TYR C 592 -25.72 54.80 -0.22
N ARG C 593 -25.45 55.01 -1.51
CA ARG C 593 -26.09 54.34 -2.65
C ARG C 593 -25.07 53.86 -3.68
N ILE C 594 -25.21 52.63 -4.15
CA ILE C 594 -24.44 52.09 -5.28
C ILE C 594 -24.89 52.80 -6.58
N PRO C 595 -23.98 53.35 -7.40
CA PRO C 595 -24.34 54.01 -8.65
C PRO C 595 -24.64 53.02 -9.78
N LYS C 596 -25.73 53.22 -10.53
CA LYS C 596 -25.99 52.54 -11.83
C LYS C 596 -25.24 53.16 -13.02
N LYS C 597 -24.06 53.71 -12.77
CA LYS C 597 -23.24 54.48 -13.73
C LYS C 597 -22.70 53.65 -14.92
N SER C 598 -22.59 52.32 -14.80
CA SER C 598 -22.05 51.48 -15.88
C SER C 598 -22.90 51.50 -17.16
N GLN C 599 -22.24 51.64 -18.31
CA GLN C 599 -22.84 51.54 -19.65
C GLN C 599 -22.77 50.11 -20.20
N ARG D 416 -21.82 -18.55 41.50
CA ARG D 416 -20.41 -18.44 41.03
C ARG D 416 -20.01 -19.66 40.20
N GLU D 417 -19.06 -19.50 39.28
CA GLU D 417 -18.50 -20.58 38.46
C GLU D 417 -16.96 -20.57 38.41
N HIS D 418 -16.34 -21.72 38.10
CA HIS D 418 -14.90 -21.86 37.85
C HIS D 418 -14.65 -22.61 36.54
N ASN D 419 -13.71 -22.11 35.72
CA ASN D 419 -13.35 -22.65 34.42
C ASN D 419 -11.86 -23.04 34.40
N PHE D 420 -11.57 -24.16 35.07
CA PHE D 420 -10.25 -24.79 35.19
C PHE D 420 -10.26 -26.16 34.47
N GLN D 421 -10.12 -26.15 33.14
CA GLN D 421 -10.16 -27.32 32.26
C GLN D 421 -8.87 -28.17 32.27
N PRO D 422 -8.95 -29.47 31.91
CA PRO D 422 -7.78 -30.36 31.92
C PRO D 422 -6.68 -29.87 30.97
N GLY D 423 -5.43 -29.86 31.45
CA GLY D 423 -4.26 -29.51 30.63
C GLY D 423 -3.78 -28.07 30.73
N ASP D 424 -4.46 -27.21 31.51
CA ASP D 424 -3.98 -25.85 31.81
C ASP D 424 -2.97 -25.84 32.97
N ASN D 425 -2.54 -24.63 33.36
CA ASN D 425 -1.55 -24.35 34.40
C ASN D 425 -2.11 -23.33 35.41
N VAL D 426 -1.91 -23.58 36.71
CA VAL D 426 -2.33 -22.68 37.78
C VAL D 426 -1.21 -22.45 38.80
N GLU D 427 -1.19 -21.27 39.42
CA GLU D 427 -0.37 -20.96 40.58
C GLU D 427 -1.23 -20.68 41.81
N VAL D 428 -0.59 -20.56 42.96
CA VAL D 428 -1.22 -20.19 44.24
C VAL D 428 -1.02 -18.69 44.42
N CYS D 429 -2.10 -17.94 44.55
CA CYS D 429 -2.09 -16.47 44.40
C CYS D 429 -1.88 -15.69 45.71
N GLU D 430 -2.21 -16.30 46.86
CA GLU D 430 -1.94 -15.82 48.21
C GLU D 430 -1.65 -17.00 49.15
N GLY D 431 -0.88 -16.78 50.23
CA GLY D 431 -0.46 -17.81 51.19
C GLY D 431 1.04 -18.08 51.19
N GLU D 432 1.49 -18.99 52.06
CA GLU D 432 2.92 -19.32 52.26
C GLU D 432 3.55 -20.15 51.11
N LEU D 433 2.76 -20.64 50.16
CA LEU D 433 3.16 -21.44 48.99
C LEU D 433 2.91 -20.69 47.67
N ILE D 434 3.05 -19.36 47.69
CA ILE D 434 2.73 -18.47 46.56
C ILE D 434 3.67 -18.71 45.36
N ASN D 435 3.20 -18.42 44.14
CA ASN D 435 3.98 -18.53 42.90
C ASN D 435 4.68 -19.90 42.69
N LEU D 436 3.88 -20.96 42.62
CA LEU D 436 4.29 -22.33 42.32
C LEU D 436 3.33 -22.87 41.26
N GLN D 437 3.80 -22.91 40.02
CA GLN D 437 3.00 -23.19 38.83
C GLN D 437 2.89 -24.70 38.61
N GLY D 438 1.68 -25.26 38.61
CA GLY D 438 1.44 -26.67 38.24
C GLY D 438 0.31 -26.91 37.25
N LYS D 439 0.42 -28.02 36.51
CA LYS D 439 -0.54 -28.50 35.51
C LYS D 439 -1.77 -29.13 36.15
N ILE D 440 -2.95 -28.87 35.57
CA ILE D 440 -4.24 -29.39 36.01
C ILE D 440 -4.42 -30.84 35.55
N LEU D 441 -4.62 -31.74 36.53
CA LEU D 441 -4.95 -33.16 36.35
C LEU D 441 -6.42 -33.46 36.72
N SER D 442 -6.86 -33.05 37.93
CA SER D 442 -8.24 -33.22 38.41
C SER D 442 -9.07 -31.94 38.24
N VAL D 443 -10.30 -32.09 37.74
CA VAL D 443 -11.24 -30.99 37.44
C VAL D 443 -12.58 -31.18 38.17
N ASP D 444 -13.07 -30.10 38.78
CA ASP D 444 -14.39 -29.99 39.41
C ASP D 444 -14.87 -28.51 39.38
N GLY D 445 -15.88 -28.15 40.17
CA GLY D 445 -16.31 -26.78 40.41
C GLY D 445 -15.52 -26.13 41.56
N ASN D 446 -16.17 -25.88 42.69
CA ASN D 446 -15.60 -25.21 43.85
C ASN D 446 -14.57 -26.10 44.59
N LYS D 447 -15.01 -27.29 45.03
CA LYS D 447 -14.24 -28.25 45.84
C LYS D 447 -13.36 -29.17 44.96
N ILE D 448 -12.23 -28.66 44.48
CA ILE D 448 -11.32 -29.43 43.61
C ILE D 448 -10.41 -30.37 44.43
N THR D 449 -9.80 -29.87 45.52
CA THR D 449 -8.72 -30.53 46.28
C THR D 449 -7.61 -31.07 45.36
N ILE D 450 -7.07 -30.19 44.52
CA ILE D 450 -6.14 -30.54 43.43
C ILE D 450 -4.83 -31.17 43.91
N MET D 451 -4.22 -32.01 43.04
CA MET D 451 -2.84 -32.52 43.13
C MET D 451 -2.02 -31.96 41.95
N PRO D 452 -1.41 -30.76 42.09
CA PRO D 452 -0.87 -30.01 40.96
C PRO D 452 0.49 -30.56 40.50
N LYS D 453 0.67 -30.74 39.19
CA LYS D 453 1.89 -31.31 38.60
C LYS D 453 2.83 -30.20 38.10
N HIS D 454 3.77 -29.78 38.94
CA HIS D 454 4.67 -28.65 38.70
C HIS D 454 5.76 -28.95 37.66
N GLU D 455 6.35 -27.90 37.06
CA GLU D 455 7.71 -28.02 36.54
C GLU D 455 8.71 -28.10 37.70
N ASP D 456 9.69 -29.00 37.61
CA ASP D 456 10.90 -29.07 38.47
C ASP D 456 10.61 -29.09 39.99
N LEU D 457 9.47 -29.68 40.42
CA LEU D 457 9.10 -29.85 41.82
C LEU D 457 8.31 -31.15 42.05
N LYS D 458 8.92 -32.09 42.78
CA LYS D 458 8.45 -33.48 42.98
C LYS D 458 7.25 -33.67 43.92
N ASP D 459 7.03 -32.74 44.85
CA ASP D 459 6.04 -32.80 45.92
C ASP D 459 4.61 -32.41 45.48
N MET D 460 3.58 -32.92 46.18
CA MET D 460 2.17 -32.59 45.92
C MET D 460 1.60 -31.70 47.03
N LEU D 461 1.02 -30.56 46.64
CA LEU D 461 0.23 -29.66 47.49
C LEU D 461 -1.26 -30.07 47.51
N GLU D 462 -2.13 -29.29 48.17
CA GLU D 462 -3.59 -29.50 48.21
C GLU D 462 -4.35 -28.16 48.22
N PHE D 463 -5.15 -27.87 47.18
CA PHE D 463 -5.92 -26.61 47.07
C PHE D 463 -7.37 -26.75 46.52
N PRO D 464 -8.36 -26.05 47.10
CA PRO D 464 -9.67 -25.83 46.49
C PRO D 464 -9.59 -24.69 45.43
N ALA D 465 -10.68 -24.44 44.69
CA ALA D 465 -10.64 -23.53 43.54
C ALA D 465 -10.38 -22.05 43.88
N GLN D 466 -10.72 -21.59 45.09
CA GLN D 466 -10.74 -20.16 45.44
C GLN D 466 -9.33 -19.59 45.71
N GLU D 467 -8.30 -20.44 45.77
CA GLU D 467 -6.93 -20.12 46.20
C GLU D 467 -5.90 -20.30 45.06
N LEU D 468 -6.40 -20.43 43.82
CA LEU D 468 -5.63 -20.74 42.61
C LEU D 468 -5.88 -19.70 41.50
N ARG D 469 -4.87 -19.47 40.65
CA ARG D 469 -4.89 -18.46 39.59
C ARG D 469 -4.38 -19.04 38.28
N LYS D 470 -5.12 -18.79 37.19
CA LYS D 470 -4.78 -19.18 35.81
C LYS D 470 -3.58 -18.33 35.35
N TYR D 471 -2.36 -18.85 35.49
CA TYR D 471 -1.16 -18.07 35.21
C TYR D 471 -0.30 -18.67 34.09
N PHE D 472 0.31 -17.78 33.32
CA PHE D 472 0.98 -18.10 32.07
C PHE D 472 2.28 -17.29 31.98
N LYS D 473 3.40 -17.95 31.69
CA LYS D 473 4.71 -17.31 31.44
C LYS D 473 4.70 -16.62 30.06
N MET D 474 5.49 -15.56 29.83
CA MET D 474 5.45 -14.86 28.53
C MET D 474 5.88 -15.77 27.38
N GLY D 475 5.05 -15.88 26.34
CA GLY D 475 5.45 -16.44 25.06
C GLY D 475 5.15 -17.92 24.88
N ASP D 476 3.96 -18.38 25.29
CA ASP D 476 3.40 -19.67 24.90
C ASP D 476 1.88 -19.58 24.72
N HIS D 477 1.30 -20.54 24.02
CA HIS D 477 -0.04 -20.37 23.44
C HIS D 477 -1.22 -20.32 24.40
N VAL D 478 -2.15 -19.42 24.07
CA VAL D 478 -3.39 -19.23 24.79
C VAL D 478 -4.61 -19.22 23.88
N LYS D 479 -5.71 -19.75 24.42
CA LYS D 479 -7.07 -19.82 23.88
C LYS D 479 -8.01 -19.10 24.83
N VAL D 480 -8.79 -18.11 24.37
CA VAL D 480 -9.83 -17.50 25.22
C VAL D 480 -11.17 -18.21 25.04
N ILE D 481 -11.85 -18.50 26.15
CA ILE D 481 -13.17 -19.15 26.19
C ILE D 481 -14.28 -18.09 26.21
N ALA D 482 -14.21 -17.14 27.14
CA ALA D 482 -15.25 -16.14 27.37
C ALA D 482 -14.72 -14.70 27.29
N GLY D 483 -15.55 -13.81 26.76
CA GLY D 483 -15.20 -12.42 26.45
C GLY D 483 -15.84 -11.97 25.13
N ARG D 484 -15.50 -10.76 24.67
CA ARG D 484 -15.88 -10.29 23.33
C ARG D 484 -15.31 -11.21 22.25
N PHE D 485 -14.05 -11.60 22.41
CA PHE D 485 -13.25 -12.29 21.39
C PHE D 485 -13.29 -13.83 21.59
N GLU D 486 -14.46 -14.39 21.92
CA GLU D 486 -14.55 -15.79 22.38
C GLU D 486 -14.18 -16.81 21.29
N GLY D 487 -13.54 -17.92 21.67
CA GLY D 487 -13.20 -19.01 20.74
C GLY D 487 -11.93 -18.79 19.92
N ASP D 488 -11.02 -17.95 20.40
CA ASP D 488 -9.89 -17.41 19.65
C ASP D 488 -8.52 -17.78 20.26
N THR D 489 -7.49 -17.95 19.41
CA THR D 489 -6.14 -18.41 19.79
C THR D 489 -5.06 -17.36 19.57
N GLY D 490 -3.98 -17.39 20.37
CA GLY D 490 -2.84 -16.51 20.16
C GLY D 490 -1.66 -16.71 21.11
N LEU D 491 -0.81 -15.69 21.19
CA LEU D 491 0.41 -15.62 22.00
C LEU D 491 0.37 -14.43 22.96
N ILE D 492 0.59 -14.64 24.26
CA ILE D 492 0.62 -13.54 25.25
C ILE D 492 1.95 -12.81 25.22
N VAL D 493 1.91 -11.49 25.37
CA VAL D 493 3.09 -10.61 25.25
C VAL D 493 3.42 -9.78 26.50
N ARG D 494 2.43 -9.47 27.35
CA ARG D 494 2.63 -8.84 28.67
C ARG D 494 1.55 -9.30 29.66
N VAL D 495 2.00 -9.69 30.85
CA VAL D 495 1.15 -10.26 31.91
C VAL D 495 1.14 -9.34 33.13
N GLU D 496 0.14 -8.48 33.23
CA GLU D 496 -0.14 -7.74 34.48
C GLU D 496 -1.07 -8.56 35.40
N GLU D 497 -1.54 -7.99 36.52
CA GLU D 497 -2.36 -8.75 37.49
C GLU D 497 -3.69 -9.27 36.90
N ASN D 498 -4.33 -8.50 36.00
CA ASN D 498 -5.64 -8.80 35.42
C ASN D 498 -5.75 -8.63 33.89
N PHE D 499 -4.95 -7.75 33.26
CA PHE D 499 -4.77 -7.70 31.79
C PHE D 499 -3.63 -8.62 31.33
N VAL D 500 -3.96 -9.73 30.68
CA VAL D 500 -2.99 -10.54 29.92
C VAL D 500 -3.17 -10.29 28.42
N ILE D 501 -2.43 -9.34 27.86
CA ILE D 501 -2.54 -8.95 26.44
C ILE D 501 -1.88 -9.98 25.51
N LEU D 502 -2.46 -10.19 24.32
CA LEU D 502 -2.02 -11.21 23.35
C LEU D 502 -2.18 -10.80 21.88
N PHE D 503 -1.53 -11.54 20.99
CA PHE D 503 -1.70 -11.45 19.54
C PHE D 503 -2.56 -12.62 19.03
N SER D 504 -3.70 -12.34 18.38
CA SER D 504 -4.51 -13.39 17.75
C SER D 504 -3.80 -14.03 16.55
N ASP D 505 -3.99 -15.32 16.28
CA ASP D 505 -3.47 -15.92 15.04
C ASP D 505 -4.26 -15.53 13.77
N LEU D 506 -5.49 -15.03 13.90
CA LEU D 506 -6.28 -14.54 12.77
C LEU D 506 -5.72 -13.20 12.26
N THR D 507 -5.52 -12.23 13.17
CA THR D 507 -5.07 -10.88 12.82
C THR D 507 -3.96 -10.37 13.74
N MET D 508 -3.04 -9.61 13.15
CA MET D 508 -2.03 -8.84 13.87
C MET D 508 -2.65 -7.56 14.42
N HIS D 509 -3.34 -7.73 15.54
CA HIS D 509 -4.11 -6.73 16.27
C HIS D 509 -4.00 -6.96 17.77
N GLU D 510 -4.26 -5.94 18.58
CA GLU D 510 -4.32 -6.08 20.03
C GLU D 510 -5.44 -7.06 20.43
N LEU D 511 -5.29 -7.70 21.58
CA LEU D 511 -6.39 -8.45 22.19
C LEU D 511 -6.14 -8.53 23.69
N LYS D 512 -7.01 -7.87 24.46
CA LYS D 512 -6.86 -7.68 25.90
C LYS D 512 -7.99 -8.42 26.62
N VAL D 513 -7.64 -9.43 27.41
CA VAL D 513 -8.61 -10.28 28.15
C VAL D 513 -8.16 -10.62 29.58
N LEU D 514 -9.10 -11.16 30.36
CA LEU D 514 -8.93 -11.66 31.72
C LEU D 514 -8.28 -13.06 31.73
N PRO D 515 -7.31 -13.35 32.62
CA PRO D 515 -6.60 -14.62 32.62
C PRO D 515 -7.44 -15.83 33.04
N ARG D 516 -8.46 -15.64 33.89
CA ARG D 516 -9.31 -16.76 34.35
C ARG D 516 -10.14 -17.38 33.21
N ASP D 517 -10.53 -16.60 32.20
CA ASP D 517 -11.26 -17.06 31.00
C ASP D 517 -10.34 -17.60 29.89
N LEU D 518 -9.06 -17.79 30.18
CA LEU D 518 -8.03 -18.26 29.25
C LEU D 518 -7.62 -19.73 29.50
N GLN D 519 -7.08 -20.42 28.49
CA GLN D 519 -6.60 -21.80 28.57
C GLN D 519 -5.37 -22.04 27.66
N LEU D 520 -4.56 -23.04 27.99
CA LEU D 520 -3.25 -23.33 27.37
C LEU D 520 -3.32 -24.62 26.53
N CYS D 521 -3.10 -24.50 25.22
CA CYS D 521 -2.94 -25.60 24.26
C CYS D 521 -1.99 -25.16 23.14
N SER D 522 -1.00 -25.98 22.76
CA SER D 522 -0.05 -25.65 21.68
C SER D 522 -0.59 -25.98 20.26
N GLU D 523 -1.75 -26.63 20.19
CA GLU D 523 -2.38 -27.11 18.95
C GLU D 523 -2.97 -25.97 18.10
N THR D 524 -3.24 -26.21 16.82
CA THR D 524 -4.01 -25.25 15.98
C THR D 524 -5.53 -25.47 16.16
N ALA D 525 -6.34 -24.41 16.07
CA ALA D 525 -7.80 -24.52 15.97
C ALA D 525 -8.23 -25.03 14.57
N SER D 526 -8.24 -26.36 14.40
CA SER D 526 -8.47 -27.05 13.12
C SER D 526 -9.91 -27.00 12.58
N GLY D 527 -10.90 -27.31 13.41
CA GLY D 527 -12.28 -27.57 13.01
C GLY D 527 -12.43 -28.92 12.29
N VAL D 528 -12.02 -30.00 12.96
CA VAL D 528 -12.12 -31.39 12.48
C VAL D 528 -13.57 -31.90 12.51
N ASP D 529 -13.91 -32.81 11.59
CA ASP D 529 -15.30 -33.26 11.38
C ASP D 529 -15.86 -34.17 12.50
N VAL D 530 -17.16 -34.02 12.76
CA VAL D 530 -18.03 -35.06 13.33
C VAL D 530 -19.12 -35.41 12.30
N GLY D 531 -19.50 -36.68 12.18
CA GLY D 531 -20.59 -37.14 11.32
C GLY D 531 -20.23 -37.28 9.83
N GLY D 532 -19.71 -36.22 9.20
CA GLY D 532 -19.07 -36.29 7.89
C GLY D 532 -19.93 -35.81 6.71
N GLN D 533 -20.84 -34.85 6.91
CA GLN D 533 -21.86 -34.48 5.91
C GLN D 533 -21.37 -33.46 4.86
N HIS D 534 -20.31 -32.71 5.16
CA HIS D 534 -19.58 -31.87 4.21
C HIS D 534 -18.06 -32.03 4.48
N GLU D 535 -17.23 -31.71 3.49
CA GLU D 535 -15.80 -32.04 3.50
C GLU D 535 -14.92 -30.95 2.86
N TRP D 536 -13.61 -31.13 2.97
CA TRP D 536 -12.57 -30.24 2.43
C TRP D 536 -12.66 -30.10 0.90
N GLY D 537 -12.87 -28.88 0.42
CA GLY D 537 -13.00 -28.56 -1.01
C GLY D 537 -14.32 -29.01 -1.66
N GLU D 538 -15.47 -28.55 -1.16
CA GLU D 538 -16.81 -29.01 -1.60
C GLU D 538 -17.61 -27.88 -2.27
N LEU D 539 -18.15 -28.16 -3.46
CA LEU D 539 -18.79 -27.17 -4.35
C LEU D 539 -20.18 -26.73 -3.86
N VAL D 540 -20.45 -25.42 -3.91
CA VAL D 540 -21.70 -24.82 -3.46
C VAL D 540 -22.30 -23.81 -4.45
N GLN D 541 -23.57 -23.47 -4.25
CA GLN D 541 -24.38 -22.55 -5.08
C GLN D 541 -25.00 -21.45 -4.20
N LEU D 542 -24.36 -20.28 -4.07
CA LEU D 542 -24.91 -19.17 -3.27
C LEU D 542 -26.11 -18.52 -3.97
N ASP D 543 -25.94 -18.14 -5.24
CA ASP D 543 -26.95 -17.57 -6.14
C ASP D 543 -26.93 -18.25 -7.53
N PRO D 544 -28.04 -18.29 -8.29
CA PRO D 544 -28.07 -18.85 -9.65
C PRO D 544 -27.17 -18.14 -10.69
N GLN D 545 -26.49 -17.05 -10.34
CA GLN D 545 -25.54 -16.31 -11.21
C GLN D 545 -24.06 -16.57 -10.87
N THR D 546 -23.75 -17.17 -9.71
CA THR D 546 -22.37 -17.36 -9.19
C THR D 546 -22.14 -18.78 -8.67
N VAL D 547 -20.89 -19.25 -8.66
CA VAL D 547 -20.49 -20.55 -8.07
C VAL D 547 -19.34 -20.36 -7.08
N GLY D 548 -19.17 -21.27 -6.13
CA GLY D 548 -18.19 -21.16 -5.06
C GLY D 548 -17.90 -22.50 -4.37
N VAL D 549 -16.92 -22.51 -3.47
CA VAL D 549 -16.53 -23.69 -2.67
C VAL D 549 -16.52 -23.33 -1.18
N ILE D 550 -17.01 -24.23 -0.29
CA ILE D 550 -16.95 -24.03 1.17
C ILE D 550 -15.63 -24.55 1.76
N VAL D 551 -14.88 -23.71 2.51
CA VAL D 551 -13.51 -24.05 2.98
C VAL D 551 -13.19 -23.91 4.47
N ARG D 552 -13.93 -23.10 5.25
CA ARG D 552 -13.67 -22.86 6.69
C ARG D 552 -14.95 -22.42 7.42
N LEU D 553 -15.32 -23.19 8.44
CA LEU D 553 -16.48 -22.92 9.29
C LEU D 553 -16.03 -22.00 10.45
N GLU D 554 -16.48 -20.74 10.48
CA GLU D 554 -16.16 -19.79 11.57
C GLU D 554 -17.28 -19.83 12.64
N ARG D 555 -17.29 -18.92 13.62
CA ARG D 555 -18.23 -19.05 14.76
C ARG D 555 -19.65 -18.56 14.42
N GLU D 556 -19.78 -17.47 13.67
CA GLU D 556 -21.07 -16.99 13.13
C GLU D 556 -21.10 -17.04 11.60
N THR D 557 -19.93 -16.98 10.98
CA THR D 557 -19.73 -16.81 9.54
C THR D 557 -19.11 -18.05 8.88
N PHE D 558 -18.91 -18.00 7.56
CA PHE D 558 -18.26 -19.03 6.75
C PHE D 558 -17.28 -18.35 5.80
N GLN D 559 -16.14 -19.00 5.52
CA GLN D 559 -15.31 -18.64 4.37
C GLN D 559 -15.82 -19.50 3.20
N VAL D 560 -16.74 -18.95 2.42
CA VAL D 560 -17.05 -19.47 1.08
C VAL D 560 -16.22 -18.70 0.06
N LEU D 561 -15.53 -19.40 -0.82
CA LEU D 561 -14.69 -18.80 -1.85
C LEU D 561 -15.42 -18.86 -3.19
N ASN D 562 -15.83 -17.72 -3.74
CA ASN D 562 -16.54 -17.69 -5.02
C ASN D 562 -15.61 -17.78 -6.24
N MET D 563 -16.20 -17.88 -7.42
CA MET D 563 -15.50 -18.03 -8.69
C MET D 563 -14.63 -16.82 -9.07
N TYR D 564 -14.90 -15.63 -8.54
CA TYR D 564 -14.09 -14.44 -8.81
C TYR D 564 -12.73 -14.52 -8.11
N GLY D 565 -12.60 -15.38 -7.09
CA GLY D 565 -11.40 -15.57 -6.28
C GLY D 565 -11.48 -14.92 -4.90
N LYS D 566 -12.67 -14.50 -4.47
CA LYS D 566 -12.89 -13.74 -3.24
C LYS D 566 -13.86 -14.42 -2.26
N VAL D 567 -13.66 -14.11 -0.98
CA VAL D 567 -14.57 -14.40 0.12
C VAL D 567 -15.47 -13.18 0.39
N VAL D 568 -16.77 -13.39 0.34
CA VAL D 568 -17.76 -12.43 0.89
C VAL D 568 -18.24 -12.97 2.23
N THR D 569 -18.47 -12.10 3.21
CA THR D 569 -18.51 -12.55 4.61
C THR D 569 -19.97 -12.79 5.01
N VAL D 570 -20.36 -14.07 5.01
CA VAL D 570 -21.76 -14.53 5.16
C VAL D 570 -21.95 -15.40 6.40
N ARG D 571 -23.18 -15.45 6.90
CA ARG D 571 -23.63 -16.36 7.98
C ARG D 571 -23.74 -17.81 7.48
N HIS D 572 -23.94 -18.74 8.41
CA HIS D 572 -23.92 -20.20 8.20
C HIS D 572 -25.04 -20.67 7.24
N GLN D 573 -26.15 -19.95 7.17
CA GLN D 573 -27.39 -20.39 6.48
C GLN D 573 -27.47 -19.95 5.00
N ALA D 574 -26.47 -19.21 4.49
CA ALA D 574 -26.49 -18.55 3.19
C ALA D 574 -26.27 -19.48 1.97
N VAL D 575 -25.96 -20.76 2.17
CA VAL D 575 -25.34 -21.62 1.15
C VAL D 575 -26.11 -22.93 0.93
N THR D 576 -26.13 -23.46 -0.31
CA THR D 576 -26.62 -24.82 -0.62
C THR D 576 -25.61 -25.64 -1.45
N ARG D 577 -25.70 -26.96 -1.33
CA ARG D 577 -24.79 -28.00 -1.84
C ARG D 577 -24.93 -28.19 -3.37
N LYS D 578 -23.84 -28.05 -4.14
CA LYS D 578 -23.85 -28.19 -5.61
C LYS D 578 -23.21 -29.51 -6.09
N LYS D 579 -23.84 -30.19 -7.06
CA LYS D 579 -23.33 -31.44 -7.65
C LYS D 579 -22.07 -31.22 -8.52
N ASP D 580 -21.08 -32.11 -8.38
CA ASP D 580 -19.76 -32.06 -9.03
C ASP D 580 -19.83 -32.21 -10.56
N ASN D 581 -19.19 -31.32 -11.33
CA ASN D 581 -18.92 -31.52 -12.76
C ASN D 581 -17.66 -32.39 -12.98
N ARG D 582 -17.75 -33.70 -12.69
CA ARG D 582 -16.56 -34.60 -12.63
C ARG D 582 -15.92 -34.93 -13.99
N PHE D 583 -16.56 -34.54 -15.09
CA PHE D 583 -16.21 -34.92 -16.46
C PHE D 583 -15.82 -33.70 -17.31
N ALA D 584 -15.08 -32.74 -16.71
CA ALA D 584 -14.81 -31.42 -17.29
C ALA D 584 -13.31 -31.21 -17.62
N VAL D 585 -13.07 -30.41 -18.66
CA VAL D 585 -11.74 -30.02 -19.18
C VAL D 585 -11.72 -28.53 -19.55
N ALA D 586 -10.54 -27.93 -19.60
CA ALA D 586 -10.30 -26.57 -20.10
C ALA D 586 -8.91 -26.44 -20.76
N LEU D 587 -8.58 -25.23 -21.24
CA LEU D 587 -7.36 -24.96 -22.03
C LEU D 587 -6.38 -24.00 -21.31
N ASP D 588 -5.08 -24.23 -21.50
CA ASP D 588 -4.00 -23.76 -20.62
C ASP D 588 -2.91 -22.95 -21.37
N SER D 589 -1.76 -22.69 -20.74
CA SER D 589 -0.65 -21.92 -21.35
C SER D 589 -0.03 -22.57 -22.60
N GLU D 590 -0.12 -23.89 -22.77
CA GLU D 590 0.27 -24.60 -24.01
C GLU D 590 -0.93 -24.88 -24.94
N GLN D 591 -2.12 -24.37 -24.61
CA GLN D 591 -3.39 -24.59 -25.32
C GLN D 591 -3.69 -26.11 -25.44
N ASN D 592 -3.60 -26.78 -24.29
CA ASN D 592 -3.68 -28.23 -24.08
C ASN D 592 -4.75 -28.57 -23.02
N ASN D 593 -5.12 -29.84 -22.89
CA ASN D 593 -6.26 -30.31 -22.09
C ASN D 593 -5.91 -30.42 -20.59
N ILE D 594 -6.45 -29.53 -19.76
CA ILE D 594 -6.36 -29.61 -18.28
C ILE D 594 -7.72 -29.97 -17.65
N HIS D 595 -7.77 -31.04 -16.86
CA HIS D 595 -9.00 -31.56 -16.22
C HIS D 595 -9.13 -31.20 -14.74
N VAL D 596 -10.21 -31.66 -14.10
CA VAL D 596 -10.29 -31.72 -12.63
C VAL D 596 -9.57 -32.97 -12.08
N LYS D 597 -9.29 -32.97 -10.77
CA LYS D 597 -8.45 -33.96 -10.05
C LYS D 597 -7.04 -34.06 -10.67
N ASP D 598 -6.45 -32.92 -11.04
CA ASP D 598 -5.08 -32.87 -11.61
C ASP D 598 -4.21 -31.79 -10.96
N ILE D 599 -2.92 -32.08 -10.80
CA ILE D 599 -1.93 -31.27 -10.09
C ILE D 599 -1.26 -30.31 -11.09
N VAL D 600 -1.41 -29.01 -10.87
CA VAL D 600 -0.92 -27.95 -11.77
C VAL D 600 -0.15 -26.88 -11.01
N LYS D 601 0.42 -25.92 -11.73
CA LYS D 601 1.10 -24.74 -11.19
C LYS D 601 0.46 -23.48 -11.77
N VAL D 602 0.17 -22.52 -10.89
CA VAL D 602 -0.43 -21.22 -11.22
C VAL D 602 0.60 -20.12 -10.98
N ILE D 603 1.40 -19.82 -12.00
CA ILE D 603 2.52 -18.86 -11.92
C ILE D 603 2.05 -17.43 -12.22
N ASP D 604 1.23 -17.27 -13.25
CA ASP D 604 0.60 -16.02 -13.69
C ASP D 604 -0.84 -15.88 -13.13
N GLY D 605 -1.40 -14.67 -13.14
CA GLY D 605 -2.77 -14.39 -12.70
C GLY D 605 -2.85 -13.65 -11.35
N PRO D 606 -4.06 -13.50 -10.78
CA PRO D 606 -4.28 -12.81 -9.51
C PRO D 606 -3.54 -13.43 -8.33
N HIS D 607 -3.46 -14.77 -8.27
CA HIS D 607 -2.76 -15.54 -7.25
C HIS D 607 -1.37 -15.97 -7.76
N SER D 608 -0.50 -15.00 -8.05
CA SER D 608 0.79 -15.27 -8.71
C SER D 608 1.77 -16.06 -7.84
N GLY D 609 2.16 -17.24 -8.32
CA GLY D 609 3.17 -18.09 -7.67
C GLY D 609 2.55 -19.05 -6.66
N ARG D 610 1.59 -19.86 -7.11
CA ARG D 610 0.82 -20.79 -6.27
C ARG D 610 0.79 -22.20 -6.87
N GLU D 611 0.76 -23.20 -5.99
CA GLU D 611 0.80 -24.64 -6.32
C GLU D 611 -0.52 -25.29 -5.89
N GLY D 612 -1.13 -26.15 -6.72
CA GLY D 612 -2.35 -26.84 -6.29
C GLY D 612 -2.84 -27.96 -7.22
N GLU D 613 -3.94 -28.56 -6.82
CA GLU D 613 -4.71 -29.55 -7.58
C GLU D 613 -6.08 -28.95 -7.91
N ILE D 614 -6.51 -28.99 -9.17
CA ILE D 614 -7.85 -28.51 -9.52
C ILE D 614 -8.91 -29.50 -9.04
N ARG D 615 -9.99 -29.00 -8.44
CA ARG D 615 -11.14 -29.81 -8.00
C ARG D 615 -12.42 -29.52 -8.79
N HIS D 616 -12.66 -28.26 -9.18
CA HIS D 616 -13.85 -27.82 -9.91
C HIS D 616 -13.50 -26.79 -11.02
N LEU D 617 -14.30 -26.73 -12.09
CA LEU D 617 -14.14 -25.80 -13.22
C LEU D 617 -15.44 -25.03 -13.49
N PHE D 618 -15.33 -23.88 -14.16
CA PHE D 618 -16.46 -23.02 -14.56
C PHE D 618 -16.22 -22.30 -15.91
N ARG D 619 -17.05 -21.31 -16.24
CA ARG D 619 -17.05 -20.55 -17.51
C ARG D 619 -15.71 -19.87 -17.81
N SER D 620 -15.03 -19.39 -16.76
CA SER D 620 -13.78 -18.63 -16.87
C SER D 620 -12.77 -18.95 -15.74
N PHE D 621 -13.02 -20.01 -14.95
CA PHE D 621 -12.28 -20.26 -13.71
C PHE D 621 -12.00 -21.74 -13.38
N ALA D 622 -10.97 -21.98 -12.57
CA ALA D 622 -10.59 -23.25 -11.97
C ALA D 622 -10.41 -23.10 -10.45
N PHE D 623 -10.93 -24.05 -9.67
CA PHE D 623 -10.87 -24.10 -8.20
C PHE D 623 -9.71 -24.98 -7.74
N LEU D 624 -8.57 -24.36 -7.40
CA LEU D 624 -7.34 -25.03 -6.99
C LEU D 624 -7.31 -25.36 -5.48
N HIS D 625 -6.59 -26.42 -5.11
CA HIS D 625 -6.57 -27.00 -3.77
C HIS D 625 -5.16 -27.44 -3.33
N CYS D 626 -4.74 -27.12 -2.10
CA CYS D 626 -3.47 -27.50 -1.46
C CYS D 626 -3.66 -27.76 0.04
N LYS D 627 -2.64 -28.30 0.74
CA LYS D 627 -2.63 -28.48 2.22
C LYS D 627 -1.58 -27.62 2.92
N LYS D 628 -0.48 -27.24 2.24
CA LYS D 628 0.52 -26.29 2.75
C LYS D 628 -0.05 -24.88 2.95
N LEU D 629 -0.97 -24.43 2.10
CA LEU D 629 -1.56 -23.10 2.22
C LEU D 629 -2.55 -23.03 3.39
N VAL D 630 -2.54 -21.91 4.12
CA VAL D 630 -3.36 -21.69 5.33
C VAL D 630 -4.60 -20.84 5.08
N GLU D 631 -4.54 -19.87 4.16
CA GLU D 631 -5.72 -19.08 3.78
C GLU D 631 -6.76 -19.97 3.09
N ASN D 632 -8.05 -19.69 3.33
CA ASN D 632 -9.18 -20.24 2.57
C ASN D 632 -9.18 -21.79 2.53
N GLY D 633 -8.80 -22.46 3.64
CA GLY D 633 -8.77 -23.92 3.71
C GLY D 633 -7.78 -24.56 2.74
N GLY D 634 -6.78 -23.80 2.26
CA GLY D 634 -5.85 -24.21 1.22
C GLY D 634 -6.31 -24.00 -0.24
N MET D 635 -7.33 -23.18 -0.51
CA MET D 635 -7.89 -22.98 -1.86
C MET D 635 -7.84 -21.54 -2.40
N PHE D 636 -7.72 -21.46 -3.74
CA PHE D 636 -7.70 -20.23 -4.53
C PHE D 636 -8.34 -20.49 -5.90
N VAL D 637 -8.88 -19.45 -6.56
CA VAL D 637 -9.55 -19.60 -7.86
C VAL D 637 -8.92 -18.69 -8.91
N CYS D 638 -8.61 -19.24 -10.09
CA CYS D 638 -7.87 -18.54 -11.15
C CYS D 638 -8.38 -18.87 -12.57
N LYS D 639 -7.94 -18.09 -13.58
CA LYS D 639 -8.27 -18.29 -15.01
C LYS D 639 -7.52 -19.51 -15.58
N THR D 640 -8.07 -20.16 -16.62
CA THR D 640 -7.50 -21.42 -17.17
C THR D 640 -6.22 -21.22 -18.00
N ARG D 641 -6.12 -20.14 -18.79
CA ARG D 641 -4.91 -19.84 -19.57
C ARG D 641 -3.70 -19.35 -18.75
N HIS D 642 -3.81 -19.35 -17.42
CA HIS D 642 -2.72 -19.02 -16.50
C HIS D 642 -2.14 -20.29 -15.83
N LEU D 643 -2.43 -21.49 -16.37
CA LEU D 643 -2.09 -22.78 -15.75
C LEU D 643 -1.01 -23.50 -16.56
N VAL D 644 -0.21 -24.34 -15.88
CA VAL D 644 0.69 -25.34 -16.50
C VAL D 644 0.61 -26.68 -15.75
N LEU D 645 0.75 -27.80 -16.47
CA LEU D 645 0.62 -29.15 -15.92
C LEU D 645 1.79 -29.54 -15.02
N ALA D 646 1.51 -29.98 -13.79
CA ALA D 646 2.50 -30.49 -12.84
C ALA D 646 2.16 -31.94 -12.41
N THR E 286 -18.18 6.04 20.07
CA THR E 286 -16.97 6.36 20.87
C THR E 286 -17.12 7.74 21.52
N ASP E 287 -16.27 8.06 22.51
CA ASP E 287 -16.18 9.40 23.11
C ASP E 287 -15.73 10.46 22.08
N GLN E 288 -14.84 10.09 21.15
CA GLN E 288 -14.35 10.99 20.10
C GLN E 288 -15.48 11.54 19.24
N ASP E 289 -16.50 10.74 18.95
CA ASP E 289 -17.59 11.16 18.07
C ASP E 289 -18.43 12.29 18.70
N ASN E 290 -18.65 12.23 20.02
CA ASN E 290 -19.31 13.30 20.77
C ASN E 290 -18.44 14.55 20.87
N GLU E 291 -17.14 14.41 21.11
CA GLU E 291 -16.21 15.56 21.08
C GLU E 291 -16.17 16.22 19.69
N ILE E 292 -16.16 15.44 18.60
CA ILE E 292 -16.23 15.94 17.23
C ILE E 292 -17.57 16.62 16.94
N ARG E 293 -18.69 16.07 17.41
CA ARG E 293 -20.01 16.70 17.23
C ARG E 293 -20.09 18.03 17.96
N ALA E 294 -19.56 18.11 19.18
CA ALA E 294 -19.61 19.34 19.97
C ALA E 294 -18.65 20.44 19.48
N THR E 295 -17.44 20.08 19.05
CA THR E 295 -16.36 21.05 18.77
C THR E 295 -16.62 21.89 17.51
N ASP E 296 -16.54 23.22 17.63
CA ASP E 296 -16.72 24.20 16.55
C ASP E 296 -15.49 24.32 15.63
N LEU E 297 -15.15 23.22 14.95
CA LEU E 297 -14.13 23.12 13.91
C LEU E 297 -14.64 22.17 12.82
N PRO E 298 -14.28 22.35 11.55
CA PRO E 298 -14.63 21.40 10.49
C PRO E 298 -14.30 19.95 10.84
N GLU E 299 -15.13 18.97 10.52
CA GLU E 299 -14.79 17.59 10.91
C GLU E 299 -13.44 17.13 10.34
N ARG E 300 -13.12 17.44 9.08
CA ARG E 300 -11.83 17.06 8.47
C ARG E 300 -10.62 17.75 9.08
N PHE E 301 -10.79 18.88 9.75
CA PHE E 301 -9.74 19.47 10.58
C PHE E 301 -9.50 18.67 11.86
N GLN E 302 -10.55 18.11 12.43
CA GLN E 302 -10.45 17.28 13.63
C GLN E 302 -9.94 15.87 13.33
N LEU E 303 -10.27 15.32 12.15
CA LEU E 303 -9.81 14.01 11.67
C LEU E 303 -8.43 14.02 11.00
N ARG E 304 -7.79 15.18 10.89
CA ARG E 304 -6.43 15.31 10.34
C ARG E 304 -5.41 14.70 11.30
N SER E 305 -4.49 13.91 10.75
CA SER E 305 -3.41 13.18 11.44
C SER E 305 -2.67 14.01 12.51
N ILE E 306 -2.22 15.20 12.16
CA ILE E 306 -1.53 16.16 13.05
C ILE E 306 -2.50 17.31 13.33
N PRO E 307 -2.87 17.60 14.58
CA PRO E 307 -3.83 18.64 14.90
C PRO E 307 -3.46 20.00 14.30
N VAL E 308 -4.45 20.73 13.79
CA VAL E 308 -4.25 22.08 13.28
C VAL E 308 -4.08 23.04 14.44
N LYS E 309 -2.94 23.72 14.49
CA LYS E 309 -2.65 24.75 15.48
C LYS E 309 -2.44 26.10 14.82
N GLY E 310 -2.89 27.13 15.50
CA GLY E 310 -2.71 28.52 15.09
C GLY E 310 -1.24 28.87 14.91
N ALA E 311 -0.96 29.82 14.01
CA ALA E 311 0.38 30.22 13.62
C ALA E 311 0.60 31.72 13.77
N GLU E 312 1.77 32.11 14.23
CA GLU E 312 2.25 33.48 14.22
C GLU E 312 2.66 33.90 12.80
N ASP E 313 2.67 35.19 12.50
CA ASP E 313 2.97 35.65 11.13
C ASP E 313 4.38 35.26 10.63
N ASP E 314 5.36 35.12 11.53
CA ASP E 314 6.70 34.62 11.17
C ASP E 314 6.65 33.17 10.72
N GLU E 315 5.94 32.29 11.45
CA GLU E 315 5.76 30.90 11.04
C GLU E 315 5.00 30.79 9.73
N LEU E 316 3.92 31.57 9.55
CA LEU E 316 3.18 31.55 8.30
C LEU E 316 4.01 32.03 7.12
N GLU E 317 4.89 33.02 7.30
CA GLU E 317 5.74 33.49 6.22
C GLU E 317 6.84 32.50 5.83
N GLU E 318 7.50 31.86 6.79
CA GLU E 318 8.44 30.79 6.51
C GLU E 318 7.76 29.58 5.88
N GLU E 319 6.60 29.15 6.41
CA GLU E 319 5.83 28.08 5.82
C GLU E 319 5.36 28.41 4.41
N ALA E 320 4.87 29.62 4.15
CA ALA E 320 4.41 30.00 2.83
C ALA E 320 5.53 29.92 1.80
N ASP E 321 6.73 30.37 2.17
CA ASP E 321 7.89 30.27 1.30
C ASP E 321 8.34 28.82 1.12
N TRP E 322 8.34 28.02 2.19
CA TRP E 322 8.72 26.63 2.12
C TRP E 322 7.76 25.80 1.27
N ILE E 323 6.45 25.99 1.42
CA ILE E 323 5.45 25.34 0.59
C ILE E 323 5.60 25.82 -0.84
N TYR E 324 5.85 27.10 -1.09
CA TYR E 324 6.07 27.56 -2.46
C TYR E 324 7.27 26.88 -3.12
N ARG E 325 8.42 26.80 -2.45
CA ARG E 325 9.59 26.12 -3.03
C ARG E 325 9.27 24.66 -3.34
N ASN E 326 8.75 23.91 -2.36
CA ASN E 326 8.66 22.47 -2.46
C ASN E 326 7.46 21.95 -3.24
N ALA E 327 6.29 22.58 -3.11
CA ALA E 327 5.07 22.12 -3.76
C ALA E 327 4.78 22.78 -5.11
N PHE E 328 5.26 24.00 -5.36
CA PHE E 328 4.89 24.78 -6.56
C PHE E 328 6.07 25.18 -7.46
N ALA E 329 7.25 25.48 -6.91
CA ALA E 329 8.39 25.92 -7.71
C ALA E 329 9.26 24.75 -8.20
N THR E 330 9.46 23.73 -7.36
CA THR E 330 10.37 22.62 -7.65
C THR E 330 9.77 21.69 -8.72
N PRO E 331 10.42 21.50 -9.87
CA PRO E 331 9.93 20.60 -10.90
C PRO E 331 10.17 19.16 -10.46
N THR E 332 9.35 18.24 -10.95
CA THR E 332 9.56 16.82 -10.72
C THR E 332 10.85 16.35 -11.38
N ILE E 333 11.52 15.36 -10.79
CA ILE E 333 12.73 14.76 -11.33
C ILE E 333 12.39 14.09 -12.66
N SER E 334 11.32 13.31 -12.71
CA SER E 334 10.81 12.66 -13.92
C SER E 334 9.91 13.60 -14.75
N LEU E 335 9.68 13.29 -16.02
CA LEU E 335 8.78 14.04 -16.91
C LEU E 335 7.33 13.76 -16.56
N GLN E 336 6.70 14.72 -15.89
CA GLN E 336 5.29 14.66 -15.48
C GLN E 336 4.47 15.63 -16.32
N GLU E 337 3.34 15.17 -16.84
CA GLU E 337 2.36 16.02 -17.52
C GLU E 337 1.85 17.11 -16.55
N SER E 338 1.62 18.33 -17.03
CA SER E 338 0.96 19.35 -16.20
C SER E 338 -0.44 18.88 -15.82
N CYS E 339 -0.55 18.33 -14.62
CA CYS E 339 -1.76 17.67 -14.09
C CYS E 339 -2.75 18.67 -13.47
N ASP E 340 -2.49 19.97 -13.58
CA ASP E 340 -3.36 21.07 -13.15
C ASP E 340 -4.52 21.25 -14.16
N TYR E 341 -5.47 20.31 -14.17
CA TYR E 341 -6.51 20.18 -15.20
C TYR E 341 -7.62 21.27 -15.18
N LEU E 342 -7.65 22.15 -14.16
CA LEU E 342 -8.68 23.19 -13.95
C LEU E 342 -8.58 24.37 -14.94
N ARG E 353 5.22 26.75 -13.94
CA ARG E 353 5.50 27.20 -12.58
C ARG E 353 4.69 28.45 -12.23
N LYS E 354 3.82 28.37 -11.22
CA LYS E 354 3.15 29.55 -10.65
C LYS E 354 4.19 30.53 -10.09
N GLY E 355 4.09 31.82 -10.42
CA GLY E 355 5.12 32.84 -10.16
C GLY E 355 5.32 33.18 -8.67
N PRO E 356 6.39 33.91 -8.30
CA PRO E 356 6.68 34.28 -6.91
C PRO E 356 5.59 35.04 -6.15
N SER E 357 4.66 35.70 -6.85
CA SER E 357 3.46 36.29 -6.23
C SER E 357 2.61 35.26 -5.49
N THR E 358 2.73 33.98 -5.84
CA THR E 358 2.02 32.88 -5.19
C THR E 358 2.40 32.77 -3.72
N ILE E 359 3.58 33.23 -3.30
CA ILE E 359 3.98 33.15 -1.89
C ILE E 359 3.00 33.93 -1.01
N GLN E 360 2.58 35.13 -1.41
CA GLN E 360 1.56 35.85 -0.62
C GLN E 360 0.23 35.10 -0.60
N LYS E 361 -0.22 34.56 -1.73
CA LYS E 361 -1.50 33.86 -1.82
C LYS E 361 -1.49 32.61 -0.93
N ILE E 362 -0.37 31.92 -0.84
CA ILE E 362 -0.17 30.82 0.08
C ILE E 362 -0.17 31.32 1.52
N LYS E 363 0.48 32.45 1.84
CA LYS E 363 0.43 33.04 3.17
C LYS E 363 -1.01 33.37 3.59
N GLU E 364 -1.84 33.92 2.70
CA GLU E 364 -3.27 34.10 2.99
C GLU E 364 -3.99 32.77 3.22
N ALA E 365 -3.83 31.80 2.31
CA ALA E 365 -4.51 30.53 2.42
C ALA E 365 -4.19 29.82 3.73
N LEU E 366 -2.92 29.78 4.14
CA LEU E 366 -2.53 29.18 5.41
C LEU E 366 -3.07 29.94 6.60
N GLY E 367 -3.18 31.26 6.53
CA GLY E 367 -3.82 32.05 7.58
C GLY E 367 -5.28 31.65 7.79
N PHE E 368 -6.04 31.52 6.71
CA PHE E 368 -7.43 31.08 6.80
C PHE E 368 -7.56 29.68 7.33
N MET E 369 -6.72 28.75 6.88
CA MET E 369 -6.81 27.40 7.37
C MET E 369 -6.35 27.33 8.82
N ARG E 370 -5.15 27.78 9.16
CA ARG E 370 -4.58 27.57 10.49
C ARG E 370 -5.16 28.48 11.56
N ASN E 371 -5.41 29.76 11.28
CA ASN E 371 -5.90 30.70 12.30
C ASN E 371 -7.41 30.88 12.34
N GLN E 372 -8.08 30.87 11.18
CA GLN E 372 -9.53 31.09 11.10
C GLN E 372 -10.32 29.78 10.94
N HIS E 373 -9.66 28.64 10.75
CA HIS E 373 -10.26 27.32 10.63
C HIS E 373 -11.27 27.18 9.48
N PHE E 374 -11.02 27.81 8.34
CA PHE E 374 -11.81 27.56 7.12
C PHE E 374 -11.26 26.36 6.36
N GLU E 375 -12.09 25.45 5.88
CA GLU E 375 -11.63 24.42 4.94
C GLU E 375 -11.37 25.00 3.57
N VAL E 376 -10.67 24.24 2.72
CA VAL E 376 -10.40 24.60 1.34
C VAL E 376 -11.63 25.05 0.54
N PRO E 377 -12.81 24.40 0.53
CA PRO E 377 -13.93 24.87 -0.27
C PRO E 377 -14.43 26.25 0.17
N PHE E 378 -14.52 26.52 1.47
CA PHE E 378 -14.91 27.85 1.92
C PHE E 378 -13.95 28.92 1.41
N ILE E 379 -12.65 28.68 1.47
CA ILE E 379 -11.66 29.60 0.91
C ILE E 379 -11.85 29.73 -0.60
N ALA E 380 -11.98 28.61 -1.31
CA ALA E 380 -12.08 28.61 -2.75
C ALA E 380 -13.36 29.24 -3.29
N PHE E 381 -14.46 29.27 -2.53
CA PHE E 381 -15.73 29.85 -2.96
C PHE E 381 -16.07 31.19 -2.30
N TYR E 382 -15.69 31.41 -1.03
CA TYR E 382 -16.02 32.62 -0.26
C TYR E 382 -14.85 33.47 0.22
N ARG E 383 -13.60 33.15 -0.09
CA ARG E 383 -12.46 34.05 0.11
C ARG E 383 -11.59 34.18 -1.12
N LYS E 384 -12.11 33.87 -2.31
CA LYS E 384 -11.32 33.82 -3.53
C LYS E 384 -10.61 35.11 -3.88
N GLU E 385 -11.07 36.27 -3.45
CA GLU E 385 -10.36 37.54 -3.64
C GLU E 385 -8.94 37.53 -3.03
N TYR E 386 -8.70 36.79 -1.94
CA TYR E 386 -7.38 36.67 -1.29
C TYR E 386 -6.46 35.60 -1.89
N VAL E 387 -6.96 34.70 -2.74
CA VAL E 387 -6.20 33.52 -3.23
C VAL E 387 -6.17 33.37 -4.74
N GLU E 388 -7.15 33.88 -5.48
CA GLU E 388 -7.03 34.02 -6.93
C GLU E 388 -6.17 35.23 -7.35
N PRO E 389 -5.60 35.22 -8.56
CA PRO E 389 -5.72 34.17 -9.57
C PRO E 389 -4.75 32.99 -9.42
N GLU E 390 -3.79 33.02 -8.51
CA GLU E 390 -2.78 31.96 -8.44
C GLU E 390 -3.33 30.61 -7.97
N LEU E 391 -4.22 30.57 -6.99
CA LEU E 391 -4.64 29.31 -6.39
C LEU E 391 -6.09 28.99 -6.72
N HIS E 392 -6.32 27.88 -7.40
CA HIS E 392 -7.65 27.29 -7.58
C HIS E 392 -7.88 26.22 -6.52
N ILE E 393 -9.08 25.64 -6.44
CA ILE E 393 -9.44 24.75 -5.33
C ILE E 393 -8.48 23.57 -5.15
N ASN E 394 -7.95 22.98 -6.23
CA ASN E 394 -6.94 21.93 -6.08
C ASN E 394 -5.60 22.44 -5.54
N ASP E 395 -5.19 23.66 -5.86
CA ASP E 395 -3.97 24.21 -5.29
C ASP E 395 -4.15 24.49 -3.81
N LEU E 396 -5.32 24.91 -3.39
CA LEU E 396 -5.64 25.06 -1.99
C LEU E 396 -5.62 23.72 -1.27
N TRP E 397 -6.07 22.64 -1.89
CA TRP E 397 -5.85 21.31 -1.32
C TRP E 397 -4.37 20.96 -1.29
N ARG E 398 -3.59 21.29 -2.31
CA ARG E 398 -2.14 21.02 -2.33
C ARG E 398 -1.46 21.77 -1.19
N VAL E 399 -1.77 23.05 -0.96
CA VAL E 399 -1.31 23.80 0.20
C VAL E 399 -1.72 23.13 1.50
N TRP E 400 -2.98 22.73 1.64
CA TRP E 400 -3.46 22.03 2.83
C TRP E 400 -2.71 20.73 3.09
N GLN E 401 -2.40 19.95 2.05
CA GLN E 401 -1.65 18.70 2.19
C GLN E 401 -0.19 18.95 2.57
N TRP E 402 0.42 20.01 2.05
CA TRP E 402 1.80 20.36 2.35
C TRP E 402 1.97 21.02 3.72
N ASP E 403 0.96 21.69 4.27
CA ASP E 403 0.98 22.16 5.65
C ASP E 403 1.17 21.00 6.65
N GLU E 404 0.58 19.84 6.37
CA GLU E 404 0.85 18.64 7.19
C GLU E 404 2.34 18.30 7.17
N LYS E 405 2.97 18.30 5.98
CA LYS E 405 4.40 18.04 5.77
C LYS E 405 5.29 19.11 6.41
N TRP E 406 4.93 20.38 6.33
CA TRP E 406 5.65 21.44 7.04
C TRP E 406 5.57 21.25 8.55
N THR E 407 4.38 21.00 9.10
CA THR E 407 4.23 20.83 10.54
C THR E 407 5.03 19.65 11.03
N GLN E 408 5.03 18.56 10.27
CA GLN E 408 5.79 17.36 10.54
C GLN E 408 7.30 17.63 10.56
N LEU E 409 7.81 18.34 9.55
CA LEU E 409 9.21 18.76 9.50
C LEU E 409 9.57 19.65 10.68
N ARG E 410 8.78 20.67 10.97
CA ARG E 410 9.05 21.58 12.09
C ARG E 410 9.03 20.84 13.42
N ILE E 411 8.12 19.90 13.65
CA ILE E 411 8.14 19.06 14.86
C ILE E 411 9.43 18.27 14.99
N ARG E 412 9.88 17.54 13.95
CA ARG E 412 11.15 16.80 14.06
C ARG E 412 12.35 17.70 14.23
N LYS E 413 12.42 18.77 13.46
CA LYS E 413 13.48 19.77 13.55
C LYS E 413 13.53 20.42 14.92
N GLU E 414 12.41 20.64 15.60
CA GLU E 414 12.41 21.11 16.99
C GLU E 414 12.91 20.04 17.97
N ASN E 415 12.40 18.81 17.90
CA ASN E 415 12.86 17.74 18.79
C ASN E 415 14.33 17.38 18.56
N LEU E 416 14.78 17.34 17.30
CA LEU E 416 16.17 17.15 16.97
C LEU E 416 17.01 18.31 17.49
N THR E 417 16.49 19.54 17.48
CA THR E 417 17.19 20.66 18.12
C THR E 417 17.32 20.44 19.62
N ARG E 418 16.29 19.92 20.29
CA ARG E 418 16.38 19.59 21.72
C ARG E 418 17.47 18.55 21.98
N LEU E 419 17.64 17.57 21.09
CA LEU E 419 18.74 16.61 21.19
C LEU E 419 20.11 17.27 20.98
N PHE E 420 20.26 18.10 19.94
CA PHE E 420 21.52 18.78 19.69
C PHE E 420 21.89 19.69 20.86
N GLU E 421 20.95 20.43 21.43
CA GLU E 421 21.19 21.25 22.61
C GLU E 421 21.60 20.44 23.83
N LYS E 422 20.96 19.30 24.11
CA LYS E 422 21.38 18.41 25.19
C LYS E 422 22.79 17.86 24.96
N MET E 423 23.10 17.43 23.74
CA MET E 423 24.44 16.93 23.42
C MET E 423 25.49 18.03 23.55
N GLN E 424 25.20 19.23 23.07
CA GLN E 424 26.09 20.37 23.21
C GLN E 424 26.35 20.71 24.67
N ALA E 425 25.30 20.72 25.51
CA ALA E 425 25.45 20.89 26.95
C ALA E 425 26.28 19.78 27.59
N TYR E 426 26.07 18.52 27.21
CA TYR E 426 26.81 17.38 27.73
C TYR E 426 28.29 17.45 27.39
N GLN E 427 28.63 17.81 26.16
CA GLN E 427 30.03 18.05 25.82
C GLN E 427 30.64 19.20 26.61
N TYR E 428 29.91 20.31 26.77
CA TYR E 428 30.43 21.44 27.53
C TYR E 428 30.74 21.05 28.98
N GLU E 429 29.90 20.22 29.61
CA GLU E 429 30.16 19.66 30.93
C GLU E 429 31.43 18.77 30.95
N GLN E 430 31.59 17.85 30.00
CA GLN E 430 32.78 16.99 29.94
C GLN E 430 34.07 17.80 29.67
N ILE E 431 34.00 18.83 28.84
CA ILE E 431 35.16 19.68 28.51
C ILE E 431 35.53 20.58 29.70
N SER E 432 34.55 21.16 30.38
CA SER E 432 34.79 22.04 31.55
C SER E 432 35.22 21.28 32.81
N ALA E 433 34.96 19.97 32.91
CA ALA E 433 35.43 19.10 33.98
C ALA E 433 36.98 18.94 34.02
N LEU E 439 42.43 18.30 25.53
CA LEU E 439 41.35 17.47 25.01
C LEU E 439 41.88 16.37 24.08
N ALA E 440 41.31 15.16 24.19
CA ALA E 440 41.72 14.00 23.41
C ALA E 440 41.43 14.16 21.91
N ASP E 441 42.24 13.48 21.08
CA ASP E 441 42.22 13.62 19.62
C ASP E 441 40.87 13.27 18.95
N GLY E 442 40.02 12.47 19.60
CA GLY E 442 38.69 12.09 19.08
C GLY E 442 37.54 13.04 19.43
N ILE E 443 37.78 14.12 20.19
CA ILE E 443 36.71 15.03 20.61
C ILE E 443 36.46 16.09 19.53
N ARG E 444 35.38 15.94 18.74
CA ARG E 444 34.87 17.00 17.87
C ARG E 444 33.78 17.77 18.61
N ALA E 445 33.98 19.06 18.87
CA ALA E 445 33.00 19.84 19.62
C ALA E 445 31.83 20.26 18.72
N LEU E 446 30.59 20.01 19.16
CA LEU E 446 29.38 20.43 18.47
C LEU E 446 29.25 21.95 18.60
N ASP E 447 29.41 22.71 17.52
CA ASP E 447 29.50 24.17 17.56
C ASP E 447 28.28 24.89 16.96
N THR E 448 28.32 26.21 16.90
CA THR E 448 27.22 27.00 16.32
C THR E 448 27.00 26.70 14.84
N THR E 449 28.00 26.24 14.08
CA THR E 449 27.79 25.86 12.68
C THR E 449 27.01 24.56 12.57
N ASP E 450 27.23 23.62 13.49
CA ASP E 450 26.44 22.39 13.57
C ASP E 450 24.96 22.71 13.85
N MET E 451 24.69 23.68 14.72
CA MET E 451 23.33 24.15 14.99
C MET E 451 22.73 24.92 13.81
N GLU E 452 23.48 25.81 13.19
CA GLU E 452 23.01 26.57 12.04
C GLU E 452 22.67 25.65 10.86
N ARG E 453 23.41 24.56 10.64
CA ARG E 453 22.99 23.54 9.65
C ARG E 453 21.61 23.01 9.94
N LEU E 454 21.31 22.68 11.20
CA LEU E 454 20.00 22.12 11.55
C LEU E 454 18.88 23.14 11.38
N LYS E 455 19.06 24.38 11.85
CA LYS E 455 18.06 25.43 11.67
C LYS E 455 17.84 25.75 10.19
N ASP E 456 18.86 25.63 9.35
CA ASP E 456 18.76 25.82 7.91
C ASP E 456 18.18 24.63 7.13
N VAL E 457 17.93 23.46 7.74
CA VAL E 457 17.35 22.29 7.03
C VAL E 457 16.04 22.62 6.31
N GLN E 458 15.94 22.25 5.03
CA GLN E 458 14.77 22.53 4.20
C GLN E 458 13.95 21.29 3.81
N SER E 459 14.33 20.07 4.19
CA SER E 459 13.55 18.88 3.84
C SER E 459 13.78 17.74 4.81
N MET E 460 12.93 16.72 4.81
CA MET E 460 13.20 15.47 5.55
C MET E 460 14.47 14.76 5.08
N ASP E 461 14.90 14.94 3.83
CA ASP E 461 16.19 14.39 3.37
C ASP E 461 17.35 15.09 4.07
N GLU E 462 17.36 16.42 4.06
CA GLU E 462 18.41 17.20 4.70
C GLU E 462 18.38 17.02 6.21
N LEU E 463 17.22 16.83 6.82
CA LEU E 463 17.11 16.49 8.22
C LEU E 463 17.77 15.13 8.49
N LYS E 464 17.51 14.13 7.65
CA LYS E 464 18.08 12.80 7.85
C LYS E 464 19.60 12.84 7.72
N ASP E 465 20.16 13.65 6.82
CA ASP E 465 21.61 13.87 6.72
C ASP E 465 22.19 14.44 8.01
N VAL E 466 21.57 15.47 8.55
CA VAL E 466 22.01 16.13 9.78
C VAL E 466 21.90 15.22 10.98
N TYR E 467 20.86 14.41 11.05
CA TYR E 467 20.75 13.37 12.07
C TYR E 467 21.78 12.24 11.91
N ASN E 468 21.98 11.68 10.71
CA ASN E 468 22.99 10.64 10.49
C ASN E 468 24.41 11.12 10.80
N HIS E 469 24.72 12.36 10.42
CA HIS E 469 25.96 13.00 10.77
C HIS E 469 26.12 13.10 12.28
N PHE E 470 25.10 13.58 12.99
CA PHE E 470 25.14 13.62 14.44
C PHE E 470 25.34 12.24 15.06
N LEU E 471 24.65 11.20 14.59
CA LEU E 471 24.85 9.85 15.12
C LEU E 471 26.26 9.33 14.90
N LEU E 472 26.92 9.67 13.79
CA LEU E 472 28.27 9.20 13.51
C LEU E 472 29.26 9.69 14.56
N TYR E 473 29.20 10.97 14.90
CA TYR E 473 30.14 11.57 15.84
C TYR E 473 29.72 11.43 17.30
N TYR E 474 28.42 11.40 17.62
CA TYR E 474 27.95 11.44 19.00
C TYR E 474 27.07 10.25 19.43
N GLY E 475 26.67 9.39 18.51
CA GLY E 475 25.82 8.23 18.80
C GLY E 475 26.37 7.32 19.90
N ARG E 476 27.70 7.18 19.95
CA ARG E 476 28.41 6.43 20.99
C ARG E 476 28.22 7.01 22.40
N ASP E 477 28.02 8.33 22.52
CA ASP E 477 27.89 9.04 23.79
C ASP E 477 26.44 9.30 24.23
N ILE E 478 25.46 9.16 23.35
CA ILE E 478 24.04 9.38 23.68
C ILE E 478 23.58 8.68 24.97
N PRO E 479 23.85 7.37 25.19
CA PRO E 479 23.41 6.71 26.40
C PRO E 479 24.08 7.30 27.64
N LYS E 480 25.32 7.76 27.51
CA LYS E 480 26.07 8.36 28.61
C LYS E 480 25.45 9.71 28.99
N MET E 481 25.08 10.51 27.99
CA MET E 481 24.37 11.77 28.18
C MET E 481 23.03 11.57 28.91
N GLN E 482 22.21 10.63 28.46
CA GLN E 482 20.90 10.39 29.06
C GLN E 482 21.01 9.87 30.49
N ASN E 483 21.95 8.97 30.79
CA ASN E 483 22.22 8.54 32.16
C ASN E 483 22.77 9.67 33.05
N ALA E 484 23.59 10.57 32.51
CA ALA E 484 24.08 11.77 33.23
C ALA E 484 22.98 12.79 33.54
N ALA E 485 21.97 12.92 32.67
CA ALA E 485 20.83 13.83 32.79
C ALA E 485 19.97 13.63 34.05
N LYS E 486 19.87 12.39 34.57
CA LYS E 486 18.92 11.93 35.60
C LYS E 486 19.04 12.72 36.92
N LEU E 518 19.16 2.80 31.79
CA LEU E 518 19.02 2.43 30.38
C LEU E 518 20.38 2.08 29.78
N LYS E 519 20.47 0.97 29.03
CA LYS E 519 21.72 0.47 28.45
C LYS E 519 21.82 0.62 26.93
N GLN E 520 22.99 1.06 26.50
CA GLN E 520 23.43 1.24 25.12
C GLN E 520 23.07 0.09 24.18
N ALA E 521 22.29 0.34 23.14
CA ALA E 521 22.28 -0.57 21.99
C ALA E 521 23.68 -0.55 21.34
N SER E 522 24.25 -1.70 20.98
CA SER E 522 25.73 -1.77 20.98
C SER E 522 26.41 -1.72 19.62
N ARG E 523 25.78 -2.18 18.53
CA ARG E 523 26.58 -2.59 17.37
C ARG E 523 27.41 -1.49 16.73
N ARG E 524 28.61 -1.94 16.39
CA ARG E 524 29.68 -1.18 15.76
C ARG E 524 29.75 -1.57 14.30
N ASP E 525 29.48 -0.60 13.44
CA ASP E 525 30.09 -0.61 12.12
C ASP E 525 31.60 -0.39 12.37
N MET E 526 32.48 -0.71 11.42
CA MET E 526 33.93 -0.61 11.62
C MET E 526 34.40 0.77 12.15
N TYR E 527 33.64 1.85 11.93
CA TYR E 527 33.98 3.15 12.46
C TYR E 527 34.17 3.21 13.98
N THR E 528 33.28 2.56 14.74
CA THR E 528 33.42 2.57 16.20
C THR E 528 34.61 1.74 16.66
N ILE E 529 34.95 0.67 15.93
CA ILE E 529 36.16 -0.11 16.19
C ILE E 529 37.37 0.80 15.96
N CYS E 530 37.42 1.50 14.82
CA CYS E 530 38.49 2.43 14.53
C CYS E 530 38.61 3.55 15.58
N GLN E 531 37.52 4.12 16.06
CA GLN E 531 37.59 5.05 17.20
C GLN E 531 38.05 4.41 18.51
N SER E 532 37.63 3.20 18.83
CA SER E 532 38.14 2.48 20.02
C SER E 532 39.64 2.19 19.95
N ALA E 533 40.17 1.96 18.74
CA ALA E 533 41.59 1.87 18.45
C ALA E 533 42.28 3.24 18.38
N GLY E 534 41.54 4.33 18.50
CA GLY E 534 42.07 5.68 18.54
C GLY E 534 42.61 6.20 17.20
N LEU E 535 42.13 5.67 16.07
CA LEU E 535 42.63 6.12 14.77
C LEU E 535 42.32 7.58 14.45
N ASP E 536 41.55 8.32 15.27
CA ASP E 536 41.22 9.74 15.02
C ASP E 536 42.46 10.59 14.73
N GLY E 537 43.54 10.34 15.46
CA GLY E 537 44.80 11.06 15.27
C GLY E 537 45.42 10.83 13.90
N LEU E 538 45.13 9.68 13.25
CA LEU E 538 45.56 9.38 11.90
C LEU E 538 44.53 9.81 10.85
N ALA E 539 43.23 9.59 11.07
CA ALA E 539 42.18 9.97 10.14
C ALA E 539 42.20 11.48 9.85
N LYS E 540 42.41 12.30 10.89
CA LYS E 540 42.57 13.76 10.74
C LYS E 540 43.76 14.17 9.89
N LYS E 541 44.79 13.32 9.74
CA LYS E 541 46.01 13.64 8.99
C LYS E 541 45.92 13.45 7.48
N PHE E 542 44.80 12.98 6.92
CA PHE E 542 44.64 12.90 5.46
C PHE E 542 44.66 14.26 4.77
N GLY E 543 44.38 15.36 5.48
CA GLY E 543 44.49 16.73 4.99
C GLY E 543 43.24 17.56 5.20
N LEU E 544 42.33 17.58 4.22
CA LEU E 544 41.04 18.25 4.35
C LEU E 544 40.20 17.58 5.44
N THR E 545 39.55 18.38 6.29
CA THR E 545 38.42 17.88 7.08
C THR E 545 37.19 17.68 6.17
N PRO E 546 36.23 16.82 6.55
CA PRO E 546 35.10 16.46 5.68
C PRO E 546 34.33 17.67 5.14
N GLU E 547 34.13 18.71 5.93
CA GLU E 547 33.43 19.92 5.48
C GLU E 547 34.24 20.63 4.38
N GLN E 548 35.55 20.76 4.53
CA GLN E 548 36.38 21.42 3.54
C GLN E 548 36.34 20.68 2.21
N PHE E 549 36.36 19.35 2.24
CA PHE E 549 36.13 18.55 1.04
C PHE E 549 34.72 18.78 0.47
N GLY E 550 33.72 18.86 1.35
CA GLY E 550 32.38 19.29 0.98
C GLY E 550 32.37 20.63 0.27
N GLU E 551 33.13 21.61 0.74
CA GLU E 551 33.18 22.92 0.10
C GLU E 551 33.89 22.87 -1.26
N ASN E 552 34.98 22.11 -1.38
CA ASN E 552 35.60 21.90 -2.69
C ASN E 552 34.63 21.22 -3.67
N LEU E 553 33.82 20.25 -3.21
CA LEU E 553 32.76 19.63 -4.01
C LEU E 553 31.66 20.62 -4.40
N ARG E 554 31.14 21.36 -3.42
CA ARG E 554 30.12 22.38 -3.61
C ARG E 554 30.54 23.39 -4.66
N ASP E 555 31.77 23.88 -4.57
CA ASP E 555 32.28 24.97 -5.39
C ASP E 555 32.99 24.53 -6.69
N SER E 556 33.27 23.24 -6.88
CA SER E 556 33.92 22.67 -8.07
C SER E 556 35.35 23.17 -8.34
N TYR E 557 36.07 23.60 -7.30
CA TYR E 557 37.51 23.89 -7.33
C TYR E 557 38.08 23.72 -5.92
N GLN E 558 39.41 23.63 -5.76
CA GLN E 558 40.00 23.58 -4.42
C GLN E 558 39.92 24.93 -3.69
N ARG E 559 38.77 25.25 -3.10
CA ARG E 559 38.64 26.37 -2.17
C ARG E 559 39.54 26.19 -0.96
N HIS E 560 39.68 24.96 -0.49
CA HIS E 560 40.64 24.55 0.53
C HIS E 560 41.77 23.75 -0.10
N GLU E 561 43.01 24.17 0.17
CA GLU E 561 44.21 23.42 -0.16
C GLU E 561 44.43 22.27 0.82
N THR E 562 44.85 21.12 0.32
CA THR E 562 45.07 19.94 1.15
C THR E 562 46.24 20.13 2.12
N GLU E 563 45.98 20.20 3.42
CA GLU E 563 47.05 20.24 4.43
C GLU E 563 47.89 18.96 4.39
N GLN E 564 49.21 19.08 4.34
CA GLN E 564 50.10 17.95 4.13
C GLN E 564 50.93 17.63 5.38
N PHE E 565 50.79 16.41 5.90
CA PHE E 565 51.64 15.91 6.99
C PHE E 565 53.05 15.57 6.47
N PRO E 566 54.14 15.83 7.23
CA PRO E 566 55.52 15.76 6.72
C PRO E 566 56.12 14.35 6.59
N ALA E 567 55.35 13.28 6.78
CA ALA E 567 55.79 11.87 6.71
C ALA E 567 54.98 11.06 5.67
N GLU E 568 55.48 9.93 5.17
CA GLU E 568 54.66 8.99 4.41
C GLU E 568 53.61 8.29 5.28
N PRO E 569 52.41 7.97 4.73
CA PRO E 569 51.32 7.44 5.55
C PRO E 569 51.67 6.08 6.13
N LEU E 570 52.37 5.24 5.35
CA LEU E 570 52.76 3.90 5.75
C LEU E 570 53.80 3.90 6.89
N GLU E 571 54.65 4.93 6.98
CA GLU E 571 55.53 5.14 8.15
C GLU E 571 54.77 5.72 9.36
N LEU E 572 53.89 6.70 9.14
CA LEU E 572 53.09 7.33 10.20
C LEU E 572 52.14 6.34 10.90
N ALA E 573 51.63 5.36 10.15
CA ALA E 573 50.72 4.35 10.64
C ALA E 573 51.31 3.49 11.78
N LYS E 574 52.63 3.38 11.91
CA LYS E 574 53.29 2.54 12.93
C LYS E 574 52.95 2.92 14.37
N ASP E 575 52.62 4.18 14.63
CA ASP E 575 52.32 4.67 15.99
C ASP E 575 50.98 4.14 16.54
N TYR E 576 50.09 3.63 15.69
CA TYR E 576 48.73 3.20 16.06
C TYR E 576 48.52 1.68 16.00
N VAL E 577 49.58 0.90 15.76
CA VAL E 577 49.53 -0.57 15.74
C VAL E 577 49.21 -1.14 17.13
N CYS E 578 48.21 -2.02 17.21
CA CYS E 578 47.80 -2.73 18.42
C CYS E 578 47.22 -4.11 18.07
N SER E 579 46.58 -4.80 19.01
CA SER E 579 45.98 -6.12 18.76
C SER E 579 44.88 -6.09 17.70
N GLN E 580 44.13 -4.98 17.56
CA GLN E 580 43.05 -4.89 16.57
C GLN E 580 43.56 -4.52 15.17
N PHE E 581 44.64 -3.74 15.09
CA PHE E 581 45.33 -3.36 13.86
C PHE E 581 46.82 -3.72 13.94
N PRO E 582 47.22 -4.97 13.61
CA PRO E 582 48.57 -5.46 13.83
C PRO E 582 49.64 -4.95 12.84
N THR E 583 49.26 -4.39 11.70
CA THR E 583 50.21 -3.99 10.63
C THR E 583 49.96 -2.56 10.13
N PRO E 584 50.99 -1.83 9.65
CA PRO E 584 50.79 -0.53 9.00
C PRO E 584 49.80 -0.56 7.84
N GLU E 585 49.74 -1.63 7.06
CA GLU E 585 48.75 -1.78 5.99
C GLU E 585 47.32 -1.88 6.55
N ALA E 586 47.13 -2.57 7.68
CA ALA E 586 45.82 -2.67 8.34
C ALA E 586 45.45 -1.36 9.04
N VAL E 587 46.39 -0.66 9.68
CA VAL E 587 46.12 0.65 10.28
C VAL E 587 45.64 1.64 9.22
N LEU E 588 46.26 1.70 8.04
CA LEU E 588 45.74 2.52 6.94
C LEU E 588 44.40 2.03 6.42
N GLU E 589 44.16 0.72 6.33
CA GLU E 589 42.84 0.24 5.90
C GLU E 589 41.73 0.65 6.88
N GLY E 590 41.97 0.57 8.20
CA GLY E 590 41.08 1.08 9.24
C GLY E 590 40.90 2.60 9.19
N ALA E 591 41.97 3.38 9.07
CA ALA E 591 41.88 4.84 8.98
C ALA E 591 41.21 5.31 7.69
N ARG E 592 41.47 4.67 6.55
CA ARG E 592 40.75 4.97 5.30
C ARG E 592 39.28 4.70 5.45
N TYR E 593 38.88 3.63 6.15
CA TYR E 593 37.47 3.41 6.40
C TYR E 593 36.87 4.55 7.22
N MET E 594 37.56 4.94 8.29
CA MET E 594 37.09 5.97 9.21
C MET E 594 36.94 7.33 8.50
N VAL E 595 37.88 7.71 7.65
CA VAL E 595 37.76 8.87 6.75
C VAL E 595 36.67 8.68 5.71
N ALA E 596 36.54 7.50 5.10
CA ALA E 596 35.52 7.27 4.08
C ALA E 596 34.10 7.44 4.64
N LEU E 597 33.86 6.99 5.88
CA LEU E 597 32.55 7.16 6.49
C LEU E 597 32.29 8.62 6.85
N GLN E 598 33.30 9.36 7.33
CA GLN E 598 33.17 10.79 7.59
C GLN E 598 32.84 11.57 6.33
N ILE E 599 33.43 11.26 5.19
CA ILE E 599 33.04 11.90 3.93
C ILE E 599 31.59 11.56 3.61
N ALA E 600 31.19 10.30 3.71
CA ALA E 600 29.84 9.86 3.34
C ALA E 600 28.71 10.39 4.25
N ARG E 601 29.01 10.75 5.49
CA ARG E 601 28.05 11.32 6.44
C ARG E 601 28.25 12.81 6.68
N GLU E 602 29.00 13.52 5.86
CA GLU E 602 29.03 14.97 5.94
C GLU E 602 27.79 15.57 5.26
N PRO E 603 26.94 16.34 5.96
CA PRO E 603 25.73 16.92 5.41
C PRO E 603 25.98 17.68 4.12
N LEU E 604 27.04 18.49 4.06
CA LEU E 604 27.38 19.22 2.84
C LEU E 604 27.78 18.29 1.69
N VAL E 605 28.53 17.22 1.94
CA VAL E 605 28.90 16.28 0.87
C VAL E 605 27.66 15.55 0.39
N ARG E 606 26.80 15.08 1.29
CA ARG E 606 25.54 14.42 0.91
C ARG E 606 24.65 15.38 0.13
N GLN E 607 24.48 16.61 0.59
CA GLN E 607 23.67 17.62 -0.08
C GLN E 607 24.18 17.88 -1.50
N VAL E 608 25.49 18.10 -1.66
CA VAL E 608 26.10 18.34 -2.96
C VAL E 608 26.00 17.12 -3.86
N LEU E 609 26.25 15.93 -3.31
CA LEU E 609 26.17 14.74 -4.12
C LEU E 609 24.73 14.43 -4.50
N ARG E 610 23.77 14.49 -3.58
CA ARG E 610 22.33 14.33 -3.88
C ARG E 610 21.89 15.30 -4.97
N GLN E 611 22.25 16.57 -4.86
CA GLN E 611 21.97 17.58 -5.88
C GLN E 611 22.54 17.17 -7.24
N THR E 612 23.78 16.68 -7.26
CA THR E 612 24.45 16.18 -8.46
C THR E 612 23.84 14.88 -9.00
N PHE E 613 23.41 13.98 -8.13
CA PHE E 613 22.90 12.66 -8.47
C PHE E 613 21.53 12.84 -9.14
N GLN E 614 20.66 13.70 -8.61
CA GLN E 614 19.42 14.07 -9.30
C GLN E 614 19.64 14.68 -10.68
N GLU E 615 20.74 15.40 -10.93
CA GLU E 615 21.03 15.88 -12.28
C GLU E 615 21.56 14.77 -13.20
N ARG E 616 22.50 13.96 -12.72
CA ARG E 616 23.29 13.04 -13.55
C ARG E 616 22.83 11.58 -13.56
N ALA E 617 22.06 11.13 -12.58
CA ALA E 617 21.70 9.72 -12.42
C ALA E 617 21.19 9.07 -13.69
N LYS E 618 21.73 7.88 -13.97
CA LYS E 618 21.41 7.02 -15.08
C LYS E 618 20.75 5.79 -14.50
N LEU E 619 19.66 5.34 -15.09
CA LEU E 619 18.95 4.12 -14.71
C LEU E 619 19.35 3.02 -15.68
N ASN E 620 19.75 1.88 -15.14
CA ASN E 620 20.08 0.67 -15.87
C ASN E 620 19.17 -0.46 -15.39
N ILE E 621 18.68 -1.29 -16.31
CA ILE E 621 17.78 -2.39 -16.01
C ILE E 621 18.23 -3.64 -16.76
N THR E 622 18.29 -4.77 -16.06
CA THR E 622 18.51 -6.09 -16.68
C THR E 622 17.49 -7.11 -16.18
N PRO E 623 16.95 -7.98 -17.06
CA PRO E 623 16.00 -8.99 -16.67
C PRO E 623 16.70 -10.15 -15.98
N THR E 624 16.06 -10.73 -14.98
CA THR E 624 16.56 -11.96 -14.35
C THR E 624 16.33 -13.19 -15.24
N LYS E 625 16.83 -14.35 -14.83
CA LYS E 625 16.48 -15.65 -15.45
C LYS E 625 14.98 -15.92 -15.51
N LYS E 626 14.20 -15.47 -14.51
CA LYS E 626 12.74 -15.41 -14.59
C LYS E 626 12.25 -14.39 -15.62
N GLY E 627 12.79 -13.18 -15.59
CA GLY E 627 12.38 -12.09 -16.47
C GLY E 627 12.52 -12.34 -17.97
N ARG E 628 13.59 -13.01 -18.42
CA ARG E 628 13.76 -13.33 -19.84
C ARG E 628 12.68 -14.27 -20.39
N LYS E 629 12.09 -15.12 -19.54
CA LYS E 629 10.97 -15.99 -19.92
C LYS E 629 9.62 -15.31 -19.75
N ASP E 630 9.39 -14.59 -18.64
CA ASP E 630 8.05 -14.07 -18.32
C ASP E 630 7.72 -12.71 -18.93
N VAL E 631 8.69 -11.84 -19.22
CA VAL E 631 8.38 -10.54 -19.86
C VAL E 631 8.27 -10.72 -21.37
N ASP E 632 7.12 -11.24 -21.78
CA ASP E 632 6.75 -11.48 -23.18
C ASP E 632 6.22 -10.20 -23.84
N GLU E 633 5.71 -10.29 -25.07
CA GLU E 633 5.24 -9.11 -25.80
C GLU E 633 4.06 -8.40 -25.11
N ALA E 634 3.18 -9.14 -24.44
CA ALA E 634 1.98 -8.58 -23.82
C ALA E 634 2.22 -8.02 -22.40
N HIS E 635 3.25 -8.48 -21.69
CA HIS E 635 3.52 -8.08 -20.31
C HIS E 635 3.76 -6.57 -20.18
N TYR E 636 3.33 -5.96 -19.08
CA TYR E 636 3.44 -4.51 -18.87
C TYR E 636 4.89 -4.01 -18.89
N ALA E 637 5.85 -4.83 -18.47
CA ALA E 637 7.27 -4.49 -18.47
C ALA E 637 7.96 -4.58 -19.83
N TYR E 638 7.26 -4.91 -20.92
CA TYR E 638 7.90 -5.15 -22.21
C TYR E 638 8.76 -4.02 -22.76
N SER E 639 8.32 -2.77 -22.70
CA SER E 639 9.00 -1.67 -23.40
C SER E 639 10.33 -1.29 -22.76
N PHE E 640 10.63 -1.77 -21.55
CA PHE E 640 11.79 -1.37 -20.75
C PHE E 640 12.56 -2.51 -20.08
N LYS E 641 12.37 -3.79 -20.44
CA LYS E 641 13.07 -4.92 -19.77
C LYS E 641 14.60 -4.88 -19.85
N TYR E 642 15.17 -4.18 -20.82
CA TYR E 642 16.60 -3.89 -20.87
C TYR E 642 16.76 -2.38 -21.08
N LEU E 643 17.25 -1.65 -20.08
CA LEU E 643 17.60 -0.23 -20.24
C LEU E 643 19.07 -0.04 -19.91
N LYS E 644 19.74 0.78 -20.70
CA LYS E 644 21.13 1.16 -20.49
C LYS E 644 21.26 2.66 -20.56
N ASN E 645 21.83 3.24 -19.51
CA ASN E 645 22.16 4.65 -19.40
C ASN E 645 20.98 5.63 -19.62
N LYS E 646 19.74 5.27 -19.29
CA LYS E 646 18.58 6.19 -19.42
C LYS E 646 18.61 7.23 -18.30
N PRO E 647 18.67 8.55 -18.57
CA PRO E 647 18.62 9.56 -17.52
C PRO E 647 17.30 9.48 -16.76
N VAL E 648 17.31 9.56 -15.43
CA VAL E 648 16.04 9.58 -14.67
C VAL E 648 15.15 10.76 -15.03
N LYS E 649 15.72 11.87 -15.53
CA LYS E 649 14.97 13.01 -16.10
C LYS E 649 14.10 12.66 -17.29
N GLU E 650 14.23 11.47 -17.86
CA GLU E 650 13.53 11.04 -19.06
C GLU E 650 12.53 9.92 -18.81
N LEU E 651 12.32 9.50 -17.55
CA LEU E 651 11.20 8.64 -17.18
C LEU E 651 9.91 9.45 -17.29
N ARG E 652 8.85 8.88 -17.88
CA ARG E 652 7.59 9.60 -18.14
C ARG E 652 6.44 9.05 -17.31
N ASP E 653 5.61 9.94 -16.78
CA ASP E 653 4.35 9.61 -16.10
C ASP E 653 4.51 8.52 -15.02
N ASP E 654 3.86 7.36 -15.16
CA ASP E 654 3.92 6.22 -14.24
C ASP E 654 5.05 5.22 -14.52
N GLN E 655 5.94 5.45 -15.50
CA GLN E 655 6.88 4.42 -15.95
C GLN E 655 7.71 3.84 -14.82
N PHE E 656 8.15 4.64 -13.86
CA PHE E 656 8.98 4.11 -12.78
C PHE E 656 8.21 3.20 -11.82
N LEU E 657 6.90 3.40 -11.63
CA LEU E 657 6.09 2.48 -10.84
C LEU E 657 5.98 1.12 -11.52
N LYS E 658 5.79 1.08 -12.84
CA LYS E 658 5.82 -0.19 -13.60
C LYS E 658 7.18 -0.88 -13.46
N ILE E 659 8.28 -0.14 -13.43
CA ILE E 659 9.62 -0.69 -13.20
C ILE E 659 9.74 -1.27 -11.79
N CYS E 660 9.35 -0.56 -10.74
CA CYS E 660 9.39 -1.13 -9.41
C CYS E 660 8.46 -2.34 -9.23
N LEU E 661 7.28 -2.37 -9.86
CA LEU E 661 6.44 -3.56 -9.84
C LEU E 661 7.12 -4.75 -10.51
N ALA E 662 7.72 -4.55 -11.68
CA ALA E 662 8.44 -5.62 -12.34
C ALA E 662 9.67 -6.10 -11.55
N GLU E 663 10.33 -5.22 -10.80
CA GLU E 663 11.43 -5.59 -9.92
C GLU E 663 10.92 -6.36 -8.69
N ASP E 664 9.82 -5.92 -8.08
CA ASP E 664 9.20 -6.61 -6.94
C ASP E 664 8.67 -8.00 -7.31
N GLU E 665 8.20 -8.20 -8.53
CA GLU E 665 7.86 -9.52 -9.09
C GLU E 665 9.11 -10.39 -9.39
N GLY E 666 10.31 -9.86 -9.18
CA GLY E 666 11.57 -10.54 -9.46
C GLY E 666 11.89 -10.69 -10.95
N LEU E 667 11.24 -9.94 -11.83
CA LEU E 667 11.43 -10.02 -13.28
C LEU E 667 12.64 -9.23 -13.72
N LEU E 668 12.89 -8.11 -13.06
CA LEU E 668 13.95 -7.17 -13.44
C LEU E 668 14.84 -6.91 -12.24
N THR E 669 16.04 -6.45 -12.51
CA THR E 669 16.95 -5.85 -11.54
C THR E 669 17.31 -4.46 -12.03
N THR E 670 17.13 -3.46 -11.17
CA THR E 670 17.37 -2.05 -11.48
C THR E 670 18.63 -1.58 -10.78
N ASP E 671 19.34 -0.69 -11.43
CA ASP E 671 20.61 -0.16 -10.95
C ASP E 671 20.65 1.32 -11.30
N ILE E 672 20.90 2.19 -10.31
CA ILE E 672 21.00 3.63 -10.53
C ILE E 672 22.44 4.05 -10.25
N SER E 673 23.13 4.58 -11.27
CA SER E 673 24.52 5.02 -11.18
C SER E 673 24.66 6.44 -11.66
N ILE E 674 25.55 7.20 -11.04
CA ILE E 674 25.89 8.54 -11.53
C ILE E 674 26.76 8.50 -12.80
N ASP E 675 27.39 7.36 -13.08
CA ASP E 675 28.28 7.15 -14.24
C ASP E 675 27.53 6.54 -15.43
N LEU E 676 28.02 6.80 -16.65
CA LEU E 676 27.67 6.00 -17.83
C LEU E 676 28.36 4.64 -17.73
N LYS E 677 27.61 3.55 -17.87
CA LYS E 677 28.16 2.18 -17.92
C LYS E 677 28.52 1.77 -19.35
N GLY E 678 29.71 1.20 -19.51
CA GLY E 678 30.35 0.87 -20.77
C GLY E 678 31.82 0.46 -20.56
N VAL E 679 32.41 -0.21 -21.55
CA VAL E 679 33.77 -0.78 -21.47
C VAL E 679 34.88 0.17 -21.96
N GLU E 680 34.54 1.36 -22.45
CA GLU E 680 35.47 2.32 -23.04
C GLU E 680 36.47 2.95 -22.02
N GLY E 681 37.71 3.20 -22.46
CA GLY E 681 38.71 3.98 -21.69
C GLY E 681 38.25 5.41 -21.39
N TYR E 682 37.68 6.09 -22.39
CA TYR E 682 36.98 7.35 -22.21
C TYR E 682 35.76 7.21 -21.26
N GLY E 683 35.04 6.09 -21.34
CA GLY E 683 33.95 5.77 -20.41
C GLY E 683 34.39 5.80 -18.94
N ASN E 684 35.56 5.23 -18.64
CA ASN E 684 36.15 5.28 -17.31
C ASN E 684 36.65 6.69 -16.94
N ASP E 685 37.33 7.40 -17.84
CA ASP E 685 37.78 8.79 -17.64
C ASP E 685 36.62 9.77 -17.37
N GLN E 686 35.46 9.52 -17.97
CA GLN E 686 34.26 10.36 -17.85
C GLN E 686 33.51 10.13 -16.51
N THR E 687 33.89 9.13 -15.69
CA THR E 687 33.21 8.84 -14.42
C THR E 687 33.31 9.98 -13.41
N TYR E 688 32.31 10.06 -12.53
CA TYR E 688 32.22 11.09 -11.51
C TYR E 688 33.41 11.03 -10.54
N PHE E 689 33.88 9.82 -10.21
CA PHE E 689 35.04 9.65 -9.33
C PHE E 689 36.34 10.27 -9.87
N GLU E 690 36.61 10.13 -11.17
CA GLU E 690 37.74 10.78 -11.83
C GLU E 690 37.62 12.31 -11.82
N GLU E 691 36.40 12.86 -11.74
CA GLU E 691 36.23 14.30 -11.56
C GLU E 691 36.57 14.69 -10.12
N ILE E 692 35.97 14.05 -9.12
CA ILE E 692 36.10 14.54 -7.74
C ILE E 692 37.41 14.24 -7.04
N LYS E 693 38.19 13.22 -7.47
CA LYS E 693 39.47 12.91 -6.78
C LYS E 693 40.38 14.14 -6.73
N GLN E 694 40.25 14.99 -7.75
CA GLN E 694 40.97 16.24 -7.95
C GLN E 694 40.72 17.25 -6.82
N PHE E 695 39.60 17.16 -6.10
CA PHE E 695 39.25 18.03 -4.98
C PHE E 695 39.88 17.65 -3.64
N TYR E 696 40.61 16.52 -3.56
CA TYR E 696 41.38 16.11 -2.37
C TYR E 696 42.87 15.84 -2.65
N TYR E 697 43.29 15.68 -3.92
CA TYR E 697 44.71 15.48 -4.26
C TYR E 697 45.52 16.74 -3.96
N ARG E 698 46.74 16.56 -3.47
CA ARG E 698 47.73 17.65 -3.44
C ARG E 698 48.60 17.57 -4.68
N ASP E 699 48.65 18.64 -5.46
CA ASP E 699 49.29 18.66 -6.77
C ASP E 699 50.82 18.84 -6.69
N GLU E 700 51.52 17.85 -6.12
CA GLU E 700 52.97 17.79 -5.99
C GLU E 700 53.47 16.39 -6.36
N PHE E 701 54.59 16.28 -7.07
CA PHE E 701 55.06 15.01 -7.64
C PHE E 701 55.98 14.18 -6.72
N SER E 702 56.25 14.63 -5.50
CA SER E 702 57.14 13.92 -4.57
C SER E 702 56.53 12.60 -4.11
N HIS E 703 57.31 11.52 -4.01
CA HIS E 703 56.80 10.18 -3.67
C HIS E 703 55.97 10.16 -2.37
N GLN E 704 56.34 10.97 -1.38
CA GLN E 704 55.57 11.14 -0.15
C GLN E 704 54.13 11.57 -0.44
N VAL E 705 53.95 12.57 -1.31
CA VAL E 705 52.65 13.05 -1.76
C VAL E 705 51.98 12.08 -2.74
N GLN E 706 52.73 11.38 -3.60
CA GLN E 706 52.16 10.37 -4.47
C GLN E 706 51.46 9.28 -3.63
N GLU E 707 52.11 8.79 -2.58
CA GLU E 707 51.51 7.77 -1.70
C GLU E 707 50.35 8.29 -0.86
N TRP E 708 50.39 9.53 -0.33
CA TRP E 708 49.21 10.10 0.32
C TRP E 708 48.05 10.29 -0.66
N ASN E 709 48.30 10.77 -1.89
CA ASN E 709 47.25 10.83 -2.92
C ASN E 709 46.68 9.44 -3.24
N ARG E 710 47.46 8.37 -3.20
CA ARG E 710 46.91 7.00 -3.33
C ARG E 710 45.96 6.64 -2.17
N GLN E 711 46.31 6.97 -0.93
CA GLN E 711 45.41 6.76 0.21
C GLN E 711 44.16 7.65 0.09
N ARG E 712 44.27 8.93 -0.29
CA ARG E 712 43.11 9.80 -0.55
C ARG E 712 42.22 9.24 -1.65
N THR E 713 42.79 8.75 -2.75
CA THR E 713 42.05 8.06 -3.81
C THR E 713 41.24 6.89 -3.27
N MET E 714 41.84 6.02 -2.47
CA MET E 714 41.12 4.86 -1.91
C MET E 714 40.11 5.23 -0.83
N ALA E 715 40.28 6.33 -0.11
CA ALA E 715 39.27 6.82 0.83
C ALA E 715 38.05 7.39 0.09
N ILE E 716 38.23 8.20 -0.96
CA ILE E 716 37.10 8.68 -1.76
C ILE E 716 36.45 7.53 -2.52
N GLU E 717 37.20 6.61 -3.11
CA GLU E 717 36.59 5.45 -3.78
C GLU E 717 35.69 4.67 -2.82
N ARG E 718 36.14 4.41 -1.59
CA ARG E 718 35.31 3.73 -0.59
C ARG E 718 34.13 4.58 -0.13
N ALA E 719 34.29 5.89 0.02
CA ALA E 719 33.22 6.79 0.40
C ALA E 719 32.10 6.85 -0.65
N LEU E 720 32.44 6.95 -1.94
CA LEU E 720 31.45 6.92 -3.00
C LEU E 720 30.85 5.53 -3.14
N GLN E 721 31.64 4.47 -3.32
CA GLN E 721 31.08 3.18 -3.72
C GLN E 721 30.36 2.42 -2.62
N GLN E 722 30.84 2.45 -1.38
CA GLN E 722 30.23 1.65 -0.31
C GLN E 722 29.12 2.38 0.44
N PHE E 723 29.17 3.71 0.54
CA PHE E 723 28.13 4.48 1.23
C PHE E 723 27.29 5.34 0.30
N LEU E 724 27.88 6.31 -0.38
CA LEU E 724 27.08 7.34 -1.05
C LEU E 724 26.35 6.81 -2.27
N TYR E 725 26.99 6.13 -3.20
CA TYR E 725 26.29 5.59 -4.37
C TYR E 725 25.17 4.64 -3.98
N VAL E 726 25.32 3.85 -2.92
CA VAL E 726 24.22 3.01 -2.41
C VAL E 726 23.10 3.84 -1.80
N GLN E 727 23.41 4.77 -0.90
CA GLN E 727 22.40 5.56 -0.21
C GLN E 727 21.67 6.56 -1.12
N MET E 728 22.38 7.24 -2.02
CA MET E 728 21.77 8.13 -3.01
C MET E 728 20.90 7.37 -3.99
N ALA E 729 21.29 6.17 -4.44
CA ALA E 729 20.44 5.38 -5.31
C ALA E 729 19.14 4.99 -4.62
N LYS E 730 19.16 4.64 -3.32
CA LYS E 730 17.95 4.33 -2.57
C LYS E 730 17.07 5.57 -2.34
N GLU E 731 17.63 6.72 -1.96
CA GLU E 731 16.85 7.95 -1.83
C GLU E 731 16.20 8.37 -3.15
N LEU E 732 16.94 8.37 -4.25
CA LEU E 732 16.43 8.72 -5.56
C LEU E 732 15.40 7.71 -6.08
N LYS E 733 15.57 6.42 -5.83
CA LYS E 733 14.55 5.40 -6.16
C LYS E 733 13.24 5.71 -5.46
N ASN E 734 13.26 6.03 -4.17
CA ASN E 734 12.05 6.41 -3.45
C ASN E 734 11.40 7.68 -4.02
N LYS E 735 12.15 8.70 -4.42
CA LYS E 735 11.57 9.89 -5.08
C LYS E 735 10.96 9.59 -6.44
N LEU E 736 11.63 8.85 -7.29
CA LEU E 736 11.06 8.50 -8.59
C LEU E 736 9.80 7.66 -8.43
N LEU E 737 9.77 6.78 -7.43
CA LEU E 737 8.61 5.97 -7.15
C LEU E 737 7.46 6.80 -6.58
N ALA E 738 7.72 7.72 -5.65
CA ALA E 738 6.73 8.66 -5.14
C ALA E 738 6.14 9.56 -6.23
N GLU E 739 6.95 10.11 -7.14
CA GLU E 739 6.43 10.85 -8.31
C GLU E 739 5.55 10.02 -9.21
N ALA E 740 5.92 8.76 -9.48
CA ALA E 740 5.12 7.87 -10.30
C ALA E 740 3.82 7.44 -9.62
N LYS E 741 3.82 7.17 -8.31
CA LYS E 741 2.60 6.91 -7.54
C LYS E 741 1.71 8.15 -7.50
N GLU E 742 2.26 9.33 -7.29
CA GLU E 742 1.48 10.56 -7.33
C GLU E 742 0.88 10.85 -8.71
N TYR E 743 1.54 10.54 -9.82
CA TYR E 743 0.88 10.61 -11.12
C TYR E 743 -0.32 9.67 -11.20
N VAL E 744 -0.21 8.42 -10.75
CA VAL E 744 -1.34 7.50 -10.77
C VAL E 744 -2.49 8.02 -9.90
N ILE E 745 -2.20 8.54 -8.71
CA ILE E 745 -3.22 9.17 -7.87
C ILE E 745 -3.86 10.35 -8.58
N LYS E 746 -3.11 11.26 -9.19
CA LYS E 746 -3.66 12.38 -9.97
C LYS E 746 -4.49 11.90 -11.15
N ALA E 747 -4.09 10.83 -11.83
CA ALA E 747 -4.87 10.22 -12.90
C ALA E 747 -6.19 9.62 -12.40
N CYS E 748 -6.25 9.07 -11.18
CA CYS E 748 -7.50 8.62 -10.59
C CYS E 748 -8.45 9.79 -10.30
N SER E 749 -7.99 10.80 -9.58
CA SER E 749 -8.78 12.01 -9.32
C SER E 749 -9.24 12.73 -10.57
N ARG E 750 -8.41 12.86 -11.60
CA ARG E 750 -8.84 13.44 -12.89
C ARG E 750 -9.95 12.64 -13.55
N LYS E 751 -10.00 11.31 -13.36
CA LYS E 751 -11.09 10.49 -13.88
C LYS E 751 -12.36 10.65 -13.06
N LEU E 752 -12.27 10.65 -11.73
CA LEU E 752 -13.42 10.91 -10.87
C LEU E 752 -14.04 12.28 -11.10
N TYR E 753 -13.23 13.32 -11.25
CA TYR E 753 -13.69 14.66 -11.62
C TYR E 753 -14.54 14.64 -12.89
N ASN E 754 -14.07 13.95 -13.94
CA ASN E 754 -14.80 13.80 -15.20
C ASN E 754 -16.13 13.05 -15.07
N TRP E 755 -16.34 12.23 -14.03
CA TRP E 755 -17.64 11.60 -13.75
C TRP E 755 -18.56 12.50 -12.93
N LEU E 756 -18.09 13.15 -11.88
CA LEU E 756 -18.95 13.96 -11.02
C LEU E 756 -19.39 15.28 -11.67
N ARG E 757 -18.62 15.83 -12.62
CA ARG E 757 -18.95 17.08 -13.31
C ARG E 757 -20.12 17.03 -14.30
N VAL E 758 -20.74 15.88 -14.54
CA VAL E 758 -21.86 15.76 -15.49
C VAL E 758 -23.15 16.23 -14.81
N ALA E 759 -23.89 17.14 -15.44
CA ALA E 759 -25.12 17.71 -14.90
C ALA E 759 -26.31 16.73 -15.00
N PRO E 760 -27.40 16.96 -14.26
CA PRO E 760 -28.67 16.26 -14.46
C PRO E 760 -29.11 16.32 -15.91
N TYR E 761 -29.69 15.25 -16.44
CA TYR E 761 -30.24 15.30 -17.79
C TYR E 761 -31.43 16.27 -17.82
N ARG E 762 -31.47 17.21 -18.77
CA ARG E 762 -32.67 18.03 -19.03
C ARG E 762 -33.20 17.75 -20.44
N PRO E 763 -34.47 17.34 -20.61
CA PRO E 763 -35.01 16.97 -21.92
C PRO E 763 -34.86 18.08 -22.95
N ASP E 764 -34.61 17.71 -24.21
CA ASP E 764 -34.32 18.67 -25.28
C ASP E 764 -35.50 19.60 -25.62
N GLN E 778 -38.86 20.97 -15.55
CA GLN E 778 -37.52 20.88 -14.96
C GLN E 778 -37.56 20.97 -13.43
N GLY E 779 -38.52 21.73 -12.88
CA GLY E 779 -38.64 22.00 -11.44
C GLY E 779 -39.19 20.81 -10.64
N LYS E 780 -39.99 19.95 -11.31
CA LYS E 780 -40.46 18.66 -10.75
C LYS E 780 -39.54 17.48 -11.09
N GLY E 781 -38.33 17.73 -11.60
CA GLY E 781 -37.41 16.67 -12.00
C GLY E 781 -37.89 15.86 -13.22
N ILE E 782 -37.09 14.88 -13.63
CA ILE E 782 -37.39 13.97 -14.74
C ILE E 782 -37.77 12.56 -14.26
N ARG E 783 -38.84 11.99 -14.81
CA ARG E 783 -39.15 10.56 -14.66
C ARG E 783 -38.24 9.75 -15.58
N VAL E 784 -37.47 8.80 -15.06
CA VAL E 784 -36.49 8.04 -15.84
C VAL E 784 -36.76 6.55 -15.80
N LEU E 785 -36.75 5.89 -16.95
CA LEU E 785 -36.87 4.44 -17.05
C LEU E 785 -35.50 3.81 -17.29
N GLY E 786 -34.86 3.28 -16.26
CA GLY E 786 -33.59 2.58 -16.44
C GLY E 786 -33.80 1.12 -16.80
N ILE E 787 -33.08 0.60 -17.80
CA ILE E 787 -33.21 -0.74 -18.36
C ILE E 787 -31.90 -1.51 -18.24
N ALA E 788 -31.90 -2.62 -17.51
CA ALA E 788 -30.74 -3.43 -17.19
C ALA E 788 -30.87 -4.87 -17.67
N PHE E 789 -29.75 -5.49 -18.00
CA PHE E 789 -29.66 -6.90 -18.39
C PHE E 789 -28.32 -7.51 -17.99
N SER E 790 -28.28 -8.82 -17.82
CA SER E 790 -27.04 -9.59 -17.65
C SER E 790 -26.47 -10.00 -19.01
N SER E 791 -25.15 -10.19 -19.10
CA SER E 791 -24.51 -10.66 -20.35
C SER E 791 -25.02 -12.01 -20.88
N ALA E 792 -25.60 -12.87 -20.03
CA ALA E 792 -26.18 -14.13 -20.46
C ALA E 792 -27.55 -13.90 -21.15
N ARG E 793 -27.67 -14.26 -22.43
CA ARG E 793 -28.83 -13.91 -23.30
C ARG E 793 -30.17 -14.54 -22.91
N ASP E 794 -30.17 -15.50 -22.00
CA ASP E 794 -31.34 -16.15 -21.41
C ASP E 794 -31.84 -15.49 -20.11
N HIS E 795 -31.06 -14.60 -19.49
CA HIS E 795 -31.52 -13.84 -18.31
C HIS E 795 -32.49 -12.71 -18.71
N PRO E 796 -33.51 -12.40 -17.90
CA PRO E 796 -34.53 -11.40 -18.21
C PRO E 796 -33.99 -9.97 -18.11
N VAL E 797 -34.48 -9.08 -18.98
CA VAL E 797 -34.23 -7.63 -18.92
C VAL E 797 -35.16 -7.04 -17.87
N PHE E 798 -34.69 -6.13 -17.03
CA PHE E 798 -35.51 -5.43 -16.05
C PHE E 798 -35.53 -3.93 -16.31
N CYS E 799 -36.69 -3.28 -16.16
CA CYS E 799 -36.83 -1.83 -16.27
C CYS E 799 -37.38 -1.23 -14.97
N ALA E 800 -36.84 -0.12 -14.49
CA ALA E 800 -37.30 0.55 -13.27
C ALA E 800 -37.62 2.02 -13.53
N LEU E 801 -38.81 2.47 -13.14
CA LEU E 801 -39.25 3.84 -13.37
C LEU E 801 -39.06 4.65 -12.10
N VAL E 802 -38.19 5.65 -12.15
CA VAL E 802 -37.83 6.49 -11.01
C VAL E 802 -38.37 7.90 -11.22
N ASN E 803 -39.10 8.46 -10.24
CA ASN E 803 -39.60 9.84 -10.32
C ASN E 803 -38.49 10.87 -10.05
N GLY E 804 -38.76 12.15 -10.29
CA GLY E 804 -37.76 13.21 -10.17
C GLY E 804 -37.12 13.33 -8.78
N GLU E 805 -37.78 12.86 -7.73
CA GLU E 805 -37.26 12.85 -6.37
C GLU E 805 -36.24 11.72 -6.12
N GLY E 806 -36.18 10.70 -6.97
CA GLY E 806 -35.30 9.54 -6.82
C GLY E 806 -35.98 8.29 -6.23
N GLU E 807 -37.30 8.27 -6.15
CA GLU E 807 -38.10 7.14 -5.64
C GLU E 807 -38.45 6.17 -6.79
N VAL E 808 -38.35 4.86 -6.54
CA VAL E 808 -38.78 3.85 -7.52
C VAL E 808 -40.30 3.77 -7.49
N THR E 809 -40.97 4.21 -8.55
CA THR E 809 -42.44 4.27 -8.60
C THR E 809 -43.08 3.04 -9.23
N ASP E 810 -42.40 2.34 -10.13
CA ASP E 810 -42.89 1.11 -10.72
C ASP E 810 -41.74 0.33 -11.36
N PHE E 811 -41.92 -0.96 -11.62
CA PHE E 811 -40.90 -1.80 -12.26
C PHE E 811 -41.48 -2.88 -13.15
N LEU E 812 -40.68 -3.33 -14.11
CA LEU E 812 -41.08 -4.19 -15.20
C LEU E 812 -40.01 -5.27 -15.46
N ARG E 813 -40.43 -6.49 -15.77
CA ARG E 813 -39.58 -7.59 -16.26
C ARG E 813 -39.94 -7.94 -17.70
N LEU E 814 -38.96 -8.04 -18.59
CA LEU E 814 -39.15 -8.47 -19.98
C LEU E 814 -38.29 -9.73 -20.29
N PRO E 815 -38.81 -10.96 -20.16
CA PRO E 815 -38.03 -12.19 -20.29
C PRO E 815 -37.43 -12.49 -21.67
N HIS E 816 -37.92 -11.85 -22.73
CA HIS E 816 -37.55 -12.11 -24.13
C HIS E 816 -37.09 -10.86 -24.88
N PHE E 817 -36.94 -9.71 -24.21
CA PHE E 817 -36.49 -8.50 -24.88
C PHE E 817 -35.06 -8.61 -25.46
N THR E 818 -34.24 -9.54 -24.96
CA THR E 818 -32.90 -9.86 -25.48
C THR E 818 -32.90 -10.59 -26.83
N LYS E 819 -34.02 -11.14 -27.31
CA LYS E 819 -34.05 -11.87 -28.58
C LYS E 819 -33.89 -10.94 -29.78
N ARG E 820 -33.39 -11.45 -30.90
CA ARG E 820 -33.21 -10.69 -32.16
C ARG E 820 -34.40 -10.92 -33.10
N ARG E 821 -34.92 -9.86 -33.73
CA ARG E 821 -36.03 -9.96 -34.71
C ARG E 821 -35.73 -10.87 -35.91
N THR E 822 -34.47 -11.09 -36.25
CA THR E 822 -34.02 -12.02 -37.29
C THR E 822 -33.67 -13.42 -36.78
N ALA E 823 -34.13 -13.80 -35.58
CA ALA E 823 -33.90 -15.14 -35.01
C ALA E 823 -34.48 -16.27 -35.89
N TRP E 824 -33.77 -17.40 -35.97
CA TRP E 824 -34.18 -18.54 -36.80
C TRP E 824 -35.46 -19.23 -36.31
N ARG E 825 -35.76 -19.13 -35.01
CA ARG E 825 -37.05 -19.52 -34.42
C ARG E 825 -38.06 -18.37 -34.51
N GLU E 826 -39.21 -18.61 -35.14
CA GLU E 826 -40.33 -17.66 -35.10
C GLU E 826 -40.95 -17.51 -33.70
N GLU E 827 -40.93 -18.57 -32.87
CA GLU E 827 -41.34 -18.51 -31.46
C GLU E 827 -40.61 -17.41 -30.66
N GLU E 828 -39.30 -17.25 -30.87
CA GLU E 828 -38.52 -16.15 -30.27
C GLU E 828 -39.04 -14.78 -30.69
N ARG E 829 -39.22 -14.56 -32.01
CA ARG E 829 -39.89 -13.35 -32.54
C ARG E 829 -41.23 -13.09 -31.86
N GLU E 830 -42.13 -14.08 -31.83
CA GLU E 830 -43.44 -13.97 -31.19
C GLU E 830 -43.36 -13.62 -29.70
N LYS E 831 -42.52 -14.32 -28.92
CA LYS E 831 -42.38 -14.03 -27.49
C LYS E 831 -41.77 -12.65 -27.25
N LYS E 832 -40.80 -12.22 -28.05
CA LYS E 832 -40.32 -10.84 -28.00
C LYS E 832 -41.39 -9.83 -28.43
N ALA E 833 -42.26 -10.12 -29.39
CA ALA E 833 -43.34 -9.18 -29.77
C ALA E 833 -44.29 -8.86 -28.60
N GLN E 834 -44.54 -9.82 -27.71
CA GLN E 834 -45.31 -9.60 -26.49
C GLN E 834 -44.58 -8.65 -25.52
N ASP E 835 -43.27 -8.82 -25.35
CA ASP E 835 -42.45 -7.91 -24.53
C ASP E 835 -42.32 -6.51 -25.15
N ILE E 836 -42.15 -6.40 -26.47
CA ILE E 836 -42.17 -5.10 -27.17
C ILE E 836 -43.49 -4.39 -26.94
N GLU E 837 -44.63 -5.09 -27.05
CA GLU E 837 -45.94 -4.49 -26.74
C GLU E 837 -46.04 -4.12 -25.26
N THR E 838 -45.46 -4.94 -24.37
CA THR E 838 -45.44 -4.66 -22.93
C THR E 838 -44.64 -3.39 -22.61
N LEU E 839 -43.47 -3.21 -23.21
CA LEU E 839 -42.71 -1.97 -23.10
C LEU E 839 -43.43 -0.79 -23.75
N LYS E 840 -44.00 -0.97 -24.94
CA LYS E 840 -44.76 0.08 -25.65
C LYS E 840 -45.93 0.57 -24.81
N LYS E 841 -46.70 -0.33 -24.21
CA LYS E 841 -47.76 0.02 -23.26
C LYS E 841 -47.22 0.70 -21.99
N PHE E 842 -46.09 0.24 -21.44
CA PHE E 842 -45.48 0.87 -20.27
C PHE E 842 -45.03 2.31 -20.57
N LEU E 843 -44.36 2.55 -21.71
CA LEU E 843 -43.99 3.90 -22.16
C LEU E 843 -45.22 4.79 -22.39
N LEU E 844 -46.26 4.27 -23.06
CA LEU E 844 -47.52 4.97 -23.28
C LEU E 844 -48.24 5.35 -21.99
N ASN E 845 -48.26 4.46 -20.99
CA ASN E 845 -48.90 4.71 -19.70
C ASN E 845 -48.08 5.63 -18.78
N LYS E 846 -46.75 5.48 -18.74
CA LYS E 846 -45.89 6.12 -17.73
C LYS E 846 -45.16 7.36 -18.22
N LYS E 847 -44.98 7.49 -19.53
CA LYS E 847 -44.46 8.69 -20.20
C LYS E 847 -43.16 9.21 -19.57
N PRO E 848 -42.09 8.39 -19.46
CA PRO E 848 -40.81 8.81 -18.90
C PRO E 848 -40.12 9.79 -19.87
N HIS E 849 -39.27 10.66 -19.37
CA HIS E 849 -38.56 11.65 -20.19
C HIS E 849 -37.33 11.09 -20.89
N VAL E 850 -36.68 10.09 -20.30
CA VAL E 850 -35.54 9.38 -20.87
C VAL E 850 -35.54 7.93 -20.42
N VAL E 851 -35.14 7.06 -21.32
CA VAL E 851 -34.94 5.64 -21.09
C VAL E 851 -33.44 5.40 -21.13
N THR E 852 -32.85 4.87 -20.06
CA THR E 852 -31.41 4.57 -20.05
C THR E 852 -31.20 3.09 -20.22
N VAL E 853 -30.26 2.69 -21.06
CA VAL E 853 -29.91 1.28 -21.27
C VAL E 853 -28.52 1.02 -20.74
N ALA E 854 -28.35 -0.06 -20.00
CA ALA E 854 -27.06 -0.44 -19.43
C ALA E 854 -25.99 -0.66 -20.51
N GLY E 855 -24.81 -0.08 -20.32
CA GLY E 855 -23.62 -0.36 -21.12
C GLY E 855 -22.95 -1.69 -20.77
N GLU E 856 -23.71 -2.77 -20.60
CA GLU E 856 -23.19 -4.09 -20.21
C GLU E 856 -22.26 -4.72 -21.25
N ASN E 857 -22.71 -4.87 -22.49
CA ASN E 857 -21.91 -5.40 -23.61
C ASN E 857 -22.53 -4.93 -24.94
N ARG E 858 -22.02 -5.35 -26.11
CA ARG E 858 -22.54 -4.91 -27.43
C ARG E 858 -24.04 -5.11 -27.65
N ASP E 859 -24.71 -6.02 -26.97
CA ASP E 859 -26.17 -6.17 -27.05
C ASP E 859 -26.91 -4.94 -26.47
N ALA E 860 -26.26 -4.08 -25.71
CA ALA E 860 -26.82 -2.76 -25.40
C ALA E 860 -27.12 -1.95 -26.66
N GLN E 861 -26.38 -2.14 -27.77
CA GLN E 861 -26.73 -1.53 -29.06
C GLN E 861 -28.05 -2.08 -29.59
N MET E 862 -28.28 -3.39 -29.46
CA MET E 862 -29.52 -4.03 -29.87
C MET E 862 -30.70 -3.52 -29.03
N LEU E 863 -30.57 -3.43 -27.70
CA LEU E 863 -31.61 -2.83 -26.87
C LEU E 863 -31.87 -1.37 -27.26
N ILE E 864 -30.84 -0.55 -27.45
CA ILE E 864 -31.04 0.84 -27.85
C ILE E 864 -31.68 0.97 -29.23
N GLU E 865 -31.30 0.17 -30.23
CA GLU E 865 -31.94 0.22 -31.55
C GLU E 865 -33.44 -0.11 -31.46
N ASP E 866 -33.82 -1.10 -30.65
CA ASP E 866 -35.22 -1.43 -30.40
C ASP E 866 -35.96 -0.36 -29.59
N VAL E 867 -35.39 0.12 -28.48
CA VAL E 867 -36.03 1.15 -27.66
C VAL E 867 -36.20 2.45 -28.45
N LYS E 868 -35.20 2.87 -29.24
CA LYS E 868 -35.33 4.04 -30.13
C LYS E 868 -36.44 3.84 -31.15
N ARG E 869 -36.59 2.63 -31.72
CA ARG E 869 -37.66 2.36 -32.68
C ARG E 869 -39.03 2.39 -31.98
N ILE E 870 -39.19 1.82 -30.80
CA ILE E 870 -40.46 1.84 -30.05
C ILE E 870 -40.86 3.27 -29.70
N VAL E 871 -39.92 4.08 -29.22
CA VAL E 871 -40.15 5.51 -29.01
C VAL E 871 -40.53 6.21 -30.32
N HIS E 872 -39.88 5.88 -31.43
CA HIS E 872 -40.28 6.36 -32.75
C HIS E 872 -41.68 5.87 -33.18
N GLU E 873 -42.14 4.68 -32.80
CA GLU E 873 -43.52 4.25 -33.07
C GLU E 873 -44.55 5.09 -32.30
N LEU E 874 -44.23 5.49 -31.06
CA LEU E 874 -45.06 6.44 -30.31
C LEU E 874 -45.03 7.85 -30.97
N ASP E 875 -43.88 8.26 -31.50
CA ASP E 875 -43.70 9.51 -32.24
C ASP E 875 -44.48 9.52 -33.57
N GLN E 876 -44.40 8.44 -34.36
CA GLN E 876 -45.17 8.26 -35.60
C GLN E 876 -46.68 8.30 -35.33
N GLY E 877 -47.15 7.74 -34.21
CA GLY E 877 -48.54 7.86 -33.77
C GLY E 877 -48.87 9.23 -33.15
N GLN E 878 -47.86 10.09 -32.94
CA GLN E 878 -47.97 11.42 -32.34
C GLN E 878 -48.64 11.41 -30.96
N GLN E 879 -48.46 10.31 -30.20
CA GLN E 879 -49.10 10.06 -28.90
C GLN E 879 -48.39 10.73 -27.72
N LEU E 880 -47.09 11.02 -27.86
CA LEU E 880 -46.18 11.40 -26.78
C LEU E 880 -45.11 12.38 -27.27
N SER E 881 -44.65 13.26 -26.37
CA SER E 881 -43.46 14.10 -26.59
C SER E 881 -42.18 13.27 -26.68
N SER E 882 -41.12 13.81 -27.30
CA SER E 882 -39.87 13.07 -27.51
C SER E 882 -39.28 12.53 -26.20
N ILE E 883 -38.96 11.24 -26.18
CA ILE E 883 -38.30 10.56 -25.07
C ILE E 883 -36.83 10.32 -25.44
N GLY E 884 -35.89 10.70 -24.58
CA GLY E 884 -34.47 10.39 -24.76
C GLY E 884 -34.17 8.89 -24.66
N VAL E 885 -33.22 8.38 -25.43
CA VAL E 885 -32.74 6.99 -25.27
C VAL E 885 -31.23 7.00 -25.16
N GLU E 886 -30.72 6.80 -23.95
CA GLU E 886 -29.32 7.01 -23.61
C GLU E 886 -28.61 5.71 -23.24
N LEU E 887 -27.40 5.52 -23.75
CA LEU E 887 -26.51 4.48 -23.24
C LEU E 887 -25.83 5.01 -21.98
N VAL E 888 -26.00 4.33 -20.86
CA VAL E 888 -25.36 4.73 -19.61
C VAL E 888 -24.39 3.67 -19.14
N ASP E 889 -23.17 4.07 -18.82
CA ASP E 889 -22.14 3.19 -18.29
C ASP E 889 -22.64 2.51 -17.01
N ASN E 890 -22.56 1.19 -16.95
CA ASN E 890 -23.14 0.40 -15.87
C ASN E 890 -22.16 0.00 -14.78
N GLU E 891 -20.89 0.44 -14.85
CA GLU E 891 -19.89 0.11 -13.84
C GLU E 891 -20.30 0.54 -12.44
N LEU E 892 -20.78 1.78 -12.30
CA LEU E 892 -21.31 2.28 -11.04
C LEU E 892 -22.55 1.50 -10.56
N ALA E 893 -23.44 1.15 -11.49
CA ALA E 893 -24.65 0.41 -11.18
C ALA E 893 -24.34 -1.02 -10.72
N ILE E 894 -23.29 -1.66 -11.25
CA ILE E 894 -22.83 -2.96 -10.77
C ILE E 894 -22.30 -2.84 -9.35
N LEU E 895 -21.51 -1.81 -9.03
CA LEU E 895 -21.03 -1.62 -7.65
C LEU E 895 -22.19 -1.39 -6.68
N TYR E 896 -23.21 -0.63 -7.08
CA TYR E 896 -24.44 -0.49 -6.31
C TYR E 896 -25.13 -1.84 -6.09
N MET E 897 -25.51 -2.54 -7.15
CA MET E 897 -26.16 -3.85 -7.10
C MET E 897 -25.46 -4.84 -6.15
N ASN E 898 -24.14 -4.85 -6.10
CA ASN E 898 -23.38 -5.76 -5.23
C ASN E 898 -23.22 -5.23 -3.79
N SER E 899 -23.58 -3.98 -3.51
CA SER E 899 -23.40 -3.35 -2.19
C SER E 899 -24.38 -3.88 -1.13
N LYS E 900 -23.98 -3.82 0.15
CA LYS E 900 -24.90 -4.04 1.28
C LYS E 900 -26.10 -3.08 1.21
N LYS E 901 -25.85 -1.84 0.79
CA LYS E 901 -26.86 -0.78 0.77
C LYS E 901 -28.02 -1.11 -0.17
N SER E 902 -27.76 -1.64 -1.36
CA SER E 902 -28.82 -1.97 -2.32
C SER E 902 -29.76 -3.08 -1.84
N GLU E 903 -29.32 -3.95 -0.92
CA GLU E 903 -30.21 -4.91 -0.24
C GLU E 903 -30.95 -4.24 0.93
N ALA E 904 -30.25 -3.53 1.81
CA ALA E 904 -30.91 -2.81 2.91
C ALA E 904 -32.00 -1.84 2.42
N GLU E 905 -31.75 -1.10 1.33
CA GLU E 905 -32.72 -0.19 0.73
C GLU E 905 -33.93 -0.91 0.09
N PHE E 906 -33.70 -2.01 -0.65
CA PHE E 906 -34.75 -2.79 -1.34
C PHE E 906 -34.58 -4.32 -1.29
N ARG E 907 -34.72 -4.95 -0.11
CA ARG E 907 -34.43 -6.39 0.12
C ARG E 907 -35.12 -7.35 -0.87
N ASP E 908 -36.31 -7.00 -1.35
CA ASP E 908 -37.20 -7.91 -2.09
C ASP E 908 -36.83 -8.04 -3.59
N TYR E 909 -36.04 -7.10 -4.13
CA TYR E 909 -35.81 -6.90 -5.56
C TYR E 909 -34.70 -7.82 -6.11
N PRO E 910 -34.82 -8.41 -7.31
CA PRO E 910 -33.74 -9.19 -7.90
C PRO E 910 -32.51 -8.29 -8.16
N PRO E 911 -31.28 -8.84 -8.26
CA PRO E 911 -30.08 -8.01 -8.40
C PRO E 911 -29.98 -7.27 -9.74
N VAL E 912 -30.47 -7.84 -10.84
CA VAL E 912 -30.41 -7.15 -12.12
C VAL E 912 -31.36 -5.95 -12.12
N LEU E 913 -32.55 -6.07 -11.52
CA LEU E 913 -33.42 -4.92 -11.31
C LEU E 913 -32.83 -3.88 -10.34
N ARG E 914 -31.87 -4.21 -9.45
CA ARG E 914 -31.21 -3.18 -8.62
C ARG E 914 -30.21 -2.38 -9.44
N GLN E 915 -29.61 -2.96 -10.48
CA GLN E 915 -28.76 -2.23 -11.41
C GLN E 915 -29.59 -1.40 -12.40
N ALA E 916 -30.88 -1.69 -12.59
CA ALA E 916 -31.77 -0.85 -13.40
C ALA E 916 -32.12 0.46 -12.69
N VAL E 917 -32.22 0.46 -11.36
CA VAL E 917 -32.55 1.65 -10.57
C VAL E 917 -31.37 2.62 -10.56
N SER E 918 -30.15 2.15 -10.30
CA SER E 918 -28.96 3.00 -10.35
C SER E 918 -28.71 3.60 -11.76
N LEU E 919 -29.06 2.91 -12.85
CA LEU E 919 -29.02 3.48 -14.21
C LEU E 919 -30.08 4.55 -14.45
N ALA E 920 -31.23 4.51 -13.78
CA ALA E 920 -32.14 5.64 -13.81
C ALA E 920 -31.62 6.79 -12.93
N ARG E 921 -31.10 6.51 -11.73
CA ARG E 921 -30.66 7.55 -10.81
C ARG E 921 -29.41 8.28 -11.29
N ARG E 922 -28.46 7.58 -11.92
CA ARG E 922 -27.23 8.20 -12.44
C ARG E 922 -27.53 9.30 -13.46
N ILE E 923 -28.50 9.13 -14.34
CA ILE E 923 -28.79 10.18 -15.33
C ILE E 923 -29.60 11.35 -14.74
N GLN E 924 -30.32 11.12 -13.64
CA GLN E 924 -30.98 12.20 -12.90
C GLN E 924 -29.99 13.08 -12.15
N ASP E 925 -29.03 12.53 -11.43
CA ASP E 925 -27.94 13.30 -10.83
C ASP E 925 -26.72 12.43 -10.52
N PRO E 926 -25.67 12.45 -11.37
CA PRO E 926 -24.51 11.60 -11.19
C PRO E 926 -23.86 11.76 -9.82
N LEU E 927 -23.81 12.97 -9.28
CA LEU E 927 -23.18 13.20 -7.99
C LEU E 927 -23.93 12.53 -6.85
N ILE E 928 -25.26 12.60 -6.82
CA ILE E 928 -26.01 11.94 -5.75
C ILE E 928 -25.85 10.44 -5.84
N GLU E 929 -25.79 9.89 -7.06
CA GLU E 929 -25.59 8.47 -7.24
C GLU E 929 -24.19 8.02 -6.83
N PHE E 930 -23.13 8.72 -7.25
CA PHE E 930 -21.78 8.37 -6.84
C PHE E 930 -21.59 8.49 -5.34
N ALA E 931 -22.27 9.39 -4.64
CA ALA E 931 -22.20 9.41 -3.19
C ALA E 931 -22.86 8.19 -2.53
N GLN E 932 -23.76 7.44 -3.20
CA GLN E 932 -24.33 6.22 -2.59
C GLN E 932 -23.34 5.07 -2.48
N VAL E 933 -22.48 4.88 -3.47
CA VAL E 933 -21.66 3.67 -3.49
C VAL E 933 -20.35 3.87 -2.72
N CYS E 934 -20.15 5.04 -2.13
CA CYS E 934 -18.92 5.47 -1.47
C CYS E 934 -19.13 5.52 0.04
N SER E 935 -19.05 4.36 0.68
CA SER E 935 -19.38 4.15 2.09
C SER E 935 -18.16 4.31 3.02
N SER E 936 -18.42 4.30 4.33
CA SER E 936 -17.39 4.21 5.38
C SER E 936 -16.58 2.90 5.34
N ASP E 937 -17.09 1.85 4.68
CA ASP E 937 -16.33 0.62 4.37
C ASP E 937 -15.38 0.80 3.16
N GLU E 938 -15.28 2.01 2.57
CA GLU E 938 -14.38 2.41 1.47
C GLU E 938 -14.63 1.65 0.16
N ASP E 939 -15.89 1.33 -0.11
CA ASP E 939 -16.39 0.68 -1.34
C ASP E 939 -15.95 1.36 -2.65
N ILE E 940 -15.63 2.66 -2.60
CA ILE E 940 -15.20 3.50 -3.73
C ILE E 940 -14.08 2.88 -4.57
N LEU E 941 -13.13 2.20 -3.93
CA LEU E 941 -11.96 1.64 -4.59
C LEU E 941 -12.29 0.51 -5.58
N CYS E 942 -13.49 -0.04 -5.58
CA CYS E 942 -13.87 -1.09 -6.53
C CYS E 942 -14.10 -0.54 -7.94
N LEU E 943 -14.22 0.77 -8.12
CA LEU E 943 -14.32 1.41 -9.43
C LEU E 943 -12.95 1.42 -10.13
N LYS E 944 -12.89 1.17 -11.44
CA LYS E 944 -11.63 1.18 -12.21
C LYS E 944 -11.25 2.60 -12.59
N PHE E 945 -10.60 3.31 -11.69
CA PHE E 945 -10.01 4.62 -11.95
C PHE E 945 -8.75 4.54 -12.80
N HIS E 946 -7.79 3.67 -12.44
CA HIS E 946 -6.54 3.50 -13.19
C HIS E 946 -6.05 2.06 -13.11
N PRO E 947 -5.41 1.48 -14.14
CA PRO E 947 -4.88 0.13 -14.12
C PRO E 947 -3.94 -0.20 -12.96
N LEU E 948 -3.27 0.78 -12.33
CA LEU E 948 -2.33 0.55 -11.23
C LEU E 948 -2.85 1.02 -9.86
N GLN E 949 -4.12 1.39 -9.73
CA GLN E 949 -4.65 2.05 -8.53
C GLN E 949 -4.49 1.26 -7.23
N GLU E 950 -4.30 -0.05 -7.30
CA GLU E 950 -4.09 -0.92 -6.13
C GLU E 950 -2.63 -0.93 -5.62
N HIS E 951 -1.71 -0.31 -6.38
CA HIS E 951 -0.28 -0.20 -6.08
C HIS E 951 0.17 1.19 -5.61
N VAL E 952 -0.74 2.14 -5.41
CA VAL E 952 -0.46 3.46 -4.82
C VAL E 952 -0.86 3.45 -3.36
N VAL E 953 -0.47 4.46 -2.58
CA VAL E 953 -0.80 4.47 -1.16
C VAL E 953 -2.31 4.61 -1.00
N LYS E 954 -2.96 3.65 -0.33
CA LYS E 954 -4.42 3.62 -0.16
C LYS E 954 -4.95 4.88 0.52
N GLU E 955 -4.35 5.29 1.62
CA GLU E 955 -4.80 6.46 2.37
C GLU E 955 -4.65 7.76 1.58
N GLU E 956 -3.57 7.91 0.81
CA GLU E 956 -3.38 9.04 -0.10
C GLU E 956 -4.37 9.04 -1.26
N LEU E 957 -4.68 7.90 -1.86
CA LEU E 957 -5.66 7.82 -2.93
C LEU E 957 -7.07 8.17 -2.45
N LEU E 958 -7.47 7.65 -1.29
CA LEU E 958 -8.76 8.00 -0.69
C LEU E 958 -8.87 9.49 -0.40
N ASN E 959 -7.84 10.15 0.13
CA ASN E 959 -7.88 11.60 0.24
C ASN E 959 -8.05 12.25 -1.13
N ALA E 960 -7.31 11.79 -2.14
CA ALA E 960 -7.37 12.39 -3.46
C ALA E 960 -8.71 12.20 -4.16
N LEU E 961 -9.44 11.13 -3.90
CA LEU E 961 -10.77 10.91 -4.44
C LEU E 961 -11.85 11.62 -3.63
N TYR E 962 -11.83 11.58 -2.30
CA TYR E 962 -12.78 12.32 -1.48
C TYR E 962 -12.64 13.82 -1.66
N CYS E 963 -11.47 14.35 -1.94
CA CYS E 963 -11.33 15.75 -2.36
C CYS E 963 -12.07 16.05 -3.67
N GLU E 964 -12.22 15.13 -4.63
CA GLU E 964 -13.07 15.36 -5.80
C GLU E 964 -14.56 15.41 -5.47
N PHE E 965 -15.03 14.65 -4.49
CA PHE E 965 -16.39 14.82 -3.99
C PHE E 965 -16.55 16.16 -3.32
N ILE E 966 -15.69 16.50 -2.36
CA ILE E 966 -15.75 17.76 -1.64
C ILE E 966 -15.70 18.95 -2.61
N ASN E 967 -14.89 18.94 -3.66
CA ASN E 967 -14.89 20.03 -4.66
C ASN E 967 -16.26 20.20 -5.32
N ARG E 968 -16.87 19.12 -5.82
CA ARG E 968 -18.12 19.21 -6.59
C ARG E 968 -19.36 19.35 -5.73
N VAL E 969 -19.45 18.67 -4.59
CA VAL E 969 -20.60 18.78 -3.68
C VAL E 969 -20.79 20.21 -3.19
N ASN E 970 -19.72 20.90 -2.84
CA ASN E 970 -19.79 22.29 -2.45
C ASN E 970 -20.05 23.25 -3.61
N GLU E 971 -19.60 22.96 -4.83
CA GLU E 971 -20.00 23.78 -5.95
C GLU E 971 -21.49 23.62 -6.31
N VAL E 972 -22.01 22.41 -6.26
CA VAL E 972 -23.38 22.06 -6.61
C VAL E 972 -24.36 22.45 -5.52
N GLY E 973 -23.96 22.31 -4.26
CA GLY E 973 -24.74 22.66 -3.09
C GLY E 973 -25.74 21.58 -2.71
N VAL E 974 -25.97 21.35 -1.42
CA VAL E 974 -26.79 20.24 -0.93
C VAL E 974 -28.10 20.73 -0.36
N ASP E 975 -29.23 20.23 -0.88
CA ASP E 975 -30.53 20.51 -0.31
C ASP E 975 -30.80 19.60 0.88
N VAL E 976 -30.82 20.15 2.10
CA VAL E 976 -31.08 19.37 3.31
C VAL E 976 -32.50 18.81 3.35
N ASN E 977 -33.50 19.54 2.84
CA ASN E 977 -34.87 19.06 2.82
C ASN E 977 -35.05 17.90 1.83
N ARG E 978 -34.34 17.93 0.70
CA ARG E 978 -34.26 16.75 -0.17
C ARG E 978 -33.60 15.58 0.56
N ALA E 979 -32.58 15.82 1.39
CA ALA E 979 -32.00 14.76 2.21
C ALA E 979 -32.96 14.19 3.26
N ILE E 980 -33.75 15.02 3.95
CA ILE E 980 -34.71 14.54 4.96
C ILE E 980 -35.91 13.83 4.32
N ALA E 981 -36.47 14.40 3.26
CA ALA E 981 -37.61 13.84 2.56
C ALA E 981 -37.26 12.55 1.80
N HIS E 982 -36.08 12.49 1.19
CA HIS E 982 -35.62 11.36 0.39
C HIS E 982 -34.29 10.84 0.91
N PRO E 983 -34.28 9.76 1.70
CA PRO E 983 -33.08 9.14 2.25
C PRO E 983 -31.96 8.88 1.25
N TYR E 984 -32.31 8.73 -0.03
CA TYR E 984 -31.37 8.60 -1.12
C TYR E 984 -30.31 9.71 -1.15
N SER E 985 -30.66 10.98 -0.95
CA SER E 985 -29.68 12.08 -1.07
C SER E 985 -28.89 12.37 0.22
N GLN E 986 -29.10 11.63 1.31
CA GLN E 986 -28.42 11.88 2.60
C GLN E 986 -26.90 11.70 2.56
N ALA E 987 -26.38 10.99 1.56
CA ALA E 987 -24.95 10.77 1.41
C ALA E 987 -24.15 12.06 1.13
N LEU E 988 -24.74 13.11 0.55
CA LEU E 988 -23.96 14.30 0.20
C LEU E 988 -23.59 15.14 1.41
N ILE E 989 -24.36 15.07 2.50
CA ILE E 989 -24.19 15.96 3.64
C ILE E 989 -22.78 15.83 4.24
N GLN E 990 -22.18 14.65 4.25
CA GLN E 990 -20.82 14.49 4.77
C GLN E 990 -19.75 15.19 3.93
N TYR E 991 -19.98 15.42 2.65
CA TYR E 991 -19.02 16.10 1.76
C TYR E 991 -19.24 17.59 1.70
N VAL E 992 -20.28 18.12 2.34
CA VAL E 992 -20.41 19.57 2.53
C VAL E 992 -19.23 20.06 3.36
N CYS E 993 -18.69 21.20 2.96
CA CYS E 993 -17.60 21.87 3.61
C CYS E 993 -17.91 22.12 5.09
N GLY E 994 -16.99 21.77 5.97
CA GLY E 994 -17.19 21.87 7.41
C GLY E 994 -17.87 20.66 8.05
N LEU E 995 -18.71 19.91 7.36
CA LEU E 995 -19.56 18.91 8.01
C LEU E 995 -18.89 17.56 8.23
N GLY E 996 -18.59 16.75 7.22
CA GLY E 996 -18.09 15.39 7.48
C GLY E 996 -19.18 14.43 8.00
N PRO E 997 -18.88 13.13 8.15
CA PRO E 997 -19.89 12.12 8.45
C PRO E 997 -20.54 12.21 9.83
N ARG E 998 -19.81 12.60 10.88
CA ARG E 998 -20.33 12.72 12.25
C ARG E 998 -21.25 13.91 12.39
N LYS E 999 -20.81 15.11 11.99
CA LYS E 999 -21.70 16.29 12.02
C LYS E 999 -22.81 16.20 10.99
N GLY E 1000 -22.56 15.60 9.84
CA GLY E 1000 -23.59 15.37 8.84
C GLY E 1000 -24.71 14.49 9.36
N THR E 1001 -24.36 13.39 10.02
CA THR E 1001 -25.35 12.51 10.66
C THR E 1001 -26.10 13.25 11.75
N HIS E 1002 -25.40 14.02 12.59
CA HIS E 1002 -26.01 14.79 13.67
C HIS E 1002 -27.00 15.85 13.18
N LEU E 1003 -26.69 16.54 12.07
CA LEU E 1003 -27.62 17.52 11.48
C LEU E 1003 -28.94 16.87 11.04
N LEU E 1004 -28.87 15.76 10.30
CA LEU E 1004 -30.08 15.04 9.93
C LEU E 1004 -30.78 14.44 11.16
N LYS E 1005 -30.03 13.94 12.15
CA LYS E 1005 -30.58 13.40 13.40
C LYS E 1005 -31.41 14.45 14.14
N ILE E 1006 -30.92 15.67 14.34
CA ILE E 1006 -31.73 16.70 15.01
C ILE E 1006 -32.97 17.04 14.18
N LEU E 1007 -32.83 17.24 12.86
CA LEU E 1007 -33.98 17.60 12.04
C LEU E 1007 -35.04 16.48 11.97
N LYS E 1008 -34.62 15.21 12.03
CA LYS E 1008 -35.52 14.05 12.19
C LYS E 1008 -36.17 14.04 13.57
N GLN E 1009 -35.44 14.31 14.66
CA GLN E 1009 -35.99 14.37 16.01
C GLN E 1009 -37.03 15.49 16.18
N ASN E 1010 -36.77 16.68 15.63
CA ASN E 1010 -37.73 17.78 15.64
C ASN E 1010 -38.92 17.54 14.69
N ASN E 1011 -38.81 16.60 13.74
CA ASN E 1011 -39.81 16.34 12.69
C ASN E 1011 -40.14 17.60 11.86
N THR E 1012 -39.14 18.46 11.65
CA THR E 1012 -39.25 19.74 10.91
C THR E 1012 -38.35 19.74 9.69
N ARG E 1013 -38.80 20.36 8.60
CA ARG E 1013 -37.89 20.74 7.51
C ARG E 1013 -36.89 21.77 8.04
N LEU E 1014 -35.74 21.91 7.39
CA LEU E 1014 -34.90 23.08 7.57
C LEU E 1014 -35.52 24.20 6.75
N GLU E 1015 -36.15 25.17 7.40
CA GLU E 1015 -36.93 26.23 6.76
C GLU E 1015 -36.06 27.43 6.38
N SER E 1016 -35.04 27.75 7.19
CA SER E 1016 -34.12 28.84 6.93
C SER E 1016 -32.74 28.59 7.53
N ARG E 1017 -31.66 29.11 6.92
CA ARG E 1017 -30.27 28.82 7.32
C ARG E 1017 -29.98 29.17 8.77
N THR E 1018 -30.63 30.18 9.32
CA THR E 1018 -30.51 30.55 10.74
C THR E 1018 -30.84 29.37 11.68
N GLN E 1019 -31.68 28.43 11.26
CA GLN E 1019 -32.03 27.24 12.04
C GLN E 1019 -30.86 26.29 12.26
N LEU E 1020 -29.83 26.33 11.44
CA LEU E 1020 -28.60 25.59 11.72
C LEU E 1020 -27.98 26.05 13.04
N VAL E 1021 -28.09 27.35 13.36
CA VAL E 1021 -27.69 27.86 14.66
C VAL E 1021 -28.80 27.68 15.69
N THR E 1022 -30.05 28.03 15.39
CA THR E 1022 -31.11 28.13 16.41
C THR E 1022 -31.83 26.81 16.73
N MET E 1023 -31.90 25.83 15.82
CA MET E 1023 -32.39 24.48 16.12
C MET E 1023 -31.28 23.47 16.28
N CYS E 1024 -30.28 23.51 15.39
CA CYS E 1024 -29.26 22.45 15.29
C CYS E 1024 -28.01 22.74 16.13
N HIS E 1025 -28.00 23.87 16.84
CA HIS E 1025 -26.95 24.31 17.76
C HIS E 1025 -25.54 24.27 17.18
N MET E 1026 -25.43 24.49 15.87
CA MET E 1026 -24.17 24.52 15.11
C MET E 1026 -23.32 25.72 15.53
N GLY E 1027 -22.04 25.49 15.83
CA GLY E 1027 -21.13 26.57 16.20
C GLY E 1027 -20.86 27.56 15.05
N PRO E 1028 -20.39 28.78 15.33
CA PRO E 1028 -20.16 29.78 14.30
C PRO E 1028 -19.15 29.38 13.23
N LYS E 1029 -18.01 28.74 13.55
CA LYS E 1029 -17.04 28.35 12.52
C LYS E 1029 -17.56 27.23 11.62
N VAL E 1030 -18.28 26.25 12.14
CA VAL E 1030 -18.88 25.21 11.28
C VAL E 1030 -20.00 25.79 10.43
N PHE E 1031 -20.81 26.68 11.00
CA PHE E 1031 -21.82 27.42 10.24
C PHE E 1031 -21.19 28.26 9.14
N MET E 1032 -20.13 29.02 9.43
CA MET E 1032 -19.37 29.76 8.44
C MET E 1032 -18.94 28.88 7.28
N ASN E 1033 -18.37 27.70 7.56
CA ASN E 1033 -17.90 26.81 6.52
C ASN E 1033 -19.04 26.23 5.67
N CYS E 1034 -20.19 25.85 6.23
CA CYS E 1034 -21.20 25.12 5.44
C CYS E 1034 -22.33 26.01 4.92
N ALA E 1035 -22.66 27.13 5.57
CA ALA E 1035 -23.88 27.86 5.29
C ALA E 1035 -24.08 28.26 3.83
N GLY E 1036 -23.04 28.64 3.11
CA GLY E 1036 -23.20 29.00 1.70
C GLY E 1036 -23.51 27.82 0.77
N PHE E 1037 -23.16 26.60 1.17
CA PHE E 1037 -23.24 25.39 0.37
C PHE E 1037 -24.52 24.58 0.60
N LEU E 1038 -25.25 24.83 1.69
CA LEU E 1038 -26.54 24.21 1.96
C LEU E 1038 -27.67 24.98 1.26
N LYS E 1039 -28.43 24.31 0.41
CA LYS E 1039 -29.61 24.86 -0.26
C LYS E 1039 -30.82 24.65 0.63
N ILE E 1040 -31.70 25.63 0.71
CA ILE E 1040 -33.03 25.47 1.27
C ILE E 1040 -34.05 25.84 0.21
N ASP E 1041 -34.92 24.94 -0.24
CA ASP E 1041 -35.90 25.29 -1.27
C ASP E 1041 -37.04 26.13 -0.67
N THR E 1042 -36.88 27.45 -0.67
CA THR E 1042 -37.85 28.40 -0.14
C THR E 1042 -39.21 28.34 -0.84
N ALA E 1043 -39.27 27.91 -2.11
CA ALA E 1043 -40.51 27.76 -2.85
C ALA E 1043 -41.34 26.54 -2.39
N SER E 1044 -40.72 25.55 -1.73
CA SER E 1044 -41.41 24.34 -1.27
C SER E 1044 -42.18 24.56 0.04
N LEU E 1045 -41.88 25.64 0.75
CA LEU E 1045 -42.43 25.95 2.08
C LEU E 1045 -43.77 26.68 1.97
N GLY E 1046 -44.58 26.64 3.03
CA GLY E 1046 -45.86 27.33 3.10
C GLY E 1046 -46.52 27.22 4.48
N ASP E 1047 -47.75 27.73 4.59
CA ASP E 1047 -48.48 27.86 5.87
C ASP E 1047 -47.63 28.61 6.93
N SER E 1048 -47.67 28.20 8.20
CA SER E 1048 -47.02 28.89 9.34
C SER E 1048 -45.51 29.12 9.16
N THR E 1049 -44.82 28.32 8.34
CA THR E 1049 -43.42 28.55 7.95
C THR E 1049 -43.21 29.93 7.30
N ASP E 1050 -44.23 30.50 6.65
CA ASP E 1050 -44.19 31.84 6.03
C ASP E 1050 -43.78 32.96 7.00
N SER E 1051 -43.92 32.74 8.31
CA SER E 1051 -43.50 33.64 9.39
C SER E 1051 -42.02 34.03 9.31
N TYR E 1052 -41.15 33.16 8.79
CA TYR E 1052 -39.73 33.49 8.58
C TYR E 1052 -39.12 32.69 7.42
N ILE E 1053 -39.00 33.34 6.26
CA ILE E 1053 -38.36 32.81 5.05
C ILE E 1053 -37.52 33.92 4.40
N GLU E 1054 -36.20 33.81 4.54
CA GLU E 1054 -35.23 34.62 3.81
C GLU E 1054 -35.04 34.05 2.39
N VAL E 1055 -35.47 34.79 1.37
CA VAL E 1055 -35.42 34.36 -0.04
C VAL E 1055 -34.00 34.04 -0.50
N LEU E 1056 -32.96 34.64 0.09
CA LEU E 1056 -31.57 34.33 -0.25
C LEU E 1056 -31.15 32.91 0.14
N ASP E 1057 -31.84 32.21 1.04
CA ASP E 1057 -31.43 30.87 1.49
C ASP E 1057 -31.38 29.84 0.36
N GLY E 1058 -32.12 30.04 -0.72
CA GLY E 1058 -32.02 29.23 -1.93
C GLY E 1058 -30.84 29.56 -2.85
N SER E 1059 -29.76 30.19 -2.38
CA SER E 1059 -28.68 30.68 -3.25
C SER E 1059 -27.28 30.66 -2.61
N ARG E 1060 -26.22 30.83 -3.38
CA ARG E 1060 -24.82 30.86 -2.92
C ARG E 1060 -24.38 32.15 -2.25
N VAL E 1061 -25.23 33.15 -2.09
CA VAL E 1061 -24.88 34.29 -1.22
C VAL E 1061 -24.63 33.76 0.20
N HIS E 1062 -23.48 34.01 0.79
CA HIS E 1062 -23.21 33.59 2.16
C HIS E 1062 -23.95 34.47 3.17
N PRO E 1063 -24.54 33.94 4.25
CA PRO E 1063 -25.21 34.73 5.30
C PRO E 1063 -24.43 35.91 5.88
N GLU E 1064 -23.10 35.88 5.92
CA GLU E 1064 -22.32 37.07 6.31
C GLU E 1064 -22.52 38.24 5.33
N THR E 1065 -22.86 37.96 4.07
CA THR E 1065 -23.06 38.92 2.97
C THR E 1065 -24.53 39.18 2.61
N TYR E 1066 -25.51 38.69 3.37
CA TYR E 1066 -26.91 38.98 3.07
C TYR E 1066 -27.19 40.48 3.12
N GLU E 1067 -26.60 41.23 4.04
CA GLU E 1067 -26.79 42.67 4.11
C GLU E 1067 -26.37 43.35 2.80
N TRP E 1068 -25.24 42.95 2.22
CA TRP E 1068 -24.77 43.52 0.97
C TRP E 1068 -25.63 43.09 -0.20
N ALA E 1069 -26.10 41.85 -0.23
CA ALA E 1069 -27.04 41.40 -1.25
C ALA E 1069 -28.38 42.15 -1.19
N ARG E 1070 -28.91 42.41 0.00
CA ARG E 1070 -30.13 43.22 0.16
C ARG E 1070 -29.88 44.65 -0.30
N LYS E 1071 -28.79 45.29 0.14
CA LYS E 1071 -28.42 46.64 -0.31
C LYS E 1071 -28.25 46.70 -1.81
N MET E 1072 -27.64 45.69 -2.42
CA MET E 1072 -27.46 45.64 -3.86
C MET E 1072 -28.79 45.53 -4.62
N ALA E 1073 -29.76 44.77 -4.10
CA ALA E 1073 -31.09 44.70 -4.71
C ALA E 1073 -31.91 45.99 -4.52
N VAL E 1074 -31.89 46.58 -3.33
CA VAL E 1074 -32.57 47.85 -3.03
C VAL E 1074 -32.03 48.96 -3.92
N ASP E 1075 -30.72 49.03 -4.09
CA ASP E 1075 -30.07 50.02 -4.94
C ASP E 1075 -30.27 49.73 -6.44
N ALA E 1076 -30.35 48.48 -6.89
CA ALA E 1076 -30.67 48.19 -8.29
C ALA E 1076 -32.06 48.70 -8.72
N LEU E 1077 -33.01 48.80 -7.79
CA LEU E 1077 -34.32 49.42 -8.00
C LEU E 1077 -34.39 50.90 -7.61
N GLU E 1078 -33.34 51.48 -7.03
CA GLU E 1078 -33.31 52.86 -6.55
C GLU E 1078 -34.45 53.19 -5.56
N TYR E 1079 -34.89 52.24 -4.73
CA TYR E 1079 -36.00 52.45 -3.78
C TYR E 1079 -35.70 53.58 -2.78
N ASP E 1080 -36.69 54.46 -2.57
CA ASP E 1080 -36.63 55.54 -1.57
C ASP E 1080 -36.78 55.00 -0.14
N ASN E 1087 -38.79 48.67 0.92
CA ASN E 1087 -38.78 47.38 1.62
C ASN E 1087 -37.72 46.44 1.00
N PRO E 1088 -36.63 46.09 1.70
CA PRO E 1088 -35.56 45.24 1.16
C PRO E 1088 -36.02 43.86 0.70
N ALA E 1089 -36.98 43.24 1.38
CA ALA E 1089 -37.50 41.94 0.97
C ALA E 1089 -38.29 42.08 -0.34
N GLY E 1090 -39.14 43.10 -0.44
CA GLY E 1090 -39.87 43.40 -1.67
C GLY E 1090 -38.92 43.76 -2.82
N ALA E 1091 -37.86 44.51 -2.54
CA ALA E 1091 -36.86 44.85 -3.55
C ALA E 1091 -36.18 43.60 -4.08
N LEU E 1092 -35.76 42.72 -3.17
CA LEU E 1092 -35.11 41.49 -3.53
C LEU E 1092 -36.02 40.56 -4.34
N GLU E 1093 -37.27 40.38 -3.93
CA GLU E 1093 -38.23 39.63 -4.72
C GLU E 1093 -38.43 40.25 -6.10
N GLU E 1094 -38.56 41.58 -6.18
CA GLU E 1094 -38.69 42.26 -7.46
C GLU E 1094 -37.45 42.08 -8.35
N ILE E 1095 -36.24 42.10 -7.79
CA ILE E 1095 -35.01 41.84 -8.55
C ILE E 1095 -34.88 40.38 -8.96
N LEU E 1096 -35.24 39.45 -8.09
CA LEU E 1096 -35.20 38.02 -8.42
C LEU E 1096 -36.21 37.66 -9.51
N GLU E 1097 -37.35 38.33 -9.57
CA GLU E 1097 -38.30 38.21 -10.68
C GLU E 1097 -37.84 38.97 -11.93
N ASN E 1098 -37.09 40.07 -11.78
CA ASN E 1098 -36.65 40.93 -12.89
C ASN E 1098 -35.10 41.10 -12.89
N PRO E 1099 -34.34 40.02 -13.09
CA PRO E 1099 -32.90 40.02 -12.89
C PRO E 1099 -32.13 40.87 -13.90
N GLU E 1100 -32.71 41.24 -15.04
CA GLU E 1100 -32.05 42.04 -16.07
C GLU E 1100 -31.69 43.46 -15.59
N ARG E 1101 -32.40 43.98 -14.58
CA ARG E 1101 -32.19 45.33 -14.04
C ARG E 1101 -30.83 45.53 -13.39
N LEU E 1102 -30.20 44.45 -12.91
CA LEU E 1102 -28.88 44.45 -12.26
C LEU E 1102 -27.72 44.80 -13.19
N LYS E 1103 -27.90 44.65 -14.51
CA LYS E 1103 -26.81 44.78 -15.49
C LYS E 1103 -26.25 46.20 -15.60
N ASP E 1104 -27.00 47.22 -15.17
CA ASP E 1104 -26.55 48.62 -15.13
C ASP E 1104 -25.73 48.97 -13.87
N LEU E 1105 -25.77 48.16 -12.82
CA LEU E 1105 -25.23 48.49 -11.50
C LEU E 1105 -23.69 48.45 -11.48
N ASP E 1106 -23.02 49.53 -11.09
CA ASP E 1106 -21.55 49.58 -11.03
C ASP E 1106 -21.04 49.06 -9.67
N LEU E 1107 -20.67 47.79 -9.66
CA LEU E 1107 -20.23 47.09 -8.46
C LEU E 1107 -18.88 47.60 -7.92
N ASP E 1108 -18.01 48.15 -8.77
CA ASP E 1108 -16.65 48.54 -8.37
C ASP E 1108 -16.70 49.67 -7.35
N ALA E 1109 -17.65 50.60 -7.50
CA ALA E 1109 -17.87 51.67 -6.54
C ALA E 1109 -18.29 51.11 -5.17
N PHE E 1110 -19.07 50.03 -5.16
CA PHE E 1110 -19.45 49.35 -3.92
C PHE E 1110 -18.29 48.56 -3.32
N ALA E 1111 -17.42 47.96 -4.15
CA ALA E 1111 -16.19 47.35 -3.65
C ALA E 1111 -15.30 48.40 -2.96
N GLU E 1112 -15.18 49.60 -3.54
CA GLU E 1112 -14.47 50.72 -2.90
C GLU E 1112 -15.12 51.15 -1.58
N GLU E 1113 -16.44 51.16 -1.50
CA GLU E 1113 -17.14 51.51 -0.26
C GLU E 1113 -16.97 50.44 0.83
N LEU E 1114 -17.04 49.15 0.49
CA LEU E 1114 -16.79 48.09 1.45
C LEU E 1114 -15.34 48.09 1.90
N GLU E 1115 -14.40 48.34 1.00
CA GLU E 1115 -12.99 48.49 1.34
C GLU E 1115 -12.78 49.66 2.31
N ARG E 1116 -13.42 50.80 2.01
CA ARG E 1116 -13.46 52.00 2.87
C ARG E 1116 -14.11 51.74 4.22
N GLN E 1117 -15.15 50.91 4.29
CA GLN E 1117 -15.78 50.49 5.55
C GLN E 1117 -14.94 49.44 6.33
N GLY E 1118 -13.82 48.97 5.76
CA GLY E 1118 -12.88 48.08 6.44
C GLY E 1118 -13.08 46.58 6.18
N TYR E 1119 -13.91 46.21 5.19
CA TYR E 1119 -14.10 44.80 4.82
C TYR E 1119 -13.04 44.26 3.86
N GLY E 1120 -12.09 45.10 3.44
CA GLY E 1120 -11.07 44.73 2.46
C GLY E 1120 -11.60 44.67 1.04
N ASP E 1121 -10.82 44.11 0.13
CA ASP E 1121 -11.22 43.89 -1.26
C ASP E 1121 -12.44 42.95 -1.30
N LYS E 1122 -13.52 43.33 -1.99
CA LYS E 1122 -14.67 42.45 -2.25
C LYS E 1122 -15.07 42.38 -3.72
N HIS E 1123 -14.20 42.75 -4.66
CA HIS E 1123 -14.58 42.81 -6.08
C HIS E 1123 -15.18 41.47 -6.56
N ILE E 1124 -14.47 40.35 -6.39
CA ILE E 1124 -14.95 39.06 -6.89
C ILE E 1124 -16.23 38.63 -6.17
N THR E 1125 -16.36 38.91 -4.87
CA THR E 1125 -17.58 38.58 -4.13
C THR E 1125 -18.78 39.30 -4.70
N LEU E 1126 -18.67 40.60 -5.00
CA LEU E 1126 -19.80 41.35 -5.51
C LEU E 1126 -20.19 40.90 -6.91
N TYR E 1127 -19.22 40.62 -7.79
CA TYR E 1127 -19.55 40.06 -9.11
C TYR E 1127 -20.23 38.70 -8.97
N ASP E 1128 -19.85 37.88 -7.98
CA ASP E 1128 -20.56 36.64 -7.67
C ASP E 1128 -21.95 36.85 -7.08
N ILE E 1129 -22.17 37.76 -6.13
CA ILE E 1129 -23.51 38.07 -5.65
C ILE E 1129 -24.41 38.56 -6.82
N ARG E 1130 -23.93 39.43 -7.71
CA ARG E 1130 -24.70 39.83 -8.90
C ARG E 1130 -25.01 38.65 -9.82
N ALA E 1131 -24.04 37.78 -10.08
CA ALA E 1131 -24.29 36.59 -10.89
C ALA E 1131 -25.30 35.66 -10.18
N GLU E 1132 -25.24 35.56 -8.86
CA GLU E 1132 -26.12 34.72 -8.09
C GLU E 1132 -27.57 35.22 -8.07
N LEU E 1133 -27.81 36.52 -7.92
CA LEU E 1133 -29.18 37.04 -8.01
C LEU E 1133 -29.74 36.91 -9.43
N SER E 1134 -28.89 36.89 -10.45
CA SER E 1134 -29.33 36.69 -11.83
C SER E 1134 -29.86 35.27 -12.08
N CYS E 1135 -29.39 34.26 -11.34
CA CYS E 1135 -29.91 32.88 -11.39
C CYS E 1135 -29.51 32.07 -10.14
N ARG E 1136 -30.35 32.04 -9.10
CA ARG E 1136 -30.00 31.43 -7.79
C ARG E 1136 -29.61 29.96 -7.98
N TYR E 1137 -28.48 29.49 -7.43
CA TYR E 1137 -28.08 28.10 -7.61
C TYR E 1137 -28.05 27.54 -9.04
N LYS E 1138 -27.65 28.34 -10.03
CA LYS E 1138 -27.40 27.82 -11.38
C LYS E 1138 -26.43 26.65 -11.29
N ASP E 1139 -26.82 25.50 -11.82
CA ASP E 1139 -25.99 24.31 -11.75
C ASP E 1139 -24.74 24.48 -12.64
N LEU E 1140 -23.57 24.58 -12.01
CA LEU E 1140 -22.30 24.85 -12.69
C LEU E 1140 -21.68 23.62 -13.35
N ARG E 1141 -22.30 22.44 -13.21
CA ARG E 1141 -21.86 21.23 -13.87
C ARG E 1141 -21.96 21.34 -15.39
N THR E 1142 -21.14 20.58 -16.10
CA THR E 1142 -21.20 20.52 -17.56
C THR E 1142 -22.49 19.82 -17.98
N ALA E 1143 -23.26 20.44 -18.87
CA ALA E 1143 -24.53 19.88 -19.33
C ALA E 1143 -24.36 18.46 -19.88
N TYR E 1144 -25.31 17.58 -19.59
CA TYR E 1144 -25.24 16.19 -20.05
C TYR E 1144 -25.13 16.11 -21.58
N ARG E 1145 -24.28 15.20 -22.05
CA ARG E 1145 -24.16 14.81 -23.46
C ARG E 1145 -24.14 13.28 -23.56
N SER E 1146 -24.71 12.73 -24.61
CA SER E 1146 -24.63 11.28 -24.86
C SER E 1146 -23.18 10.87 -25.08
N PRO E 1147 -22.78 9.64 -24.71
CA PRO E 1147 -21.41 9.20 -24.90
C PRO E 1147 -21.05 9.13 -26.39
N ASN E 1148 -19.85 9.57 -26.75
CA ASN E 1148 -19.36 9.59 -28.13
C ASN E 1148 -18.89 8.19 -28.57
N THR E 1149 -18.48 8.05 -29.83
CA THR E 1149 -18.09 6.75 -30.41
C THR E 1149 -16.97 6.05 -29.66
N GLU E 1150 -15.97 6.79 -29.17
CA GLU E 1150 -14.85 6.26 -28.39
C GLU E 1150 -15.31 5.84 -26.99
N GLU E 1151 -16.16 6.63 -26.35
CA GLU E 1151 -16.73 6.29 -25.06
C GLU E 1151 -17.62 5.05 -25.16
N ILE E 1152 -18.46 4.94 -26.19
CA ILE E 1152 -19.32 3.78 -26.40
C ILE E 1152 -18.48 2.52 -26.60
N PHE E 1153 -17.44 2.58 -27.44
CA PHE E 1153 -16.60 1.42 -27.68
C PHE E 1153 -15.90 0.95 -26.42
N ASN E 1154 -15.28 1.86 -25.66
CA ASN E 1154 -14.58 1.50 -24.43
C ASN E 1154 -15.56 0.94 -23.40
N MET E 1155 -16.71 1.60 -23.26
CA MET E 1155 -17.77 1.24 -22.32
C MET E 1155 -18.39 -0.13 -22.59
N LEU E 1156 -18.59 -0.52 -23.84
CA LEU E 1156 -19.19 -1.81 -24.18
C LEU E 1156 -18.19 -2.94 -24.37
N THR E 1157 -16.95 -2.68 -24.78
CA THR E 1157 -15.93 -3.74 -24.88
C THR E 1157 -15.16 -3.94 -23.57
N LYS E 1158 -15.25 -2.98 -22.64
CA LYS E 1158 -14.47 -2.90 -21.39
C LYS E 1158 -12.96 -2.80 -21.65
N GLU E 1159 -12.58 -2.23 -22.79
CA GLU E 1159 -11.21 -2.02 -23.26
C GLU E 1159 -10.85 -0.54 -23.32
N THR E 1160 -9.56 -0.22 -23.33
CA THR E 1160 -9.04 1.13 -23.58
C THR E 1160 -8.01 1.09 -24.73
N PRO E 1161 -7.64 2.23 -25.34
CA PRO E 1161 -6.65 2.25 -26.42
C PRO E 1161 -5.32 1.57 -26.06
N GLU E 1162 -4.97 1.48 -24.77
CA GLU E 1162 -3.82 0.75 -24.25
C GLU E 1162 -4.02 -0.77 -24.14
N THR E 1163 -5.23 -1.26 -23.86
CA THR E 1163 -5.53 -2.71 -23.73
C THR E 1163 -6.00 -3.35 -25.02
N PHE E 1164 -6.48 -2.56 -25.98
CA PHE E 1164 -6.90 -3.00 -27.31
C PHE E 1164 -6.31 -2.06 -28.37
N TYR E 1165 -5.09 -2.38 -28.80
CA TYR E 1165 -4.24 -1.56 -29.66
C TYR E 1165 -3.94 -2.27 -30.97
N ILE E 1166 -3.65 -1.51 -32.03
CA ILE E 1166 -3.19 -2.06 -33.30
C ILE E 1166 -1.83 -2.73 -33.10
N GLY E 1167 -1.69 -3.97 -33.54
CA GLY E 1167 -0.52 -4.80 -33.29
C GLY E 1167 -0.73 -5.89 -32.23
N LYS E 1168 -1.71 -5.77 -31.32
CA LYS E 1168 -1.91 -6.73 -30.22
C LYS E 1168 -2.10 -8.17 -30.72
N LEU E 1169 -1.59 -9.16 -29.98
CA LEU E 1169 -1.96 -10.57 -30.12
C LEU E 1169 -3.22 -10.92 -29.30
N ILE E 1170 -4.09 -11.76 -29.85
CA ILE E 1170 -5.41 -12.05 -29.28
C ILE E 1170 -5.88 -13.48 -29.60
N ILE E 1171 -6.86 -13.95 -28.82
CA ILE E 1171 -7.54 -15.24 -28.97
C ILE E 1171 -8.97 -14.99 -29.44
N CYS E 1172 -9.44 -15.67 -30.48
CA CYS E 1172 -10.80 -15.49 -31.00
C CYS E 1172 -11.46 -16.81 -31.43
N ASN E 1173 -12.80 -16.83 -31.47
CA ASN E 1173 -13.55 -17.97 -32.01
C ASN E 1173 -14.09 -17.63 -33.40
N VAL E 1174 -13.91 -18.53 -34.37
CA VAL E 1174 -14.44 -18.38 -35.73
C VAL E 1174 -15.95 -18.53 -35.74
N THR E 1175 -16.66 -17.54 -36.26
CA THR E 1175 -18.13 -17.54 -36.39
C THR E 1175 -18.62 -17.84 -37.80
N GLY E 1176 -17.83 -17.62 -38.85
CA GLY E 1176 -18.31 -17.80 -40.23
C GLY E 1176 -17.36 -17.33 -41.32
N ILE E 1177 -17.76 -17.44 -42.58
CA ILE E 1177 -16.99 -17.00 -43.75
C ILE E 1177 -17.81 -15.97 -44.55
N ALA E 1178 -17.21 -14.83 -44.88
CA ALA E 1178 -17.80 -13.81 -45.76
C ALA E 1178 -17.52 -14.10 -47.25
N HIS E 1179 -18.57 -14.08 -48.08
CA HIS E 1179 -18.53 -14.19 -49.56
C HIS E 1179 -19.21 -13.00 -50.24
N ALA E 1228 -14.39 -16.42 -51.43
CA ALA E 1228 -14.41 -15.95 -50.04
C ALA E 1228 -13.55 -14.69 -49.84
N ILE E 1229 -14.15 -13.65 -49.26
CA ILE E 1229 -13.47 -12.38 -48.94
C ILE E 1229 -12.68 -12.49 -47.63
N GLY E 1230 -13.18 -13.27 -46.66
CA GLY E 1230 -12.45 -13.52 -45.41
C GLY E 1230 -13.25 -14.32 -44.37
N VAL E 1231 -12.67 -14.49 -43.19
CA VAL E 1231 -13.23 -15.25 -42.07
C VAL E 1231 -13.71 -14.29 -40.98
N LYS E 1232 -14.96 -14.48 -40.54
CA LYS E 1232 -15.57 -13.77 -39.41
C LYS E 1232 -15.23 -14.48 -38.11
N THR E 1233 -14.89 -13.71 -37.08
CA THR E 1233 -14.59 -14.19 -35.74
C THR E 1233 -15.25 -13.30 -34.70
N ARG E 1234 -15.31 -13.78 -33.46
CA ARG E 1234 -15.77 -13.02 -32.29
C ARG E 1234 -14.70 -13.12 -31.21
N LEU E 1235 -14.30 -11.98 -30.67
CA LEU E 1235 -13.33 -11.90 -29.58
C LEU E 1235 -14.05 -12.10 -28.24
N ASP E 1236 -13.31 -12.39 -27.18
CA ASP E 1236 -13.89 -12.44 -25.83
C ASP E 1236 -14.53 -11.11 -25.42
N ASN E 1237 -13.92 -9.96 -25.77
CA ASN E 1237 -14.49 -8.63 -25.49
C ASN E 1237 -15.70 -8.26 -26.38
N GLY E 1238 -16.18 -9.15 -27.26
CA GLY E 1238 -17.35 -8.94 -28.11
C GLY E 1238 -17.09 -8.23 -29.44
N VAL E 1239 -15.89 -7.72 -29.71
CA VAL E 1239 -15.56 -7.19 -31.05
C VAL E 1239 -15.66 -8.33 -32.07
N THR E 1240 -16.28 -8.05 -33.22
CA THR E 1240 -16.32 -9.01 -34.34
C THR E 1240 -15.11 -8.80 -35.21
N GLY E 1241 -14.18 -9.75 -35.19
CA GLY E 1241 -12.96 -9.68 -35.97
C GLY E 1241 -13.18 -10.21 -37.37
N PHE E 1242 -12.38 -9.74 -38.32
CA PHE E 1242 -12.40 -10.22 -39.69
C PHE E 1242 -10.99 -10.48 -40.18
N ILE E 1243 -10.73 -11.66 -40.74
CA ILE E 1243 -9.44 -12.02 -41.36
C ILE E 1243 -9.67 -12.06 -42.87
N PRO E 1244 -9.29 -11.04 -43.65
CA PRO E 1244 -9.37 -11.13 -45.10
C PRO E 1244 -8.56 -12.35 -45.61
N THR E 1245 -9.05 -13.04 -46.63
CA THR E 1245 -8.55 -14.38 -47.03
C THR E 1245 -7.04 -14.46 -47.22
N LYS E 1246 -6.41 -13.40 -47.73
CA LYS E 1246 -4.95 -13.32 -47.94
C LYS E 1246 -4.10 -13.29 -46.66
N PHE E 1247 -4.71 -13.03 -45.50
CA PHE E 1247 -4.03 -12.92 -44.19
C PHE E 1247 -4.27 -14.13 -43.28
N LEU E 1248 -4.84 -15.21 -43.81
CA LEU E 1248 -5.15 -16.46 -43.11
C LEU E 1248 -3.91 -17.36 -42.92
N SER E 1249 -2.91 -17.25 -43.82
CA SER E 1249 -1.62 -17.98 -43.78
C SER E 1249 -0.55 -17.23 -44.59
N ASP E 1250 0.75 -17.54 -44.41
CA ASP E 1250 1.82 -16.95 -45.23
C ASP E 1250 1.66 -17.31 -46.73
N LYS E 1251 1.13 -18.50 -47.01
CA LYS E 1251 0.91 -19.09 -48.34
C LYS E 1251 -0.52 -18.81 -48.84
N VAL E 1252 -0.70 -18.75 -50.16
CA VAL E 1252 -2.01 -18.50 -50.80
C VAL E 1252 -3.01 -19.61 -50.47
N VAL E 1253 -4.05 -19.29 -49.71
CA VAL E 1253 -5.21 -20.17 -49.42
C VAL E 1253 -6.41 -19.71 -50.25
N LYS E 1254 -6.91 -20.58 -51.13
CA LYS E 1254 -8.04 -20.26 -52.03
C LYS E 1254 -9.41 -20.45 -51.36
N ARG E 1255 -9.54 -21.48 -50.51
CA ARG E 1255 -10.73 -21.81 -49.71
C ARG E 1255 -10.44 -21.78 -48.19
N PRO E 1256 -10.94 -20.81 -47.40
CA PRO E 1256 -10.74 -20.78 -45.95
C PRO E 1256 -11.17 -22.05 -45.20
N GLU E 1257 -12.12 -22.83 -45.72
CA GLU E 1257 -12.56 -24.12 -45.15
C GLU E 1257 -11.42 -25.16 -45.02
N GLU E 1258 -10.35 -25.01 -45.80
CA GLU E 1258 -9.13 -25.83 -45.69
C GLU E 1258 -8.33 -25.54 -44.40
N ARG E 1259 -8.57 -24.39 -43.75
CA ARG E 1259 -7.82 -23.88 -42.61
C ARG E 1259 -8.66 -23.72 -41.34
N VAL E 1260 -9.93 -23.32 -41.44
CA VAL E 1260 -10.79 -22.96 -40.29
C VAL E 1260 -12.17 -23.61 -40.32
N LYS E 1261 -12.72 -23.88 -39.14
CA LYS E 1261 -14.09 -24.40 -38.92
C LYS E 1261 -14.89 -23.44 -38.02
N VAL E 1262 -16.20 -23.36 -38.18
CA VAL E 1262 -17.05 -22.60 -37.24
C VAL E 1262 -16.96 -23.20 -35.84
N GLY E 1263 -16.77 -22.38 -34.81
CA GLY E 1263 -16.51 -22.84 -33.44
C GLY E 1263 -15.03 -23.09 -33.11
N MET E 1264 -14.11 -23.02 -34.09
CA MET E 1264 -12.68 -23.20 -33.83
C MET E 1264 -12.07 -21.97 -33.15
N THR E 1265 -11.20 -22.18 -32.17
CA THR E 1265 -10.44 -21.11 -31.49
C THR E 1265 -9.09 -20.87 -32.16
N VAL E 1266 -8.75 -19.62 -32.45
CA VAL E 1266 -7.58 -19.22 -33.26
C VAL E 1266 -6.85 -18.02 -32.62
N HIS E 1267 -5.51 -18.09 -32.54
CA HIS E 1267 -4.63 -16.96 -32.21
C HIS E 1267 -4.44 -16.02 -33.40
N CYS E 1268 -4.60 -14.71 -33.21
CA CYS E 1268 -4.53 -13.70 -34.28
C CYS E 1268 -3.86 -12.40 -33.81
N ARG E 1269 -3.43 -11.56 -34.75
CA ARG E 1269 -2.81 -10.25 -34.52
C ARG E 1269 -3.62 -9.12 -35.15
N ILE E 1270 -4.06 -8.12 -34.38
CA ILE E 1270 -4.84 -6.96 -34.88
C ILE E 1270 -4.02 -6.08 -35.84
N MET E 1271 -4.56 -5.70 -37.01
CA MET E 1271 -3.93 -4.74 -37.93
C MET E 1271 -4.63 -3.37 -37.99
N LYS E 1272 -5.97 -3.33 -37.91
CA LYS E 1272 -6.78 -2.11 -37.97
C LYS E 1272 -8.03 -2.24 -37.10
N ILE E 1273 -8.46 -1.17 -36.45
CA ILE E 1273 -9.66 -1.13 -35.58
C ILE E 1273 -10.70 -0.16 -36.15
N ASP E 1274 -11.95 -0.61 -36.27
CA ASP E 1274 -13.12 0.22 -36.56
C ASP E 1274 -14.02 0.33 -35.33
N ILE E 1275 -13.82 1.44 -34.62
CA ILE E 1275 -14.49 1.83 -33.38
C ILE E 1275 -16.01 2.01 -33.59
N GLU E 1276 -16.44 2.62 -34.71
CA GLU E 1276 -17.87 2.75 -35.03
C GLU E 1276 -18.55 1.39 -35.22
N LYS E 1277 -17.91 0.48 -35.98
CA LYS E 1277 -18.53 -0.81 -36.36
C LYS E 1277 -18.26 -1.95 -35.38
N PHE E 1278 -17.49 -1.72 -34.31
CA PHE E 1278 -17.04 -2.77 -33.38
C PHE E 1278 -16.34 -3.93 -34.10
N SER E 1279 -15.45 -3.62 -35.05
CA SER E 1279 -14.76 -4.64 -35.84
C SER E 1279 -13.28 -4.37 -36.02
N ALA E 1280 -12.50 -5.43 -36.21
CA ALA E 1280 -11.05 -5.35 -36.35
C ALA E 1280 -10.55 -6.22 -37.50
N ASP E 1281 -9.58 -5.72 -38.25
CA ASP E 1281 -8.92 -6.45 -39.35
C ASP E 1281 -7.75 -7.26 -38.76
N LEU E 1282 -7.96 -8.55 -38.55
CA LEU E 1282 -6.99 -9.47 -37.99
C LEU E 1282 -6.11 -10.15 -39.06
N THR E 1283 -4.90 -10.56 -38.68
CA THR E 1283 -4.05 -11.49 -39.43
C THR E 1283 -3.68 -12.70 -38.56
N CYS E 1284 -3.43 -13.84 -39.20
CA CYS E 1284 -2.88 -15.04 -38.56
C CYS E 1284 -1.79 -15.71 -39.42
N ARG E 1285 -1.15 -14.95 -40.33
CA ARG E 1285 0.02 -15.40 -41.07
C ARG E 1285 1.17 -15.64 -40.07
N THR E 1286 1.89 -16.76 -40.12
CA THR E 1286 2.93 -17.09 -39.13
C THR E 1286 4.02 -16.02 -39.03
N SER E 1287 4.38 -15.41 -40.15
CA SER E 1287 5.29 -14.25 -40.21
C SER E 1287 4.81 -13.05 -39.38
N ASP E 1288 3.51 -12.78 -39.34
CA ASP E 1288 2.90 -11.79 -38.45
C ASP E 1288 2.74 -12.30 -37.02
N LEU E 1289 2.32 -13.55 -36.81
CA LEU E 1289 2.12 -14.09 -35.46
C LEU E 1289 3.39 -14.05 -34.59
N MET E 1290 4.53 -14.51 -35.13
CA MET E 1290 5.84 -14.41 -34.48
C MET E 1290 6.51 -13.04 -34.68
N ASP E 1291 5.93 -12.18 -35.53
CA ASP E 1291 6.44 -10.88 -35.99
C ASP E 1291 7.94 -10.91 -36.32
N ARG E 1292 8.30 -11.73 -37.32
CA ARG E 1292 9.70 -11.97 -37.72
C ARG E 1292 10.45 -10.70 -38.15
N ASN E 1293 9.73 -9.70 -38.65
CA ASN E 1293 10.30 -8.40 -39.04
C ASN E 1293 10.22 -7.32 -37.93
N ASN E 1294 9.62 -7.61 -36.76
CA ASN E 1294 9.35 -6.66 -35.68
C ASN E 1294 8.53 -5.42 -36.13
N GLU E 1295 7.53 -5.59 -37.00
CA GLU E 1295 6.71 -4.51 -37.56
C GLU E 1295 5.46 -4.15 -36.73
N TRP E 1296 5.03 -5.03 -35.81
CA TRP E 1296 3.77 -4.90 -35.08
C TRP E 1296 3.95 -4.73 -33.57
N LYS E 1297 4.99 -5.36 -32.99
CA LYS E 1297 5.38 -5.25 -31.57
C LYS E 1297 5.35 -3.80 -31.07
N LEU E 1298 4.92 -3.61 -29.83
CA LEU E 1298 4.83 -2.26 -29.22
C LEU E 1298 6.16 -1.50 -29.35
N PRO E 1299 6.14 -0.17 -29.57
CA PRO E 1299 7.35 0.64 -29.58
C PRO E 1299 8.13 0.54 -28.25
N LYS E 1300 9.40 0.14 -28.35
CA LYS E 1300 10.37 0.07 -27.26
C LYS E 1300 10.83 1.45 -26.83
N ASP E 1301 11.37 1.56 -25.61
CA ASP E 1301 11.99 2.80 -25.13
C ASP E 1301 13.17 3.24 -26.02
N THR E 1302 13.50 4.53 -26.05
CA THR E 1302 14.67 5.03 -26.79
C THR E 1302 15.99 4.49 -26.25
N TYR E 1303 16.07 4.21 -24.95
CA TYR E 1303 17.25 3.67 -24.27
C TYR E 1303 17.21 2.15 -24.09
N TYR E 1304 16.40 1.45 -24.89
CA TYR E 1304 16.33 0.00 -24.85
C TYR E 1304 17.65 -0.62 -25.33
N ASP E 1305 18.22 -1.53 -24.54
CA ASP E 1305 19.54 -2.11 -24.84
C ASP E 1305 19.43 -3.29 -25.80
N PHE E 1306 19.40 -2.99 -27.10
CA PHE E 1306 19.40 -3.99 -28.16
C PHE E 1306 20.68 -4.85 -28.18
N ASP E 1307 21.80 -4.33 -27.67
CA ASP E 1307 23.06 -5.07 -27.63
C ASP E 1307 23.03 -6.17 -26.56
N ALA E 1308 22.51 -5.89 -25.36
CA ALA E 1308 22.25 -6.91 -24.35
C ALA E 1308 21.15 -7.90 -24.81
N GLU E 1309 20.09 -7.42 -25.45
CA GLU E 1309 19.05 -8.30 -26.00
C GLU E 1309 19.64 -9.29 -27.02
N ALA E 1310 20.50 -8.82 -27.92
CA ALA E 1310 21.16 -9.67 -28.91
C ALA E 1310 22.18 -10.63 -28.25
N ALA E 1311 22.94 -10.18 -27.25
CA ALA E 1311 23.90 -11.02 -26.55
C ALA E 1311 23.24 -12.13 -25.72
N ASP E 1312 22.12 -11.86 -25.06
CA ASP E 1312 21.34 -12.87 -24.34
C ASP E 1312 20.62 -13.92 -25.21
N HIS E 1313 20.24 -13.57 -26.46
CA HIS E 1313 19.54 -14.45 -27.41
C HIS E 1313 20.33 -15.72 -27.79
#